data_1KQX
# 
_entry.id   1KQX 
# 
_audit_conform.dict_name       mmcif_pdbx.dic 
_audit_conform.dict_version    5.389 
_audit_conform.dict_location   http://mmcif.pdb.org/dictionaries/ascii/mmcif_pdbx.dic 
# 
loop_
_database_2.database_id 
_database_2.database_code 
_database_2.pdbx_database_accession 
_database_2.pdbx_DOI 
PDB   1KQX         pdb_00001kqx 10.2210/pdb1kqx/pdb 
RCSB  RCSB015248   ?            ?                   
WWPDB D_1000015248 ?            ?                   
# 
loop_
_pdbx_audit_revision_history.ordinal 
_pdbx_audit_revision_history.data_content_type 
_pdbx_audit_revision_history.major_revision 
_pdbx_audit_revision_history.minor_revision 
_pdbx_audit_revision_history.revision_date 
1 'Structure model' 1 0 2002-08-28 
2 'Structure model' 1 1 2008-04-27 
3 'Structure model' 1 2 2011-07-13 
4 'Structure model' 1 3 2024-02-14 
5 'Structure model' 1 4 2024-04-03 
# 
_pdbx_audit_revision_details.ordinal             1 
_pdbx_audit_revision_details.revision_ordinal    1 
_pdbx_audit_revision_details.data_content_type   'Structure model' 
_pdbx_audit_revision_details.provider            repository 
_pdbx_audit_revision_details.type                'Initial release' 
_pdbx_audit_revision_details.description         ? 
_pdbx_audit_revision_details.details             ? 
# 
loop_
_pdbx_audit_revision_group.ordinal 
_pdbx_audit_revision_group.revision_ordinal 
_pdbx_audit_revision_group.data_content_type 
_pdbx_audit_revision_group.group 
1 2 'Structure model' 'Version format compliance' 
2 3 'Structure model' 'Version format compliance' 
3 4 'Structure model' 'Data collection'           
4 4 'Structure model' 'Database references'       
5 5 'Structure model' 'Refinement description'    
# 
loop_
_pdbx_audit_revision_category.ordinal 
_pdbx_audit_revision_category.revision_ordinal 
_pdbx_audit_revision_category.data_content_type 
_pdbx_audit_revision_category.category 
1 4 'Structure model' chem_comp_atom                
2 4 'Structure model' chem_comp_bond                
3 4 'Structure model' database_2                    
4 5 'Structure model' pdbx_initial_refinement_model 
# 
loop_
_pdbx_audit_revision_item.ordinal 
_pdbx_audit_revision_item.revision_ordinal 
_pdbx_audit_revision_item.data_content_type 
_pdbx_audit_revision_item.item 
1 4 'Structure model' '_database_2.pdbx_DOI'                
2 4 'Structure model' '_database_2.pdbx_database_accession' 
# 
_pdbx_database_status.status_code                     REL 
_pdbx_database_status.entry_id                        1KQX 
_pdbx_database_status.recvd_initial_deposition_date   2002-01-08 
_pdbx_database_status.deposit_site                    RCSB 
_pdbx_database_status.process_site                    RCSB 
_pdbx_database_status.SG_entry                        . 
_pdbx_database_status.pdb_format_compatible           Y 
_pdbx_database_status.status_code_mr                  ? 
_pdbx_database_status.status_code_sf                  ? 
_pdbx_database_status.status_code_cs                  ? 
_pdbx_database_status.status_code_nmr_data            ? 
_pdbx_database_status.methods_development_category    ? 
# 
loop_
_pdbx_database_related.db_name 
_pdbx_database_related.db_id 
_pdbx_database_related.details 
_pdbx_database_related.content_type 
PDB 1CRB 'rat CRBPI'                unspecified 
PDB 1OPB 'rat holo-CRBPII'          unspecified 
PDB 1OPA 'rat apo-CRBPII'           unspecified 
PDB 1KQW 'holo-CRBP from zebrafish' unspecified 
# 
loop_
_audit_author.name 
_audit_author.pdbx_ordinal 
'Calderone, V.'  1 
'Folli, C.'      2 
'Marchesani, A.' 3 
'Berni, R.'      4 
'Zanotti, G.'    5 
# 
loop_
_citation.id 
_citation.title 
_citation.journal_abbrev 
_citation.journal_volume 
_citation.page_first 
_citation.page_last 
_citation.year 
_citation.journal_id_ASTM 
_citation.country 
_citation.journal_id_ISSN 
_citation.journal_id_CSD 
_citation.book_publisher 
_citation.pdbx_database_id_PubMed 
_citation.pdbx_database_id_DOI 
primary 'Identification and structural analysis of a zebrafish apo and holo cellular retinol-binding protein.' J.Mol.Biol. 321 527 
535  2002 JMOBAK UK 0022-2836 0070 ? 12162964 '10.1016/S0022-2836(02)00628-9' 
1       
;Crystallographic Studies on a Family of Cellular Lipophilic Transport   
Proteins. Refinement of P2 Myelin Protein and the Structure Determination and Refinement of Cellular Retinol-binding   
Protein in Complex with All-trans-retinol
;
J.Mol.Biol.            230 1225 1232 1993 JMOBAK UK 0022-2836 0070 ? ?        10.1006/jmbi.1993.1238          
2       'Crystal structures of holo and apo-cellular retinol-binding protein II' J.Mol.Biol.            230 1247 1259 1993 JMOBAK 
UK 0022-2836 0070 ? ?        10.1006/jmbi.1993.1239          
3       'Identification, retinoid binding and X-ray analysis of a human retinol-binding protein' Proc.Natl.Acad.Sci.USA 98  3710 
3715 2001 PNASA6 US 0027-8424 0040 ? ?        10.1073/pnas.061455898          
# 
loop_
_citation_author.citation_id 
_citation_author.name 
_citation_author.ordinal 
_citation_author.identifier_ORCID 
primary 'Calderone, V.'  1  ? 
primary 'Folli, C.'      2  ? 
primary 'Marchesani, A.' 3  ? 
primary 'Berni, R.'      4  ? 
primary 'Zanotti, G.'    5  ? 
1       'Cowan, S.W.'    6  ? 
1       'Newcomer, M.E.' 7  ? 
1       'Jones, T.A.'    8  ? 
2       'Winter, N.S.'   9  ? 
2       'Bratt, J.M.'    10 ? 
2       'Banaszak, L.J.' 11 ? 
3       'Folli, C.'      12 ? 
3       'Calderone, V.'  13 ? 
3       'Ottonello, S.'  14 ? 
3       'Bolchi, A.'     15 ? 
3       'Zanotti, G.'    16 ? 
3       'Stoppini, M.'   17 ? 
3       'Berni, R.'      18 ? 
# 
loop_
_entity.id 
_entity.type 
_entity.src_method 
_entity.pdbx_description 
_entity.formula_weight 
_entity.pdbx_number_of_molecules 
_entity.pdbx_ec 
_entity.pdbx_mutation 
_entity.pdbx_fragment 
_entity.details 
1 polymer man 'Cellular retinol-binding protein' 15699.820 1   ? ? ? ? 
2 water   nat water                              18.015    126 ? ? ? ? 
# 
_entity_name_com.entity_id   1 
_entity_name_com.name        CRBP 
# 
_entity_poly.entity_id                      1 
_entity_poly.type                           'polypeptide(L)' 
_entity_poly.nstd_linkage                   no 
_entity_poly.nstd_monomer                   no 
_entity_poly.pdbx_seq_one_letter_code       
;PADFNGTWEMLSNDNFEDVMKALDIDFATRKIAVHLKQTKVIVQNGDKFETKTLSTFRNYEVNFVIGEEFDEQTKGLDNR
TVKTLVKWDGDKLVCVQKGEKENRGWKQWIEGDLLHLEIHCQDKVCHQVFKKKN
;
_entity_poly.pdbx_seq_one_letter_code_can   
;PADFNGTWEMLSNDNFEDVMKALDIDFATRKIAVHLKQTKVIVQNGDKFETKTLSTFRNYEVNFVIGEEFDEQTKGLDNR
TVKTLVKWDGDKLVCVQKGEKENRGWKQWIEGDLLHLEIHCQDKVCHQVFKKKN
;
_entity_poly.pdbx_strand_id                 A 
_entity_poly.pdbx_target_identifier         ? 
# 
_pdbx_entity_nonpoly.entity_id   2 
_pdbx_entity_nonpoly.name        water 
_pdbx_entity_nonpoly.comp_id     HOH 
# 
loop_
_entity_poly_seq.entity_id 
_entity_poly_seq.num 
_entity_poly_seq.mon_id 
_entity_poly_seq.hetero 
1 1   PRO n 
1 2   ALA n 
1 3   ASP n 
1 4   PHE n 
1 5   ASN n 
1 6   GLY n 
1 7   THR n 
1 8   TRP n 
1 9   GLU n 
1 10  MET n 
1 11  LEU n 
1 12  SER n 
1 13  ASN n 
1 14  ASP n 
1 15  ASN n 
1 16  PHE n 
1 17  GLU n 
1 18  ASP n 
1 19  VAL n 
1 20  MET n 
1 21  LYS n 
1 22  ALA n 
1 23  LEU n 
1 24  ASP n 
1 25  ILE n 
1 26  ASP n 
1 27  PHE n 
1 28  ALA n 
1 29  THR n 
1 30  ARG n 
1 31  LYS n 
1 32  ILE n 
1 33  ALA n 
1 34  VAL n 
1 35  HIS n 
1 36  LEU n 
1 37  LYS n 
1 38  GLN n 
1 39  THR n 
1 40  LYS n 
1 41  VAL n 
1 42  ILE n 
1 43  VAL n 
1 44  GLN n 
1 45  ASN n 
1 46  GLY n 
1 47  ASP n 
1 48  LYS n 
1 49  PHE n 
1 50  GLU n 
1 51  THR n 
1 52  LYS n 
1 53  THR n 
1 54  LEU n 
1 55  SER n 
1 56  THR n 
1 57  PHE n 
1 58  ARG n 
1 59  ASN n 
1 60  TYR n 
1 61  GLU n 
1 62  VAL n 
1 63  ASN n 
1 64  PHE n 
1 65  VAL n 
1 66  ILE n 
1 67  GLY n 
1 68  GLU n 
1 69  GLU n 
1 70  PHE n 
1 71  ASP n 
1 72  GLU n 
1 73  GLN n 
1 74  THR n 
1 75  LYS n 
1 76  GLY n 
1 77  LEU n 
1 78  ASP n 
1 79  ASN n 
1 80  ARG n 
1 81  THR n 
1 82  VAL n 
1 83  LYS n 
1 84  THR n 
1 85  LEU n 
1 86  VAL n 
1 87  LYS n 
1 88  TRP n 
1 89  ASP n 
1 90  GLY n 
1 91  ASP n 
1 92  LYS n 
1 93  LEU n 
1 94  VAL n 
1 95  CYS n 
1 96  VAL n 
1 97  GLN n 
1 98  LYS n 
1 99  GLY n 
1 100 GLU n 
1 101 LYS n 
1 102 GLU n 
1 103 ASN n 
1 104 ARG n 
1 105 GLY n 
1 106 TRP n 
1 107 LYS n 
1 108 GLN n 
1 109 TRP n 
1 110 ILE n 
1 111 GLU n 
1 112 GLY n 
1 113 ASP n 
1 114 LEU n 
1 115 LEU n 
1 116 HIS n 
1 117 LEU n 
1 118 GLU n 
1 119 ILE n 
1 120 HIS n 
1 121 CYS n 
1 122 GLN n 
1 123 ASP n 
1 124 LYS n 
1 125 VAL n 
1 126 CYS n 
1 127 HIS n 
1 128 GLN n 
1 129 VAL n 
1 130 PHE n 
1 131 LYS n 
1 132 LYS n 
1 133 LYS n 
1 134 ASN n 
# 
_entity_src_gen.entity_id                          1 
_entity_src_gen.pdbx_src_id                        1 
_entity_src_gen.pdbx_alt_source_flag               sample 
_entity_src_gen.pdbx_seq_type                      ? 
_entity_src_gen.pdbx_beg_seq_num                   ? 
_entity_src_gen.pdbx_end_seq_num                   ? 
_entity_src_gen.gene_src_common_name               zebrafish 
_entity_src_gen.gene_src_genus                     Danio 
_entity_src_gen.pdbx_gene_src_gene                 ? 
_entity_src_gen.gene_src_species                   ? 
_entity_src_gen.gene_src_strain                    ? 
_entity_src_gen.gene_src_tissue                    ? 
_entity_src_gen.gene_src_tissue_fraction           ? 
_entity_src_gen.gene_src_details                   ? 
_entity_src_gen.pdbx_gene_src_fragment             ? 
_entity_src_gen.pdbx_gene_src_scientific_name      'Danio rerio' 
_entity_src_gen.pdbx_gene_src_ncbi_taxonomy_id     7955 
_entity_src_gen.pdbx_gene_src_variant              ? 
_entity_src_gen.pdbx_gene_src_cell_line            ? 
_entity_src_gen.pdbx_gene_src_atcc                 ? 
_entity_src_gen.pdbx_gene_src_organ                ? 
_entity_src_gen.pdbx_gene_src_organelle            ? 
_entity_src_gen.pdbx_gene_src_cell                 ? 
_entity_src_gen.pdbx_gene_src_cellular_location    ? 
_entity_src_gen.host_org_common_name               ? 
_entity_src_gen.pdbx_host_org_scientific_name      'Escherichia coli' 
_entity_src_gen.pdbx_host_org_ncbi_taxonomy_id     562 
_entity_src_gen.host_org_genus                     Escherichia 
_entity_src_gen.pdbx_host_org_gene                 ? 
_entity_src_gen.pdbx_host_org_organ                ? 
_entity_src_gen.host_org_species                   ? 
_entity_src_gen.pdbx_host_org_tissue               ? 
_entity_src_gen.pdbx_host_org_tissue_fraction      ? 
_entity_src_gen.pdbx_host_org_strain               ? 
_entity_src_gen.pdbx_host_org_variant              ? 
_entity_src_gen.pdbx_host_org_cell_line            ? 
_entity_src_gen.pdbx_host_org_atcc                 ? 
_entity_src_gen.pdbx_host_org_culture_collection   ? 
_entity_src_gen.pdbx_host_org_cell                 ? 
_entity_src_gen.pdbx_host_org_organelle            ? 
_entity_src_gen.pdbx_host_org_cellular_location    ? 
_entity_src_gen.pdbx_host_org_vector_type          ? 
_entity_src_gen.pdbx_host_org_vector               ? 
_entity_src_gen.host_org_details                   ? 
_entity_src_gen.expression_system_id               ? 
_entity_src_gen.plasmid_name                       ? 
_entity_src_gen.plasmid_details                    ? 
_entity_src_gen.pdbx_description                   ? 
# 
loop_
_chem_comp.id 
_chem_comp.type 
_chem_comp.mon_nstd_flag 
_chem_comp.name 
_chem_comp.pdbx_synonyms 
_chem_comp.formula 
_chem_comp.formula_weight 
ALA 'L-peptide linking' y ALANINE         ? 'C3 H7 N O2'     89.093  
ARG 'L-peptide linking' y ARGININE        ? 'C6 H15 N4 O2 1' 175.209 
ASN 'L-peptide linking' y ASPARAGINE      ? 'C4 H8 N2 O3'    132.118 
ASP 'L-peptide linking' y 'ASPARTIC ACID' ? 'C4 H7 N O4'     133.103 
CYS 'L-peptide linking' y CYSTEINE        ? 'C3 H7 N O2 S'   121.158 
GLN 'L-peptide linking' y GLUTAMINE       ? 'C5 H10 N2 O3'   146.144 
GLU 'L-peptide linking' y 'GLUTAMIC ACID' ? 'C5 H9 N O4'     147.129 
GLY 'peptide linking'   y GLYCINE         ? 'C2 H5 N O2'     75.067  
HIS 'L-peptide linking' y HISTIDINE       ? 'C6 H10 N3 O2 1' 156.162 
HOH non-polymer         . WATER           ? 'H2 O'           18.015  
ILE 'L-peptide linking' y ISOLEUCINE      ? 'C6 H13 N O2'    131.173 
LEU 'L-peptide linking' y LEUCINE         ? 'C6 H13 N O2'    131.173 
LYS 'L-peptide linking' y LYSINE          ? 'C6 H15 N2 O2 1' 147.195 
MET 'L-peptide linking' y METHIONINE      ? 'C5 H11 N O2 S'  149.211 
PHE 'L-peptide linking' y PHENYLALANINE   ? 'C9 H11 N O2'    165.189 
PRO 'L-peptide linking' y PROLINE         ? 'C5 H9 N O2'     115.130 
SER 'L-peptide linking' y SERINE          ? 'C3 H7 N O3'     105.093 
THR 'L-peptide linking' y THREONINE       ? 'C4 H9 N O3'     119.119 
TRP 'L-peptide linking' y TRYPTOPHAN      ? 'C11 H12 N2 O2'  204.225 
TYR 'L-peptide linking' y TYROSINE        ? 'C9 H11 N O3'    181.189 
VAL 'L-peptide linking' y VALINE          ? 'C5 H11 N O2'    117.146 
# 
loop_
_pdbx_poly_seq_scheme.asym_id 
_pdbx_poly_seq_scheme.entity_id 
_pdbx_poly_seq_scheme.seq_id 
_pdbx_poly_seq_scheme.mon_id 
_pdbx_poly_seq_scheme.ndb_seq_num 
_pdbx_poly_seq_scheme.pdb_seq_num 
_pdbx_poly_seq_scheme.auth_seq_num 
_pdbx_poly_seq_scheme.pdb_mon_id 
_pdbx_poly_seq_scheme.auth_mon_id 
_pdbx_poly_seq_scheme.pdb_strand_id 
_pdbx_poly_seq_scheme.pdb_ins_code 
_pdbx_poly_seq_scheme.hetero 
A 1 1   PRO 1   1   1   PRO PRO A . n 
A 1 2   ALA 2   2   2   ALA ALA A . n 
A 1 3   ASP 3   3   3   ASP ASP A . n 
A 1 4   PHE 4   4   4   PHE PHE A . n 
A 1 5   ASN 5   5   5   ASN ASN A . n 
A 1 6   GLY 6   6   6   GLY GLY A . n 
A 1 7   THR 7   7   7   THR THR A . n 
A 1 8   TRP 8   8   8   TRP TRP A . n 
A 1 9   GLU 9   9   9   GLU GLU A . n 
A 1 10  MET 10  10  10  MET MET A . n 
A 1 11  LEU 11  11  11  LEU LEU A . n 
A 1 12  SER 12  12  12  SER SER A . n 
A 1 13  ASN 13  13  13  ASN ASN A . n 
A 1 14  ASP 14  14  14  ASP ASP A . n 
A 1 15  ASN 15  15  15  ASN ASN A . n 
A 1 16  PHE 16  16  16  PHE PHE A . n 
A 1 17  GLU 17  17  17  GLU GLU A . n 
A 1 18  ASP 18  18  18  ASP ASP A . n 
A 1 19  VAL 19  19  19  VAL VAL A . n 
A 1 20  MET 20  20  20  MET MET A . n 
A 1 21  LYS 21  21  21  LYS LYS A . n 
A 1 22  ALA 22  22  22  ALA ALA A . n 
A 1 23  LEU 23  23  23  LEU LEU A . n 
A 1 24  ASP 24  24  24  ASP ASP A . n 
A 1 25  ILE 25  25  25  ILE ILE A . n 
A 1 26  ASP 26  26  26  ASP ASP A . n 
A 1 27  PHE 27  27  27  PHE PHE A . n 
A 1 28  ALA 28  28  28  ALA ALA A . n 
A 1 29  THR 29  29  29  THR THR A . n 
A 1 30  ARG 30  30  30  ARG ARG A . n 
A 1 31  LYS 31  31  31  LYS LYS A . n 
A 1 32  ILE 32  32  32  ILE ILE A . n 
A 1 33  ALA 33  33  33  ALA ALA A . n 
A 1 34  VAL 34  34  34  VAL VAL A . n 
A 1 35  HIS 35  35  35  HIS HIS A . n 
A 1 36  LEU 36  36  36  LEU LEU A . n 
A 1 37  LYS 37  37  37  LYS LYS A . n 
A 1 38  GLN 38  38  38  GLN GLN A . n 
A 1 39  THR 39  39  39  THR THR A . n 
A 1 40  LYS 40  40  40  LYS LYS A . n 
A 1 41  VAL 41  41  41  VAL VAL A . n 
A 1 42  ILE 42  42  42  ILE ILE A . n 
A 1 43  VAL 43  43  43  VAL VAL A . n 
A 1 44  GLN 44  44  44  GLN GLN A . n 
A 1 45  ASN 45  45  45  ASN ASN A . n 
A 1 46  GLY 46  46  46  GLY GLY A . n 
A 1 47  ASP 47  47  47  ASP ASP A . n 
A 1 48  LYS 48  48  48  LYS LYS A . n 
A 1 49  PHE 49  49  49  PHE PHE A . n 
A 1 50  GLU 50  50  50  GLU GLU A . n 
A 1 51  THR 51  51  51  THR THR A . n 
A 1 52  LYS 52  52  52  LYS LYS A . n 
A 1 53  THR 53  53  53  THR THR A . n 
A 1 54  LEU 54  54  54  LEU LEU A . n 
A 1 55  SER 55  55  55  SER SER A . n 
A 1 56  THR 56  56  56  THR THR A . n 
A 1 57  PHE 57  57  57  PHE PHE A . n 
A 1 58  ARG 58  58  58  ARG ARG A . n 
A 1 59  ASN 59  59  59  ASN ASN A . n 
A 1 60  TYR 60  60  60  TYR TYR A . n 
A 1 61  GLU 61  61  61  GLU GLU A . n 
A 1 62  VAL 62  62  62  VAL VAL A . n 
A 1 63  ASN 63  63  63  ASN ASN A . n 
A 1 64  PHE 64  64  64  PHE PHE A . n 
A 1 65  VAL 65  65  65  VAL VAL A . n 
A 1 66  ILE 66  66  66  ILE ILE A . n 
A 1 67  GLY 67  67  67  GLY GLY A . n 
A 1 68  GLU 68  68  68  GLU GLU A . n 
A 1 69  GLU 69  69  69  GLU GLU A . n 
A 1 70  PHE 70  70  70  PHE PHE A . n 
A 1 71  ASP 71  71  71  ASP ASP A . n 
A 1 72  GLU 72  72  72  GLU GLU A . n 
A 1 73  GLN 73  73  73  GLN GLN A . n 
A 1 74  THR 74  74  74  THR THR A . n 
A 1 75  LYS 75  75  75  LYS LYS A . n 
A 1 76  GLY 76  76  76  GLY GLY A . n 
A 1 77  LEU 77  77  77  LEU LEU A . n 
A 1 78  ASP 78  78  78  ASP ASP A . n 
A 1 79  ASN 79  79  79  ASN ASN A . n 
A 1 80  ARG 80  80  80  ARG ARG A . n 
A 1 81  THR 81  81  81  THR THR A . n 
A 1 82  VAL 82  82  82  VAL VAL A . n 
A 1 83  LYS 83  83  83  LYS LYS A . n 
A 1 84  THR 84  84  84  THR THR A . n 
A 1 85  LEU 85  85  85  LEU LEU A . n 
A 1 86  VAL 86  86  86  VAL VAL A . n 
A 1 87  LYS 87  87  87  LYS LYS A . n 
A 1 88  TRP 88  88  88  TRP TRP A . n 
A 1 89  ASP 89  89  89  ASP ASP A . n 
A 1 90  GLY 90  90  90  GLY GLY A . n 
A 1 91  ASP 91  91  91  ASP ASP A . n 
A 1 92  LYS 92  92  92  LYS LYS A . n 
A 1 93  LEU 93  93  93  LEU LEU A . n 
A 1 94  VAL 94  94  94  VAL VAL A . n 
A 1 95  CYS 95  95  95  CYS CYS A . n 
A 1 96  VAL 96  96  96  VAL VAL A . n 
A 1 97  GLN 97  97  97  GLN GLN A . n 
A 1 98  LYS 98  98  98  LYS LYS A . n 
A 1 99  GLY 99  99  99  GLY GLY A . n 
A 1 100 GLU 100 100 100 GLU GLU A . n 
A 1 101 LYS 101 101 101 LYS LYS A . n 
A 1 102 GLU 102 102 102 GLU GLU A . n 
A 1 103 ASN 103 103 103 ASN ASN A . n 
A 1 104 ARG 104 104 104 ARG ARG A . n 
A 1 105 GLY 105 105 105 GLY GLY A . n 
A 1 106 TRP 106 106 106 TRP TRP A . n 
A 1 107 LYS 107 107 107 LYS LYS A . n 
A 1 108 GLN 108 108 108 GLN GLN A . n 
A 1 109 TRP 109 109 109 TRP TRP A . n 
A 1 110 ILE 110 110 110 ILE ILE A . n 
A 1 111 GLU 111 111 111 GLU GLU A . n 
A 1 112 GLY 112 112 112 GLY GLY A . n 
A 1 113 ASP 113 113 113 ASP ASP A . n 
A 1 114 LEU 114 114 114 LEU LEU A . n 
A 1 115 LEU 115 115 115 LEU LEU A . n 
A 1 116 HIS 116 116 116 HIS HIS A . n 
A 1 117 LEU 117 117 117 LEU LEU A . n 
A 1 118 GLU 118 118 118 GLU GLU A . n 
A 1 119 ILE 119 119 119 ILE ILE A . n 
A 1 120 HIS 120 120 120 HIS HIS A . n 
A 1 121 CYS 121 121 121 CYS CYS A . n 
A 1 122 GLN 122 122 122 GLN GLN A . n 
A 1 123 ASP 123 123 123 ASP ASP A . n 
A 1 124 LYS 124 124 124 LYS LYS A . n 
A 1 125 VAL 125 125 125 VAL VAL A . n 
A 1 126 CYS 126 126 126 CYS CYS A . n 
A 1 127 HIS 127 127 127 HIS HIS A . n 
A 1 128 GLN 128 128 128 GLN GLN A . n 
A 1 129 VAL 129 129 129 VAL VAL A . n 
A 1 130 PHE 130 130 130 PHE PHE A . n 
A 1 131 LYS 131 131 131 LYS LYS A . n 
A 1 132 LYS 132 132 132 LYS LYS A . n 
A 1 133 LYS 133 133 133 LYS LYS A . n 
A 1 134 ASN 134 134 134 ASN ASN A . n 
# 
loop_
_pdbx_nonpoly_scheme.asym_id 
_pdbx_nonpoly_scheme.entity_id 
_pdbx_nonpoly_scheme.mon_id 
_pdbx_nonpoly_scheme.ndb_seq_num 
_pdbx_nonpoly_scheme.pdb_seq_num 
_pdbx_nonpoly_scheme.auth_seq_num 
_pdbx_nonpoly_scheme.pdb_mon_id 
_pdbx_nonpoly_scheme.auth_mon_id 
_pdbx_nonpoly_scheme.pdb_strand_id 
_pdbx_nonpoly_scheme.pdb_ins_code 
B 2 HOH 1   135 135 HOH HOH A . 
B 2 HOH 2   136 136 HOH HOH A . 
B 2 HOH 3   137 137 HOH HOH A . 
B 2 HOH 4   138 138 HOH HOH A . 
B 2 HOH 5   139 139 HOH HOH A . 
B 2 HOH 6   140 140 HOH HOH A . 
B 2 HOH 7   141 141 HOH HOH A . 
B 2 HOH 8   142 142 HOH HOH A . 
B 2 HOH 9   143 143 HOH HOH A . 
B 2 HOH 10  144 144 HOH HOH A . 
B 2 HOH 11  145 145 HOH HOH A . 
B 2 HOH 12  146 146 HOH HOH A . 
B 2 HOH 13  147 147 HOH HOH A . 
B 2 HOH 14  148 148 HOH HOH A . 
B 2 HOH 15  149 149 HOH HOH A . 
B 2 HOH 16  150 150 HOH HOH A . 
B 2 HOH 17  151 151 HOH HOH A . 
B 2 HOH 18  152 152 HOH HOH A . 
B 2 HOH 19  153 153 HOH HOH A . 
B 2 HOH 20  154 154 HOH HOH A . 
B 2 HOH 21  155 155 HOH HOH A . 
B 2 HOH 22  156 156 HOH HOH A . 
B 2 HOH 23  157 157 HOH HOH A . 
B 2 HOH 24  158 158 HOH HOH A . 
B 2 HOH 25  159 159 HOH HOH A . 
B 2 HOH 26  160 160 HOH HOH A . 
B 2 HOH 27  161 161 HOH HOH A . 
B 2 HOH 28  162 162 HOH HOH A . 
B 2 HOH 29  163 163 HOH HOH A . 
B 2 HOH 30  164 164 HOH HOH A . 
B 2 HOH 31  165 165 HOH HOH A . 
B 2 HOH 32  166 166 HOH HOH A . 
B 2 HOH 33  167 167 HOH HOH A . 
B 2 HOH 34  168 168 HOH HOH A . 
B 2 HOH 35  169 169 HOH HOH A . 
B 2 HOH 36  170 170 HOH HOH A . 
B 2 HOH 37  171 171 HOH HOH A . 
B 2 HOH 38  172 172 HOH HOH A . 
B 2 HOH 39  173 173 HOH HOH A . 
B 2 HOH 40  174 174 HOH HOH A . 
B 2 HOH 41  175 175 HOH HOH A . 
B 2 HOH 42  176 176 HOH HOH A . 
B 2 HOH 43  177 177 HOH HOH A . 
B 2 HOH 44  178 178 HOH HOH A . 
B 2 HOH 45  179 179 HOH HOH A . 
B 2 HOH 46  180 180 HOH HOH A . 
B 2 HOH 47  181 181 HOH HOH A . 
B 2 HOH 48  182 182 HOH HOH A . 
B 2 HOH 49  183 183 HOH HOH A . 
B 2 HOH 50  184 184 HOH HOH A . 
B 2 HOH 51  185 185 HOH HOH A . 
B 2 HOH 52  186 186 HOH HOH A . 
B 2 HOH 53  187 187 HOH HOH A . 
B 2 HOH 54  188 188 HOH HOH A . 
B 2 HOH 55  189 189 HOH HOH A . 
B 2 HOH 56  190 190 HOH HOH A . 
B 2 HOH 57  191 191 HOH HOH A . 
B 2 HOH 58  192 192 HOH HOH A . 
B 2 HOH 59  193 193 HOH HOH A . 
B 2 HOH 60  194 194 HOH HOH A . 
B 2 HOH 61  195 195 HOH HOH A . 
B 2 HOH 62  196 196 HOH HOH A . 
B 2 HOH 63  197 197 HOH HOH A . 
B 2 HOH 64  198 198 HOH HOH A . 
B 2 HOH 65  199 199 HOH HOH A . 
B 2 HOH 66  200 200 HOH HOH A . 
B 2 HOH 67  201 201 HOH HOH A . 
B 2 HOH 68  202 202 HOH HOH A . 
B 2 HOH 69  203 203 HOH HOH A . 
B 2 HOH 70  204 204 HOH HOH A . 
B 2 HOH 71  205 205 HOH HOH A . 
B 2 HOH 72  206 206 HOH HOH A . 
B 2 HOH 73  207 207 HOH HOH A . 
B 2 HOH 74  208 208 HOH HOH A . 
B 2 HOH 75  209 209 HOH HOH A . 
B 2 HOH 76  210 210 HOH HOH A . 
B 2 HOH 77  211 211 HOH HOH A . 
B 2 HOH 78  212 212 HOH HOH A . 
B 2 HOH 79  213 213 HOH HOH A . 
B 2 HOH 80  214 214 HOH HOH A . 
B 2 HOH 81  215 215 HOH HOH A . 
B 2 HOH 82  216 216 HOH HOH A . 
B 2 HOH 83  217 217 HOH HOH A . 
B 2 HOH 84  218 218 HOH HOH A . 
B 2 HOH 85  219 219 HOH HOH A . 
B 2 HOH 86  220 220 HOH HOH A . 
B 2 HOH 87  221 221 HOH HOH A . 
B 2 HOH 88  222 222 HOH HOH A . 
B 2 HOH 89  223 223 HOH HOH A . 
B 2 HOH 90  224 224 HOH HOH A . 
B 2 HOH 91  225 225 HOH HOH A . 
B 2 HOH 92  226 226 HOH HOH A . 
B 2 HOH 93  227 227 HOH HOH A . 
B 2 HOH 94  228 228 HOH HOH A . 
B 2 HOH 95  229 229 HOH HOH A . 
B 2 HOH 96  230 230 HOH HOH A . 
B 2 HOH 97  231 231 HOH HOH A . 
B 2 HOH 98  232 232 HOH HOH A . 
B 2 HOH 99  233 233 HOH HOH A . 
B 2 HOH 100 234 234 HOH HOH A . 
B 2 HOH 101 235 235 HOH HOH A . 
B 2 HOH 102 236 236 HOH HOH A . 
B 2 HOH 103 237 237 HOH HOH A . 
B 2 HOH 104 238 238 HOH HOH A . 
B 2 HOH 105 239 239 HOH HOH A . 
B 2 HOH 106 240 240 HOH HOH A . 
B 2 HOH 107 241 241 HOH HOH A . 
B 2 HOH 108 242 242 HOH HOH A . 
B 2 HOH 109 243 243 HOH HOH A . 
B 2 HOH 110 244 244 HOH HOH A . 
B 2 HOH 111 245 245 HOH HOH A . 
B 2 HOH 112 246 246 HOH HOH A . 
B 2 HOH 113 247 247 HOH HOH A . 
B 2 HOH 114 248 248 HOH HOH A . 
B 2 HOH 115 249 249 HOH HOH A . 
B 2 HOH 116 250 250 HOH HOH A . 
B 2 HOH 117 251 251 HOH HOH A . 
B 2 HOH 118 252 252 HOH HOH A . 
B 2 HOH 119 253 253 HOH HOH A . 
B 2 HOH 120 254 254 HOH HOH A . 
B 2 HOH 121 255 255 HOH HOH A . 
B 2 HOH 122 256 256 HOH HOH A . 
B 2 HOH 123 257 257 HOH HOH A . 
B 2 HOH 124 258 258 HOH HOH A . 
B 2 HOH 125 259 259 HOH HOH A . 
B 2 HOH 126 260 260 HOH HOH A . 
# 
loop_
_software.name 
_software.classification 
_software.version 
_software.citation_id 
_software.pdbx_ordinal 
SHELX     'model building' .         ? 1 
SHELXL-97 refinement       .         ? 2 
MOSFLM    'data reduction' .         ? 3 
CCP4      'data scaling'   '(SCALA)' ? 4 
SHELX     phasing          .         ? 5 
# 
_cell.entry_id           1KQX 
_cell.length_a           88.759 
_cell.length_b           88.759 
_cell.length_c           38.437 
_cell.angle_alpha        90.00 
_cell.angle_beta         90.00 
_cell.angle_gamma        90.00 
_cell.Z_PDB              8 
_cell.pdbx_unique_axis   ? 
# 
_symmetry.entry_id                         1KQX 
_symmetry.space_group_name_H-M             'I 4' 
_symmetry.pdbx_full_space_group_name_H-M   ? 
_symmetry.cell_setting                     ? 
_symmetry.Int_Tables_number                79 
# 
_exptl.entry_id          1KQX 
_exptl.method            'X-RAY DIFFRACTION' 
_exptl.crystals_number   1 
# 
_exptl_crystal.id                    1 
_exptl_crystal.density_meas          ? 
_exptl_crystal.density_Matthews      2.09 
_exptl_crystal.density_percent_sol   48.98 
_exptl_crystal.description           ? 
# 
_exptl_crystal_grow.crystal_id      1 
_exptl_crystal_grow.method          'VAPOR DIFFUSION, SITTING DROP' 
_exptl_crystal_grow.temp            293 
_exptl_crystal_grow.temp_details    ? 
_exptl_crystal_grow.pH              5.6 
_exptl_crystal_grow.pdbx_details    
'PEG 4000, Ammonium acetate, sodium citrate, pH 5.6, VAPOR DIFFUSION, SITTING DROP, temperature 293K' 
_exptl_crystal_grow.pdbx_pH_range   . 
# 
_diffrn.id                     1 
_diffrn.ambient_temp           100 
_diffrn.ambient_temp_details   ? 
_diffrn.crystal_id             1 
# 
_diffrn_detector.diffrn_id              1 
_diffrn_detector.detector               CCD 
_diffrn_detector.type                   'ADSC QUANTUM 4' 
_diffrn_detector.pdbx_collection_date   2001-09-15 
_diffrn_detector.details                ? 
# 
_diffrn_radiation.diffrn_id                        1 
_diffrn_radiation.wavelength_id                    1 
_diffrn_radiation.pdbx_monochromatic_or_laue_m_l   M 
_diffrn_radiation.monochromator                    ? 
_diffrn_radiation.pdbx_diffrn_protocol             'SINGLE WAVELENGTH' 
_diffrn_radiation.pdbx_scattering_type             x-ray 
# 
_diffrn_radiation_wavelength.id           1 
_diffrn_radiation_wavelength.wavelength   0.9393 
_diffrn_radiation_wavelength.wt           1.0 
# 
_diffrn_source.diffrn_id                   1 
_diffrn_source.source                      SYNCHROTRON 
_diffrn_source.type                        'ESRF BEAMLINE ID14-4' 
_diffrn_source.pdbx_synchrotron_site       ESRF 
_diffrn_source.pdbx_synchrotron_beamline   ID14-4 
_diffrn_source.pdbx_wavelength             ? 
_diffrn_source.pdbx_wavelength_list        0.9393 
# 
_reflns.entry_id                     1KQX 
_reflns.observed_criterion_sigma_I   0.0 
_reflns.observed_criterion_sigma_F   0.0 
_reflns.d_resolution_low             40 
_reflns.d_resolution_high            1.7 
_reflns.number_obs                   16380 
_reflns.number_all                   16380 
_reflns.percent_possible_obs         97.7 
_reflns.pdbx_Rmerge_I_obs            0.0940000 
_reflns.pdbx_Rsym_value              0.0940000 
_reflns.pdbx_netI_over_sigmaI        4.6 
_reflns.B_iso_Wilson_estimate        ? 
_reflns.pdbx_redundancy              3.4 
_reflns.R_free_details               ? 
_reflns.limit_h_max                  ? 
_reflns.limit_h_min                  ? 
_reflns.limit_k_max                  ? 
_reflns.limit_k_min                  ? 
_reflns.limit_l_max                  ? 
_reflns.limit_l_min                  ? 
_reflns.observed_criterion_F_max     ? 
_reflns.observed_criterion_F_min     ? 
_reflns.pdbx_diffrn_id               1 
_reflns.pdbx_ordinal                 1 
# 
_reflns_shell.d_res_high             1.70 
_reflns_shell.d_res_low              1.79 
_reflns_shell.percent_possible_all   92.0 
_reflns_shell.Rmerge_I_obs           0.2940000 
_reflns_shell.pdbx_Rsym_value        0.2940000 
_reflns_shell.meanI_over_sigI_obs    2.1 
_reflns_shell.pdbx_redundancy        2.8 
_reflns_shell.percent_possible_obs   ? 
_reflns_shell.number_unique_all      2191 
_reflns_shell.pdbx_diffrn_id         ? 
_reflns_shell.pdbx_ordinal           1 
# 
_refine.entry_id                                 1KQX 
_refine.ls_number_reflns_obs                     16211 
_refine.ls_number_reflns_all                     16211 
_refine.pdbx_ls_sigma_I                          0.0 
_refine.pdbx_ls_sigma_F                          0.0 
_refine.pdbx_data_cutoff_high_absF               ? 
_refine.pdbx_data_cutoff_low_absF                ? 
_refine.ls_d_res_low                             28.06 
_refine.ls_d_res_high                            1.70 
_refine.ls_percent_reflns_obs                    92.4 
_refine.ls_R_factor_obs                          0.2032000 
_refine.ls_R_factor_all                          0.2032000 
_refine.ls_R_factor_R_work                       0.1954000 
_refine.ls_R_factor_R_free                       0.2797000 
_refine.ls_R_factor_R_free_error                 ? 
_refine.ls_R_factor_R_free_error_details         ? 
_refine.ls_percent_reflns_R_free                 5.2 
_refine.ls_number_reflns_R_free                  805 
_refine.ls_number_parameters                     4963 
_refine.ls_number_restraints                     4485 
_refine.occupancy_min                            ? 
_refine.occupancy_max                            ? 
_refine.B_iso_mean                               ? 
_refine.aniso_B[1][1]                            ? 
_refine.aniso_B[2][2]                            ? 
_refine.aniso_B[3][3]                            ? 
_refine.aniso_B[1][2]                            ? 
_refine.aniso_B[1][3]                            ? 
_refine.aniso_B[2][3]                            ? 
_refine.solvent_model_details                    'MOEWS & KRETSINGER, J.MOL.BIOL.91(1973)201-228' 
_refine.solvent_model_param_ksol                 ? 
_refine.solvent_model_param_bsol                 ? 
_refine.pdbx_ls_cross_valid_method               'FREE R' 
_refine.details                                  ? 
_refine.pdbx_starting_model                      'holo rat CRBPII' 
_refine.pdbx_method_to_determine_struct          'MOLECULAR REPLACEMENT' 
_refine.pdbx_isotropic_thermal_model             isotropic 
_refine.pdbx_stereochemistry_target_values       'ENGH AND HUBER' 
_refine.pdbx_stereochem_target_val_spec_case     ? 
_refine.pdbx_R_Free_selection_details            RANDOM 
_refine.pdbx_overall_ESU_R_Free                  ? 
_refine.overall_SU_B                             ? 
_refine.ls_redundancy_reflns_obs                 ? 
_refine.B_iso_min                                ? 
_refine.B_iso_max                                ? 
_refine.correlation_coeff_Fo_to_Fc               ? 
_refine.overall_SU_R_Cruickshank_DPI             ? 
_refine.overall_SU_R_free                        ? 
_refine.overall_SU_ML                            ? 
_refine.pdbx_overall_ESU_R                       ? 
_refine.pdbx_data_cutoff_high_rms_absF           ? 
_refine.correlation_coeff_Fo_to_Fc_free          ? 
_refine.pdbx_solvent_vdw_probe_radii             ? 
_refine.pdbx_solvent_ion_probe_radii             ? 
_refine.pdbx_solvent_shrinkage_radii             ? 
_refine.pdbx_refine_id                           'X-RAY DIFFRACTION' 
_refine.pdbx_diffrn_id                           1 
_refine.pdbx_TLS_residual_ADP_flag               ? 
_refine.pdbx_overall_phase_error                 ? 
_refine.pdbx_overall_SU_R_free_Cruickshank_DPI   ? 
_refine.pdbx_overall_SU_R_Blow_DPI               ? 
_refine.pdbx_overall_SU_R_free_Blow_DPI          ? 
# 
_refine_analyze.entry_id                        1KQX 
_refine_analyze.Luzzati_coordinate_error_obs    ? 
_refine_analyze.Luzzati_sigma_a_obs             ? 
_refine_analyze.Luzzati_d_res_low_obs           ? 
_refine_analyze.Luzzati_coordinate_error_free   ? 
_refine_analyze.Luzzati_sigma_a_free            ? 
_refine_analyze.Luzzati_d_res_low_free          ? 
_refine_analyze.number_disordered_residues      0 
_refine_analyze.occupancy_sum_hydrogen          0.00 
_refine_analyze.occupancy_sum_non_hydrogen      1237.00 
_refine_analyze.pdbx_Luzzati_d_res_high_obs     ? 
_refine_analyze.pdbx_refine_id                  'X-RAY DIFFRACTION' 
# 
_refine_hist.pdbx_refine_id                   'X-RAY DIFFRACTION' 
_refine_hist.cycle_id                         LAST 
_refine_hist.pdbx_number_atoms_protein        1103 
_refine_hist.pdbx_number_atoms_nucleic_acid   0 
_refine_hist.pdbx_number_atoms_ligand         0 
_refine_hist.number_atoms_solvent             126 
_refine_hist.number_atoms_total               1229 
_refine_hist.d_res_high                       1.70 
_refine_hist.d_res_low                        28.06 
# 
loop_
_refine_ls_restr.type 
_refine_ls_restr.dev_ideal 
_refine_ls_restr.dev_ideal_target 
_refine_ls_restr.weight 
_refine_ls_restr.number 
_refine_ls_restr.pdbx_refine_id 
_refine_ls_restr.pdbx_restraint_function 
s_bond_d               0.007  ? ? ? 'X-RAY DIFFRACTION' ? 
s_angle_d              0.023  ? ? ? 'X-RAY DIFFRACTION' ? 
s_similar_dist         0.000  ? ? ? 'X-RAY DIFFRACTION' ? 
s_from_restr_planes    0.0274 ? ? ? 'X-RAY DIFFRACTION' ? 
s_zero_chiral_vol      0.034  ? ? ? 'X-RAY DIFFRACTION' ? 
s_non_zero_chiral_vol  0.049  ? ? ? 'X-RAY DIFFRACTION' ? 
s_anti_bump_dis_restr  0.034  ? ? ? 'X-RAY DIFFRACTION' ? 
s_rigid_bond_adp_cmpnt 0.000  ? ? ? 'X-RAY DIFFRACTION' ? 
s_similar_adp_cmpnt    0.088  ? ? ? 'X-RAY DIFFRACTION' ? 
s_approx_iso_adps      0.000  ? ? ? 'X-RAY DIFFRACTION' ? 
# 
_pdbx_refine.entry_id                                    1KQX 
_pdbx_refine.R_factor_all_no_cutoff                      0.2032000 
_pdbx_refine.R_factor_obs_no_cutoff                      0.1954000 
_pdbx_refine.free_R_factor_no_cutoff                     0.2797000 
_pdbx_refine.free_R_val_test_set_size_perc_no_cutoff     5.2 
_pdbx_refine.free_R_val_test_set_ct_no_cutoff            805 
_pdbx_refine.R_factor_all_4sig_cutoff                    0.1935000 
_pdbx_refine.R_factor_obs_4sig_cutoff                    0.1879000 
_pdbx_refine.free_R_factor_4sig_cutoff                   0.2759000 
_pdbx_refine.free_R_val_test_set_size_perc_4sig_cutoff   5.3 
_pdbx_refine.free_R_val_test_set_ct_4sig_cutoff          701 
_pdbx_refine.number_reflns_obs_4sig_cutoff               13158 
_pdbx_refine.number_reflns_obs_no_cutoff                 ? 
_pdbx_refine.pdbx_refine_id                              'X-RAY DIFFRACTION' 
_pdbx_refine.free_R_error_no_cutoff                      ? 
# 
_struct.entry_id                  1KQX 
_struct.title                     'Crystal structure of apo-CRBP from zebrafish' 
_struct.pdbx_model_details        ? 
_struct.pdbx_CASP_flag            ? 
_struct.pdbx_model_type_details   ? 
# 
_struct_keywords.entry_id        1KQX 
_struct_keywords.pdbx_keywords   'TRANSPORT PROTEIN' 
_struct_keywords.text            'retinol, vitamin A, retinol-binding, TRANSPORT PROTEIN' 
# 
loop_
_struct_asym.id 
_struct_asym.pdbx_blank_PDB_chainid_flag 
_struct_asym.pdbx_modified 
_struct_asym.entity_id 
_struct_asym.details 
A N N 1 ? 
B N N 2 ? 
# 
_struct_ref.id                         1 
_struct_ref.db_name                    UNP 
_struct_ref.db_code                    Q8UVG6_BRARE 
_struct_ref.entity_id                  1 
_struct_ref.pdbx_seq_one_letter_code   
;PADFNGTWEMLSNDNFEDVMKALDIDFATRKIAVHLKQTKVIVQNGDKFETKTLSTFRNYEVNFVIGEEFDEQTKGLDNR
TVKTLVKWDGDKLVCVQKGEKENRGWKQWIEGDLLHLEIHCQDKVCHQVFKKKN
;
_struct_ref.pdbx_align_begin           2 
_struct_ref.pdbx_db_accession          Q8UVG6 
_struct_ref.pdbx_db_isoform            ? 
# 
_struct_ref_seq.align_id                      1 
_struct_ref_seq.ref_id                        1 
_struct_ref_seq.pdbx_PDB_id_code              1KQX 
_struct_ref_seq.pdbx_strand_id                A 
_struct_ref_seq.seq_align_beg                 1 
_struct_ref_seq.pdbx_seq_align_beg_ins_code   ? 
_struct_ref_seq.seq_align_end                 134 
_struct_ref_seq.pdbx_seq_align_end_ins_code   ? 
_struct_ref_seq.pdbx_db_accession             Q8UVG6 
_struct_ref_seq.db_align_beg                  2 
_struct_ref_seq.pdbx_db_align_beg_ins_code    ? 
_struct_ref_seq.db_align_end                  135 
_struct_ref_seq.pdbx_db_align_end_ins_code    ? 
_struct_ref_seq.pdbx_auth_seq_align_beg       1 
_struct_ref_seq.pdbx_auth_seq_align_end       134 
# 
_pdbx_struct_assembly.id                   1 
_pdbx_struct_assembly.details              author_defined_assembly 
_pdbx_struct_assembly.method_details       ? 
_pdbx_struct_assembly.oligomeric_details   monomeric 
_pdbx_struct_assembly.oligomeric_count     1 
# 
_pdbx_struct_assembly_gen.assembly_id       1 
_pdbx_struct_assembly_gen.oper_expression   1 
_pdbx_struct_assembly_gen.asym_id_list      A,B 
# 
_pdbx_struct_oper_list.id                   1 
_pdbx_struct_oper_list.type                 'identity operation' 
_pdbx_struct_oper_list.name                 1_555 
_pdbx_struct_oper_list.symmetry_operation   x,y,z 
_pdbx_struct_oper_list.matrix[1][1]         1.0000000000 
_pdbx_struct_oper_list.matrix[1][2]         0.0000000000 
_pdbx_struct_oper_list.matrix[1][3]         0.0000000000 
_pdbx_struct_oper_list.vector[1]            0.0000000000 
_pdbx_struct_oper_list.matrix[2][1]         0.0000000000 
_pdbx_struct_oper_list.matrix[2][2]         1.0000000000 
_pdbx_struct_oper_list.matrix[2][3]         0.0000000000 
_pdbx_struct_oper_list.vector[2]            0.0000000000 
_pdbx_struct_oper_list.matrix[3][1]         0.0000000000 
_pdbx_struct_oper_list.matrix[3][2]         0.0000000000 
_pdbx_struct_oper_list.matrix[3][3]         1.0000000000 
_pdbx_struct_oper_list.vector[3]            0.0000000000 
# 
_struct_biol.id                    1 
_struct_biol.pdbx_parent_biol_id   ? 
_struct_biol.details               ? 
# 
loop_
_struct_conf.conf_type_id 
_struct_conf.id 
_struct_conf.pdbx_PDB_helix_id 
_struct_conf.beg_label_comp_id 
_struct_conf.beg_label_asym_id 
_struct_conf.beg_label_seq_id 
_struct_conf.pdbx_beg_PDB_ins_code 
_struct_conf.end_label_comp_id 
_struct_conf.end_label_asym_id 
_struct_conf.end_label_seq_id 
_struct_conf.pdbx_end_PDB_ins_code 
_struct_conf.beg_auth_comp_id 
_struct_conf.beg_auth_asym_id 
_struct_conf.beg_auth_seq_id 
_struct_conf.end_auth_comp_id 
_struct_conf.end_auth_asym_id 
_struct_conf.end_auth_seq_id 
_struct_conf.pdbx_PDB_helix_class 
_struct_conf.details 
_struct_conf.pdbx_PDB_helix_length 
HELX_P HELX_P1 1 ASN A 15 ? LEU A 23 ? ASN A 15 LEU A 23 1 ? 9 
HELX_P HELX_P2 2 ASP A 26 ? VAL A 34 ? ASP A 26 VAL A 34 1 ? 9 
# 
_struct_conf_type.id          HELX_P 
_struct_conf_type.criteria    ? 
_struct_conf_type.reference   ? 
# 
_struct_sheet.id               A 
_struct_sheet.type             ? 
_struct_sheet.number_strands   10 
_struct_sheet.details          ? 
# 
loop_
_struct_sheet_order.sheet_id 
_struct_sheet_order.range_id_1 
_struct_sheet_order.range_id_2 
_struct_sheet_order.offset 
_struct_sheet_order.sense 
A 1 2  ? anti-parallel 
A 2 3  ? anti-parallel 
A 3 4  ? anti-parallel 
A 4 5  ? anti-parallel 
A 5 6  ? anti-parallel 
A 6 7  ? anti-parallel 
A 7 8  ? anti-parallel 
A 8 9  ? anti-parallel 
A 9 10 ? anti-parallel 
# 
loop_
_struct_sheet_range.sheet_id 
_struct_sheet_range.id 
_struct_sheet_range.beg_label_comp_id 
_struct_sheet_range.beg_label_asym_id 
_struct_sheet_range.beg_label_seq_id 
_struct_sheet_range.pdbx_beg_PDB_ins_code 
_struct_sheet_range.end_label_comp_id 
_struct_sheet_range.end_label_asym_id 
_struct_sheet_range.end_label_seq_id 
_struct_sheet_range.pdbx_end_PDB_ins_code 
_struct_sheet_range.beg_auth_comp_id 
_struct_sheet_range.beg_auth_asym_id 
_struct_sheet_range.beg_auth_seq_id 
_struct_sheet_range.end_auth_comp_id 
_struct_sheet_range.end_auth_asym_id 
_struct_sheet_range.end_auth_seq_id 
A 1  TYR A 60  ? VAL A 65  ? TYR A 60  VAL A 65  
A 2  LYS A 48  ? SER A 55  ? LYS A 48  SER A 55  
A 3  GLN A 38  ? ASN A 45  ? GLN A 38  ASN A 45  
A 4  GLY A 6   ? ASP A 14  ? GLY A 6   ASP A 14  
A 5  LYS A 124 ? LYS A 132 ? LYS A 124 LYS A 132 
A 6  LEU A 114 ? CYS A 121 ? LEU A 114 CYS A 121 
A 7  GLY A 105 ? GLU A 111 ? GLY A 105 GLU A 111 
A 8  LYS A 92  ? LYS A 98  ? LYS A 92  LYS A 98  
A 9  THR A 81  ? ASP A 89  ? THR A 81  ASP A 89  
A 10 PHE A 70  ? GLN A 73  ? PHE A 70  GLN A 73  
# 
loop_
_pdbx_struct_sheet_hbond.sheet_id 
_pdbx_struct_sheet_hbond.range_id_1 
_pdbx_struct_sheet_hbond.range_id_2 
_pdbx_struct_sheet_hbond.range_1_label_atom_id 
_pdbx_struct_sheet_hbond.range_1_label_comp_id 
_pdbx_struct_sheet_hbond.range_1_label_asym_id 
_pdbx_struct_sheet_hbond.range_1_label_seq_id 
_pdbx_struct_sheet_hbond.range_1_PDB_ins_code 
_pdbx_struct_sheet_hbond.range_1_auth_atom_id 
_pdbx_struct_sheet_hbond.range_1_auth_comp_id 
_pdbx_struct_sheet_hbond.range_1_auth_asym_id 
_pdbx_struct_sheet_hbond.range_1_auth_seq_id 
_pdbx_struct_sheet_hbond.range_2_label_atom_id 
_pdbx_struct_sheet_hbond.range_2_label_comp_id 
_pdbx_struct_sheet_hbond.range_2_label_asym_id 
_pdbx_struct_sheet_hbond.range_2_label_seq_id 
_pdbx_struct_sheet_hbond.range_2_PDB_ins_code 
_pdbx_struct_sheet_hbond.range_2_auth_atom_id 
_pdbx_struct_sheet_hbond.range_2_auth_comp_id 
_pdbx_struct_sheet_hbond.range_2_auth_asym_id 
_pdbx_struct_sheet_hbond.range_2_auth_seq_id 
A 1 2  O TYR A 60  ? O TYR A 60  N THR A 53  ? N THR A 53  
A 2 3  O LYS A 52  ? O LYS A 52  N VAL A 41  ? N VAL A 41  
A 3 4  O LYS A 40  ? O LYS A 40  N TRP A 8   ? N TRP A 8   
A 4 5  N GLU A 9   ? N GLU A 9   O LYS A 131 ? O LYS A 131 
A 5 6  O CYS A 126 ? O CYS A 126 N ILE A 119 ? N ILE A 119 
A 6 7  O HIS A 116 ? O HIS A 116 N TRP A 109 ? N TRP A 109 
A 7 8  O TRP A 106 ? O TRP A 106 N CYS A 95  ? N CYS A 95  
A 8 9  O LYS A 98  ? O LYS A 98  N LYS A 83  ? N LYS A 83  
A 9 10 O VAL A 82  ? O VAL A 82  N GLU A 72  ? N GLU A 72  
# 
loop_
_pdbx_validate_rmsd_angle.id 
_pdbx_validate_rmsd_angle.PDB_model_num 
_pdbx_validate_rmsd_angle.auth_atom_id_1 
_pdbx_validate_rmsd_angle.auth_asym_id_1 
_pdbx_validate_rmsd_angle.auth_comp_id_1 
_pdbx_validate_rmsd_angle.auth_seq_id_1 
_pdbx_validate_rmsd_angle.PDB_ins_code_1 
_pdbx_validate_rmsd_angle.label_alt_id_1 
_pdbx_validate_rmsd_angle.auth_atom_id_2 
_pdbx_validate_rmsd_angle.auth_asym_id_2 
_pdbx_validate_rmsd_angle.auth_comp_id_2 
_pdbx_validate_rmsd_angle.auth_seq_id_2 
_pdbx_validate_rmsd_angle.PDB_ins_code_2 
_pdbx_validate_rmsd_angle.label_alt_id_2 
_pdbx_validate_rmsd_angle.auth_atom_id_3 
_pdbx_validate_rmsd_angle.auth_asym_id_3 
_pdbx_validate_rmsd_angle.auth_comp_id_3 
_pdbx_validate_rmsd_angle.auth_seq_id_3 
_pdbx_validate_rmsd_angle.PDB_ins_code_3 
_pdbx_validate_rmsd_angle.label_alt_id_3 
_pdbx_validate_rmsd_angle.angle_value 
_pdbx_validate_rmsd_angle.angle_target_value 
_pdbx_validate_rmsd_angle.angle_deviation 
_pdbx_validate_rmsd_angle.angle_standard_deviation 
_pdbx_validate_rmsd_angle.linker_flag 
1 1 CD A ARG 30  ? ? NE A ARG 30  ? ? CZ  A ARG 30  ? ? 132.87 123.60 9.27  1.40 N 
2 1 NE A ARG 30  ? ? CZ A ARG 30  ? ? NH1 A ARG 30  ? ? 124.65 120.30 4.35  0.50 N 
3 1 NE A ARG 30  ? ? CZ A ARG 30  ? ? NH2 A ARG 30  ? ? 117.07 120.30 -3.23 0.50 N 
4 1 NE A ARG 104 ? ? CZ A ARG 104 ? ? NH2 A ARG 104 ? ? 116.99 120.30 -3.31 0.50 N 
# 
loop_
_pdbx_validate_torsion.id 
_pdbx_validate_torsion.PDB_model_num 
_pdbx_validate_torsion.auth_comp_id 
_pdbx_validate_torsion.auth_asym_id 
_pdbx_validate_torsion.auth_seq_id 
_pdbx_validate_torsion.PDB_ins_code 
_pdbx_validate_torsion.label_alt_id 
_pdbx_validate_torsion.phi 
_pdbx_validate_torsion.psi 
1 1 PHE A 57  ? ? -74.50  -87.55  
2 1 LEU A 77  ? ? -130.77 -94.76  
3 1 GLN A 122 ? ? 54.12   -125.97 
# 
loop_
_chem_comp_atom.comp_id 
_chem_comp_atom.atom_id 
_chem_comp_atom.type_symbol 
_chem_comp_atom.pdbx_aromatic_flag 
_chem_comp_atom.pdbx_stereo_config 
_chem_comp_atom.pdbx_ordinal 
ALA N    N N N 1   
ALA CA   C N S 2   
ALA C    C N N 3   
ALA O    O N N 4   
ALA CB   C N N 5   
ALA OXT  O N N 6   
ALA H    H N N 7   
ALA H2   H N N 8   
ALA HA   H N N 9   
ALA HB1  H N N 10  
ALA HB2  H N N 11  
ALA HB3  H N N 12  
ALA HXT  H N N 13  
ARG N    N N N 14  
ARG CA   C N S 15  
ARG C    C N N 16  
ARG O    O N N 17  
ARG CB   C N N 18  
ARG CG   C N N 19  
ARG CD   C N N 20  
ARG NE   N N N 21  
ARG CZ   C N N 22  
ARG NH1  N N N 23  
ARG NH2  N N N 24  
ARG OXT  O N N 25  
ARG H    H N N 26  
ARG H2   H N N 27  
ARG HA   H N N 28  
ARG HB2  H N N 29  
ARG HB3  H N N 30  
ARG HG2  H N N 31  
ARG HG3  H N N 32  
ARG HD2  H N N 33  
ARG HD3  H N N 34  
ARG HE   H N N 35  
ARG HH11 H N N 36  
ARG HH12 H N N 37  
ARG HH21 H N N 38  
ARG HH22 H N N 39  
ARG HXT  H N N 40  
ASN N    N N N 41  
ASN CA   C N S 42  
ASN C    C N N 43  
ASN O    O N N 44  
ASN CB   C N N 45  
ASN CG   C N N 46  
ASN OD1  O N N 47  
ASN ND2  N N N 48  
ASN OXT  O N N 49  
ASN H    H N N 50  
ASN H2   H N N 51  
ASN HA   H N N 52  
ASN HB2  H N N 53  
ASN HB3  H N N 54  
ASN HD21 H N N 55  
ASN HD22 H N N 56  
ASN HXT  H N N 57  
ASP N    N N N 58  
ASP CA   C N S 59  
ASP C    C N N 60  
ASP O    O N N 61  
ASP CB   C N N 62  
ASP CG   C N N 63  
ASP OD1  O N N 64  
ASP OD2  O N N 65  
ASP OXT  O N N 66  
ASP H    H N N 67  
ASP H2   H N N 68  
ASP HA   H N N 69  
ASP HB2  H N N 70  
ASP HB3  H N N 71  
ASP HD2  H N N 72  
ASP HXT  H N N 73  
CYS N    N N N 74  
CYS CA   C N R 75  
CYS C    C N N 76  
CYS O    O N N 77  
CYS CB   C N N 78  
CYS SG   S N N 79  
CYS OXT  O N N 80  
CYS H    H N N 81  
CYS H2   H N N 82  
CYS HA   H N N 83  
CYS HB2  H N N 84  
CYS HB3  H N N 85  
CYS HG   H N N 86  
CYS HXT  H N N 87  
GLN N    N N N 88  
GLN CA   C N S 89  
GLN C    C N N 90  
GLN O    O N N 91  
GLN CB   C N N 92  
GLN CG   C N N 93  
GLN CD   C N N 94  
GLN OE1  O N N 95  
GLN NE2  N N N 96  
GLN OXT  O N N 97  
GLN H    H N N 98  
GLN H2   H N N 99  
GLN HA   H N N 100 
GLN HB2  H N N 101 
GLN HB3  H N N 102 
GLN HG2  H N N 103 
GLN HG3  H N N 104 
GLN HE21 H N N 105 
GLN HE22 H N N 106 
GLN HXT  H N N 107 
GLU N    N N N 108 
GLU CA   C N S 109 
GLU C    C N N 110 
GLU O    O N N 111 
GLU CB   C N N 112 
GLU CG   C N N 113 
GLU CD   C N N 114 
GLU OE1  O N N 115 
GLU OE2  O N N 116 
GLU OXT  O N N 117 
GLU H    H N N 118 
GLU H2   H N N 119 
GLU HA   H N N 120 
GLU HB2  H N N 121 
GLU HB3  H N N 122 
GLU HG2  H N N 123 
GLU HG3  H N N 124 
GLU HE2  H N N 125 
GLU HXT  H N N 126 
GLY N    N N N 127 
GLY CA   C N N 128 
GLY C    C N N 129 
GLY O    O N N 130 
GLY OXT  O N N 131 
GLY H    H N N 132 
GLY H2   H N N 133 
GLY HA2  H N N 134 
GLY HA3  H N N 135 
GLY HXT  H N N 136 
HIS N    N N N 137 
HIS CA   C N S 138 
HIS C    C N N 139 
HIS O    O N N 140 
HIS CB   C N N 141 
HIS CG   C Y N 142 
HIS ND1  N Y N 143 
HIS CD2  C Y N 144 
HIS CE1  C Y N 145 
HIS NE2  N Y N 146 
HIS OXT  O N N 147 
HIS H    H N N 148 
HIS H2   H N N 149 
HIS HA   H N N 150 
HIS HB2  H N N 151 
HIS HB3  H N N 152 
HIS HD1  H N N 153 
HIS HD2  H N N 154 
HIS HE1  H N N 155 
HIS HE2  H N N 156 
HIS HXT  H N N 157 
HOH O    O N N 158 
HOH H1   H N N 159 
HOH H2   H N N 160 
ILE N    N N N 161 
ILE CA   C N S 162 
ILE C    C N N 163 
ILE O    O N N 164 
ILE CB   C N S 165 
ILE CG1  C N N 166 
ILE CG2  C N N 167 
ILE CD1  C N N 168 
ILE OXT  O N N 169 
ILE H    H N N 170 
ILE H2   H N N 171 
ILE HA   H N N 172 
ILE HB   H N N 173 
ILE HG12 H N N 174 
ILE HG13 H N N 175 
ILE HG21 H N N 176 
ILE HG22 H N N 177 
ILE HG23 H N N 178 
ILE HD11 H N N 179 
ILE HD12 H N N 180 
ILE HD13 H N N 181 
ILE HXT  H N N 182 
LEU N    N N N 183 
LEU CA   C N S 184 
LEU C    C N N 185 
LEU O    O N N 186 
LEU CB   C N N 187 
LEU CG   C N N 188 
LEU CD1  C N N 189 
LEU CD2  C N N 190 
LEU OXT  O N N 191 
LEU H    H N N 192 
LEU H2   H N N 193 
LEU HA   H N N 194 
LEU HB2  H N N 195 
LEU HB3  H N N 196 
LEU HG   H N N 197 
LEU HD11 H N N 198 
LEU HD12 H N N 199 
LEU HD13 H N N 200 
LEU HD21 H N N 201 
LEU HD22 H N N 202 
LEU HD23 H N N 203 
LEU HXT  H N N 204 
LYS N    N N N 205 
LYS CA   C N S 206 
LYS C    C N N 207 
LYS O    O N N 208 
LYS CB   C N N 209 
LYS CG   C N N 210 
LYS CD   C N N 211 
LYS CE   C N N 212 
LYS NZ   N N N 213 
LYS OXT  O N N 214 
LYS H    H N N 215 
LYS H2   H N N 216 
LYS HA   H N N 217 
LYS HB2  H N N 218 
LYS HB3  H N N 219 
LYS HG2  H N N 220 
LYS HG3  H N N 221 
LYS HD2  H N N 222 
LYS HD3  H N N 223 
LYS HE2  H N N 224 
LYS HE3  H N N 225 
LYS HZ1  H N N 226 
LYS HZ2  H N N 227 
LYS HZ3  H N N 228 
LYS HXT  H N N 229 
MET N    N N N 230 
MET CA   C N S 231 
MET C    C N N 232 
MET O    O N N 233 
MET CB   C N N 234 
MET CG   C N N 235 
MET SD   S N N 236 
MET CE   C N N 237 
MET OXT  O N N 238 
MET H    H N N 239 
MET H2   H N N 240 
MET HA   H N N 241 
MET HB2  H N N 242 
MET HB3  H N N 243 
MET HG2  H N N 244 
MET HG3  H N N 245 
MET HE1  H N N 246 
MET HE2  H N N 247 
MET HE3  H N N 248 
MET HXT  H N N 249 
PHE N    N N N 250 
PHE CA   C N S 251 
PHE C    C N N 252 
PHE O    O N N 253 
PHE CB   C N N 254 
PHE CG   C Y N 255 
PHE CD1  C Y N 256 
PHE CD2  C Y N 257 
PHE CE1  C Y N 258 
PHE CE2  C Y N 259 
PHE CZ   C Y N 260 
PHE OXT  O N N 261 
PHE H    H N N 262 
PHE H2   H N N 263 
PHE HA   H N N 264 
PHE HB2  H N N 265 
PHE HB3  H N N 266 
PHE HD1  H N N 267 
PHE HD2  H N N 268 
PHE HE1  H N N 269 
PHE HE2  H N N 270 
PHE HZ   H N N 271 
PHE HXT  H N N 272 
PRO N    N N N 273 
PRO CA   C N S 274 
PRO C    C N N 275 
PRO O    O N N 276 
PRO CB   C N N 277 
PRO CG   C N N 278 
PRO CD   C N N 279 
PRO OXT  O N N 280 
PRO H    H N N 281 
PRO HA   H N N 282 
PRO HB2  H N N 283 
PRO HB3  H N N 284 
PRO HG2  H N N 285 
PRO HG3  H N N 286 
PRO HD2  H N N 287 
PRO HD3  H N N 288 
PRO HXT  H N N 289 
SER N    N N N 290 
SER CA   C N S 291 
SER C    C N N 292 
SER O    O N N 293 
SER CB   C N N 294 
SER OG   O N N 295 
SER OXT  O N N 296 
SER H    H N N 297 
SER H2   H N N 298 
SER HA   H N N 299 
SER HB2  H N N 300 
SER HB3  H N N 301 
SER HG   H N N 302 
SER HXT  H N N 303 
THR N    N N N 304 
THR CA   C N S 305 
THR C    C N N 306 
THR O    O N N 307 
THR CB   C N R 308 
THR OG1  O N N 309 
THR CG2  C N N 310 
THR OXT  O N N 311 
THR H    H N N 312 
THR H2   H N N 313 
THR HA   H N N 314 
THR HB   H N N 315 
THR HG1  H N N 316 
THR HG21 H N N 317 
THR HG22 H N N 318 
THR HG23 H N N 319 
THR HXT  H N N 320 
TRP N    N N N 321 
TRP CA   C N S 322 
TRP C    C N N 323 
TRP O    O N N 324 
TRP CB   C N N 325 
TRP CG   C Y N 326 
TRP CD1  C Y N 327 
TRP CD2  C Y N 328 
TRP NE1  N Y N 329 
TRP CE2  C Y N 330 
TRP CE3  C Y N 331 
TRP CZ2  C Y N 332 
TRP CZ3  C Y N 333 
TRP CH2  C Y N 334 
TRP OXT  O N N 335 
TRP H    H N N 336 
TRP H2   H N N 337 
TRP HA   H N N 338 
TRP HB2  H N N 339 
TRP HB3  H N N 340 
TRP HD1  H N N 341 
TRP HE1  H N N 342 
TRP HE3  H N N 343 
TRP HZ2  H N N 344 
TRP HZ3  H N N 345 
TRP HH2  H N N 346 
TRP HXT  H N N 347 
TYR N    N N N 348 
TYR CA   C N S 349 
TYR C    C N N 350 
TYR O    O N N 351 
TYR CB   C N N 352 
TYR CG   C Y N 353 
TYR CD1  C Y N 354 
TYR CD2  C Y N 355 
TYR CE1  C Y N 356 
TYR CE2  C Y N 357 
TYR CZ   C Y N 358 
TYR OH   O N N 359 
TYR OXT  O N N 360 
TYR H    H N N 361 
TYR H2   H N N 362 
TYR HA   H N N 363 
TYR HB2  H N N 364 
TYR HB3  H N N 365 
TYR HD1  H N N 366 
TYR HD2  H N N 367 
TYR HE1  H N N 368 
TYR HE2  H N N 369 
TYR HH   H N N 370 
TYR HXT  H N N 371 
VAL N    N N N 372 
VAL CA   C N S 373 
VAL C    C N N 374 
VAL O    O N N 375 
VAL CB   C N N 376 
VAL CG1  C N N 377 
VAL CG2  C N N 378 
VAL OXT  O N N 379 
VAL H    H N N 380 
VAL H2   H N N 381 
VAL HA   H N N 382 
VAL HB   H N N 383 
VAL HG11 H N N 384 
VAL HG12 H N N 385 
VAL HG13 H N N 386 
VAL HG21 H N N 387 
VAL HG22 H N N 388 
VAL HG23 H N N 389 
VAL HXT  H N N 390 
# 
loop_
_chem_comp_bond.comp_id 
_chem_comp_bond.atom_id_1 
_chem_comp_bond.atom_id_2 
_chem_comp_bond.value_order 
_chem_comp_bond.pdbx_aromatic_flag 
_chem_comp_bond.pdbx_stereo_config 
_chem_comp_bond.pdbx_ordinal 
ALA N   CA   sing N N 1   
ALA N   H    sing N N 2   
ALA N   H2   sing N N 3   
ALA CA  C    sing N N 4   
ALA CA  CB   sing N N 5   
ALA CA  HA   sing N N 6   
ALA C   O    doub N N 7   
ALA C   OXT  sing N N 8   
ALA CB  HB1  sing N N 9   
ALA CB  HB2  sing N N 10  
ALA CB  HB3  sing N N 11  
ALA OXT HXT  sing N N 12  
ARG N   CA   sing N N 13  
ARG N   H    sing N N 14  
ARG N   H2   sing N N 15  
ARG CA  C    sing N N 16  
ARG CA  CB   sing N N 17  
ARG CA  HA   sing N N 18  
ARG C   O    doub N N 19  
ARG C   OXT  sing N N 20  
ARG CB  CG   sing N N 21  
ARG CB  HB2  sing N N 22  
ARG CB  HB3  sing N N 23  
ARG CG  CD   sing N N 24  
ARG CG  HG2  sing N N 25  
ARG CG  HG3  sing N N 26  
ARG CD  NE   sing N N 27  
ARG CD  HD2  sing N N 28  
ARG CD  HD3  sing N N 29  
ARG NE  CZ   sing N N 30  
ARG NE  HE   sing N N 31  
ARG CZ  NH1  sing N N 32  
ARG CZ  NH2  doub N N 33  
ARG NH1 HH11 sing N N 34  
ARG NH1 HH12 sing N N 35  
ARG NH2 HH21 sing N N 36  
ARG NH2 HH22 sing N N 37  
ARG OXT HXT  sing N N 38  
ASN N   CA   sing N N 39  
ASN N   H    sing N N 40  
ASN N   H2   sing N N 41  
ASN CA  C    sing N N 42  
ASN CA  CB   sing N N 43  
ASN CA  HA   sing N N 44  
ASN C   O    doub N N 45  
ASN C   OXT  sing N N 46  
ASN CB  CG   sing N N 47  
ASN CB  HB2  sing N N 48  
ASN CB  HB3  sing N N 49  
ASN CG  OD1  doub N N 50  
ASN CG  ND2  sing N N 51  
ASN ND2 HD21 sing N N 52  
ASN ND2 HD22 sing N N 53  
ASN OXT HXT  sing N N 54  
ASP N   CA   sing N N 55  
ASP N   H    sing N N 56  
ASP N   H2   sing N N 57  
ASP CA  C    sing N N 58  
ASP CA  CB   sing N N 59  
ASP CA  HA   sing N N 60  
ASP C   O    doub N N 61  
ASP C   OXT  sing N N 62  
ASP CB  CG   sing N N 63  
ASP CB  HB2  sing N N 64  
ASP CB  HB3  sing N N 65  
ASP CG  OD1  doub N N 66  
ASP CG  OD2  sing N N 67  
ASP OD2 HD2  sing N N 68  
ASP OXT HXT  sing N N 69  
CYS N   CA   sing N N 70  
CYS N   H    sing N N 71  
CYS N   H2   sing N N 72  
CYS CA  C    sing N N 73  
CYS CA  CB   sing N N 74  
CYS CA  HA   sing N N 75  
CYS C   O    doub N N 76  
CYS C   OXT  sing N N 77  
CYS CB  SG   sing N N 78  
CYS CB  HB2  sing N N 79  
CYS CB  HB3  sing N N 80  
CYS SG  HG   sing N N 81  
CYS OXT HXT  sing N N 82  
GLN N   CA   sing N N 83  
GLN N   H    sing N N 84  
GLN N   H2   sing N N 85  
GLN CA  C    sing N N 86  
GLN CA  CB   sing N N 87  
GLN CA  HA   sing N N 88  
GLN C   O    doub N N 89  
GLN C   OXT  sing N N 90  
GLN CB  CG   sing N N 91  
GLN CB  HB2  sing N N 92  
GLN CB  HB3  sing N N 93  
GLN CG  CD   sing N N 94  
GLN CG  HG2  sing N N 95  
GLN CG  HG3  sing N N 96  
GLN CD  OE1  doub N N 97  
GLN CD  NE2  sing N N 98  
GLN NE2 HE21 sing N N 99  
GLN NE2 HE22 sing N N 100 
GLN OXT HXT  sing N N 101 
GLU N   CA   sing N N 102 
GLU N   H    sing N N 103 
GLU N   H2   sing N N 104 
GLU CA  C    sing N N 105 
GLU CA  CB   sing N N 106 
GLU CA  HA   sing N N 107 
GLU C   O    doub N N 108 
GLU C   OXT  sing N N 109 
GLU CB  CG   sing N N 110 
GLU CB  HB2  sing N N 111 
GLU CB  HB3  sing N N 112 
GLU CG  CD   sing N N 113 
GLU CG  HG2  sing N N 114 
GLU CG  HG3  sing N N 115 
GLU CD  OE1  doub N N 116 
GLU CD  OE2  sing N N 117 
GLU OE2 HE2  sing N N 118 
GLU OXT HXT  sing N N 119 
GLY N   CA   sing N N 120 
GLY N   H    sing N N 121 
GLY N   H2   sing N N 122 
GLY CA  C    sing N N 123 
GLY CA  HA2  sing N N 124 
GLY CA  HA3  sing N N 125 
GLY C   O    doub N N 126 
GLY C   OXT  sing N N 127 
GLY OXT HXT  sing N N 128 
HIS N   CA   sing N N 129 
HIS N   H    sing N N 130 
HIS N   H2   sing N N 131 
HIS CA  C    sing N N 132 
HIS CA  CB   sing N N 133 
HIS CA  HA   sing N N 134 
HIS C   O    doub N N 135 
HIS C   OXT  sing N N 136 
HIS CB  CG   sing N N 137 
HIS CB  HB2  sing N N 138 
HIS CB  HB3  sing N N 139 
HIS CG  ND1  sing Y N 140 
HIS CG  CD2  doub Y N 141 
HIS ND1 CE1  doub Y N 142 
HIS ND1 HD1  sing N N 143 
HIS CD2 NE2  sing Y N 144 
HIS CD2 HD2  sing N N 145 
HIS CE1 NE2  sing Y N 146 
HIS CE1 HE1  sing N N 147 
HIS NE2 HE2  sing N N 148 
HIS OXT HXT  sing N N 149 
HOH O   H1   sing N N 150 
HOH O   H2   sing N N 151 
ILE N   CA   sing N N 152 
ILE N   H    sing N N 153 
ILE N   H2   sing N N 154 
ILE CA  C    sing N N 155 
ILE CA  CB   sing N N 156 
ILE CA  HA   sing N N 157 
ILE C   O    doub N N 158 
ILE C   OXT  sing N N 159 
ILE CB  CG1  sing N N 160 
ILE CB  CG2  sing N N 161 
ILE CB  HB   sing N N 162 
ILE CG1 CD1  sing N N 163 
ILE CG1 HG12 sing N N 164 
ILE CG1 HG13 sing N N 165 
ILE CG2 HG21 sing N N 166 
ILE CG2 HG22 sing N N 167 
ILE CG2 HG23 sing N N 168 
ILE CD1 HD11 sing N N 169 
ILE CD1 HD12 sing N N 170 
ILE CD1 HD13 sing N N 171 
ILE OXT HXT  sing N N 172 
LEU N   CA   sing N N 173 
LEU N   H    sing N N 174 
LEU N   H2   sing N N 175 
LEU CA  C    sing N N 176 
LEU CA  CB   sing N N 177 
LEU CA  HA   sing N N 178 
LEU C   O    doub N N 179 
LEU C   OXT  sing N N 180 
LEU CB  CG   sing N N 181 
LEU CB  HB2  sing N N 182 
LEU CB  HB3  sing N N 183 
LEU CG  CD1  sing N N 184 
LEU CG  CD2  sing N N 185 
LEU CG  HG   sing N N 186 
LEU CD1 HD11 sing N N 187 
LEU CD1 HD12 sing N N 188 
LEU CD1 HD13 sing N N 189 
LEU CD2 HD21 sing N N 190 
LEU CD2 HD22 sing N N 191 
LEU CD2 HD23 sing N N 192 
LEU OXT HXT  sing N N 193 
LYS N   CA   sing N N 194 
LYS N   H    sing N N 195 
LYS N   H2   sing N N 196 
LYS CA  C    sing N N 197 
LYS CA  CB   sing N N 198 
LYS CA  HA   sing N N 199 
LYS C   O    doub N N 200 
LYS C   OXT  sing N N 201 
LYS CB  CG   sing N N 202 
LYS CB  HB2  sing N N 203 
LYS CB  HB3  sing N N 204 
LYS CG  CD   sing N N 205 
LYS CG  HG2  sing N N 206 
LYS CG  HG3  sing N N 207 
LYS CD  CE   sing N N 208 
LYS CD  HD2  sing N N 209 
LYS CD  HD3  sing N N 210 
LYS CE  NZ   sing N N 211 
LYS CE  HE2  sing N N 212 
LYS CE  HE3  sing N N 213 
LYS NZ  HZ1  sing N N 214 
LYS NZ  HZ2  sing N N 215 
LYS NZ  HZ3  sing N N 216 
LYS OXT HXT  sing N N 217 
MET N   CA   sing N N 218 
MET N   H    sing N N 219 
MET N   H2   sing N N 220 
MET CA  C    sing N N 221 
MET CA  CB   sing N N 222 
MET CA  HA   sing N N 223 
MET C   O    doub N N 224 
MET C   OXT  sing N N 225 
MET CB  CG   sing N N 226 
MET CB  HB2  sing N N 227 
MET CB  HB3  sing N N 228 
MET CG  SD   sing N N 229 
MET CG  HG2  sing N N 230 
MET CG  HG3  sing N N 231 
MET SD  CE   sing N N 232 
MET CE  HE1  sing N N 233 
MET CE  HE2  sing N N 234 
MET CE  HE3  sing N N 235 
MET OXT HXT  sing N N 236 
PHE N   CA   sing N N 237 
PHE N   H    sing N N 238 
PHE N   H2   sing N N 239 
PHE CA  C    sing N N 240 
PHE CA  CB   sing N N 241 
PHE CA  HA   sing N N 242 
PHE C   O    doub N N 243 
PHE C   OXT  sing N N 244 
PHE CB  CG   sing N N 245 
PHE CB  HB2  sing N N 246 
PHE CB  HB3  sing N N 247 
PHE CG  CD1  doub Y N 248 
PHE CG  CD2  sing Y N 249 
PHE CD1 CE1  sing Y N 250 
PHE CD1 HD1  sing N N 251 
PHE CD2 CE2  doub Y N 252 
PHE CD2 HD2  sing N N 253 
PHE CE1 CZ   doub Y N 254 
PHE CE1 HE1  sing N N 255 
PHE CE2 CZ   sing Y N 256 
PHE CE2 HE2  sing N N 257 
PHE CZ  HZ   sing N N 258 
PHE OXT HXT  sing N N 259 
PRO N   CA   sing N N 260 
PRO N   CD   sing N N 261 
PRO N   H    sing N N 262 
PRO CA  C    sing N N 263 
PRO CA  CB   sing N N 264 
PRO CA  HA   sing N N 265 
PRO C   O    doub N N 266 
PRO C   OXT  sing N N 267 
PRO CB  CG   sing N N 268 
PRO CB  HB2  sing N N 269 
PRO CB  HB3  sing N N 270 
PRO CG  CD   sing N N 271 
PRO CG  HG2  sing N N 272 
PRO CG  HG3  sing N N 273 
PRO CD  HD2  sing N N 274 
PRO CD  HD3  sing N N 275 
PRO OXT HXT  sing N N 276 
SER N   CA   sing N N 277 
SER N   H    sing N N 278 
SER N   H2   sing N N 279 
SER CA  C    sing N N 280 
SER CA  CB   sing N N 281 
SER CA  HA   sing N N 282 
SER C   O    doub N N 283 
SER C   OXT  sing N N 284 
SER CB  OG   sing N N 285 
SER CB  HB2  sing N N 286 
SER CB  HB3  sing N N 287 
SER OG  HG   sing N N 288 
SER OXT HXT  sing N N 289 
THR N   CA   sing N N 290 
THR N   H    sing N N 291 
THR N   H2   sing N N 292 
THR CA  C    sing N N 293 
THR CA  CB   sing N N 294 
THR CA  HA   sing N N 295 
THR C   O    doub N N 296 
THR C   OXT  sing N N 297 
THR CB  OG1  sing N N 298 
THR CB  CG2  sing N N 299 
THR CB  HB   sing N N 300 
THR OG1 HG1  sing N N 301 
THR CG2 HG21 sing N N 302 
THR CG2 HG22 sing N N 303 
THR CG2 HG23 sing N N 304 
THR OXT HXT  sing N N 305 
TRP N   CA   sing N N 306 
TRP N   H    sing N N 307 
TRP N   H2   sing N N 308 
TRP CA  C    sing N N 309 
TRP CA  CB   sing N N 310 
TRP CA  HA   sing N N 311 
TRP C   O    doub N N 312 
TRP C   OXT  sing N N 313 
TRP CB  CG   sing N N 314 
TRP CB  HB2  sing N N 315 
TRP CB  HB3  sing N N 316 
TRP CG  CD1  doub Y N 317 
TRP CG  CD2  sing Y N 318 
TRP CD1 NE1  sing Y N 319 
TRP CD1 HD1  sing N N 320 
TRP CD2 CE2  doub Y N 321 
TRP CD2 CE3  sing Y N 322 
TRP NE1 CE2  sing Y N 323 
TRP NE1 HE1  sing N N 324 
TRP CE2 CZ2  sing Y N 325 
TRP CE3 CZ3  doub Y N 326 
TRP CE3 HE3  sing N N 327 
TRP CZ2 CH2  doub Y N 328 
TRP CZ2 HZ2  sing N N 329 
TRP CZ3 CH2  sing Y N 330 
TRP CZ3 HZ3  sing N N 331 
TRP CH2 HH2  sing N N 332 
TRP OXT HXT  sing N N 333 
TYR N   CA   sing N N 334 
TYR N   H    sing N N 335 
TYR N   H2   sing N N 336 
TYR CA  C    sing N N 337 
TYR CA  CB   sing N N 338 
TYR CA  HA   sing N N 339 
TYR C   O    doub N N 340 
TYR C   OXT  sing N N 341 
TYR CB  CG   sing N N 342 
TYR CB  HB2  sing N N 343 
TYR CB  HB3  sing N N 344 
TYR CG  CD1  doub Y N 345 
TYR CG  CD2  sing Y N 346 
TYR CD1 CE1  sing Y N 347 
TYR CD1 HD1  sing N N 348 
TYR CD2 CE2  doub Y N 349 
TYR CD2 HD2  sing N N 350 
TYR CE1 CZ   doub Y N 351 
TYR CE1 HE1  sing N N 352 
TYR CE2 CZ   sing Y N 353 
TYR CE2 HE2  sing N N 354 
TYR CZ  OH   sing N N 355 
TYR OH  HH   sing N N 356 
TYR OXT HXT  sing N N 357 
VAL N   CA   sing N N 358 
VAL N   H    sing N N 359 
VAL N   H2   sing N N 360 
VAL CA  C    sing N N 361 
VAL CA  CB   sing N N 362 
VAL CA  HA   sing N N 363 
VAL C   O    doub N N 364 
VAL C   OXT  sing N N 365 
VAL CB  CG1  sing N N 366 
VAL CB  CG2  sing N N 367 
VAL CB  HB   sing N N 368 
VAL CG1 HG11 sing N N 369 
VAL CG1 HG12 sing N N 370 
VAL CG1 HG13 sing N N 371 
VAL CG2 HG21 sing N N 372 
VAL CG2 HG22 sing N N 373 
VAL CG2 HG23 sing N N 374 
VAL OXT HXT  sing N N 375 
# 
_pdbx_initial_refinement_model.accession_code   ? 
_pdbx_initial_refinement_model.id               1 
_pdbx_initial_refinement_model.entity_id_list   ? 
_pdbx_initial_refinement_model.type             'experimental model' 
_pdbx_initial_refinement_model.source_name      Other 
_pdbx_initial_refinement_model.details          'holo rat CRBPII' 
# 
_atom_sites.entry_id                    1KQX 
_atom_sites.fract_transf_matrix[1][1]   0.00840474 
_atom_sites.fract_transf_matrix[1][2]   0.00733887 
_atom_sites.fract_transf_matrix[1][3]   0.00155696 
_atom_sites.fract_transf_matrix[2][1]   -0.00300308 
_atom_sites.fract_transf_matrix[2][2]   0.00543368 
_atom_sites.fract_transf_matrix[2][3]   -0.00940103 
_atom_sites.fract_transf_matrix[3][1]   -0.01587653 
_atom_sites.fract_transf_matrix[3][2]   0.01523793 
_atom_sites.fract_transf_matrix[3][3]   0.01387896 
_atom_sites.fract_transf_vector[1]      0.209985 
_atom_sites.fract_transf_vector[2]      0.635995 
_atom_sites.fract_transf_vector[3]      -0.005886 
# 
loop_
_atom_type.symbol 
C 
N 
O 
S 
# 
loop_
_atom_site.group_PDB 
_atom_site.id 
_atom_site.type_symbol 
_atom_site.label_atom_id 
_atom_site.label_alt_id 
_atom_site.label_comp_id 
_atom_site.label_asym_id 
_atom_site.label_entity_id 
_atom_site.label_seq_id 
_atom_site.pdbx_PDB_ins_code 
_atom_site.Cartn_x 
_atom_site.Cartn_y 
_atom_site.Cartn_z 
_atom_site.occupancy 
_atom_site.B_iso_or_equiv 
_atom_site.pdbx_formal_charge 
_atom_site.auth_seq_id 
_atom_site.auth_comp_id 
_atom_site.auth_asym_id 
_atom_site.auth_atom_id 
_atom_site.pdbx_PDB_model_num 
ATOM   1    N N   . PRO A 1 1   ? 18.313  4.832   1.164   1.00 58.56  ? 1   PRO A N   1 
ATOM   2    C CA  . PRO A 1 1   ? 17.811  6.105   0.636   1.00 53.56  ? 1   PRO A CA  1 
ATOM   3    C C   . PRO A 1 1   ? 16.951  6.858   1.647   1.00 50.91  ? 1   PRO A C   1 
ATOM   4    O O   . PRO A 1 1   ? 17.462  7.610   2.480   1.00 66.14  ? 1   PRO A O   1 
ATOM   5    C CB  . PRO A 1 1   ? 16.955  5.689   -0.562  1.00 45.65  ? 1   PRO A CB  1 
ATOM   6    C CG  . PRO A 1 1   ? 16.690  4.241   -0.356  1.00 43.33  ? 1   PRO A CG  1 
ATOM   7    C CD  . PRO A 1 1   ? 17.916  3.686   0.325   1.00 52.70  ? 1   PRO A CD  1 
ATOM   8    N N   . ALA A 1 2   ? 15.637  6.666   1.573   1.00 43.66  ? 2   ALA A N   1 
ATOM   9    C CA  . ALA A 1 2   ? 14.721  7.413   2.424   1.00 42.64  ? 2   ALA A CA  1 
ATOM   10   C C   . ALA A 1 2   ? 14.546  6.782   3.805   1.00 27.75  ? 2   ALA A C   1 
ATOM   11   O O   . ALA A 1 2   ? 14.899  5.619   3.941   1.00 36.08  ? 2   ALA A O   1 
ATOM   12   C CB  . ALA A 1 2   ? 13.368  7.507   1.729   1.00 45.39  ? 2   ALA A CB  1 
ATOM   13   N N   . ASP A 1 3   ? 13.996  7.538   4.745   1.00 23.58  ? 3   ASP A N   1 
ATOM   14   C CA  . ASP A 1 3   ? 13.597  7.017   6.047   1.00 35.31  ? 3   ASP A CA  1 
ATOM   15   C C   . ASP A 1 3   ? 12.076  7.010   6.229   1.00 31.59  ? 3   ASP A C   1 
ATOM   16   O O   . ASP A 1 3   ? 11.460  8.023   6.562   1.00 23.98  ? 3   ASP A O   1 
ATOM   17   C CB  . ASP A 1 3   ? 14.245  7.800   7.192   1.00 42.89  ? 3   ASP A CB  1 
ATOM   18   C CG  . ASP A 1 3   ? 14.179  7.085   8.531   1.00 41.64  ? 3   ASP A CG  1 
ATOM   19   O OD1 . ASP A 1 3   ? 13.286  6.233   8.736   1.00 30.53  ? 3   ASP A OD1 1 
ATOM   20   O OD2 . ASP A 1 3   ? 15.027  7.375   9.406   1.00 40.04  ? 3   ASP A OD2 1 
ATOM   21   N N   . PHE A 1 4   ? 11.466  5.842   6.026   1.00 19.58  ? 4   PHE A N   1 
ATOM   22   C CA  . PHE A 1 4   ? 10.032  5.677   6.196   1.00 18.75  ? 4   PHE A CA  1 
ATOM   23   C C   . PHE A 1 4   ? 9.598   5.389   7.633   1.00 15.56  ? 4   PHE A C   1 
ATOM   24   O O   . PHE A 1 4   ? 8.390   5.281   7.865   1.00 16.86  ? 4   PHE A O   1 
ATOM   25   C CB  . PHE A 1 4   ? 9.529   4.536   5.285   1.00 16.16  ? 4   PHE A CB  1 
ATOM   26   C CG  . PHE A 1 4   ? 9.721   4.870   3.804   1.00 15.12  ? 4   PHE A CG  1 
ATOM   27   C CD1 . PHE A 1 4   ? 8.631   5.335   3.075   1.00 16.57  ? 4   PHE A CD1 1 
ATOM   28   C CD2 . PHE A 1 4   ? 10.944  4.717   3.182   1.00 18.35  ? 4   PHE A CD2 1 
ATOM   29   C CE1 . PHE A 1 4   ? 8.781   5.659   1.729   1.00 17.91  ? 4   PHE A CE1 1 
ATOM   30   C CE2 . PHE A 1 4   ? 11.110  5.040   1.830   1.00 13.74  ? 4   PHE A CE2 1 
ATOM   31   C CZ  . PHE A 1 4   ? 10.015  5.492   1.119   1.00 14.29  ? 4   PHE A CZ  1 
ATOM   32   N N   . ASN A 1 5   ? 10.527  5.272   8.593   1.00 18.91  ? 5   ASN A N   1 
ATOM   33   C CA  . ASN A 1 5   ? 10.134  4.993   9.971   1.00 17.17  ? 5   ASN A CA  1 
ATOM   34   C C   . ASN A 1 5   ? 9.094   5.998   10.471  1.00 20.10  ? 5   ASN A C   1 
ATOM   35   O O   . ASN A 1 5   ? 9.310   7.200   10.298  1.00 22.32  ? 5   ASN A O   1 
ATOM   36   C CB  . ASN A 1 5   ? 11.332  5.036   10.922  1.00 16.88  ? 5   ASN A CB  1 
ATOM   37   C CG  . ASN A 1 5   ? 12.101  3.727   10.906  1.00 20.86  ? 5   ASN A CG  1 
ATOM   38   O OD1 . ASN A 1 5   ? 11.653  2.753   11.507  1.00 19.22  ? 5   ASN A OD1 1 
ATOM   39   N ND2 . ASN A 1 5   ? 13.228  3.730   10.192  1.00 23.01  ? 5   ASN A ND2 1 
ATOM   40   N N   . GLY A 1 6   ? 8.023   5.490   11.070  1.00 17.91  ? 6   GLY A N   1 
ATOM   41   C CA  . GLY A 1 6   ? 7.088   6.325   11.787  1.00 18.60  ? 6   GLY A CA  1 
ATOM   42   C C   . GLY A 1 6   ? 5.672   5.785   11.744  1.00 20.91  ? 6   GLY A C   1 
ATOM   43   O O   . GLY A 1 6   ? 5.485   4.694   11.212  1.00 21.20  ? 6   GLY A O   1 
ATOM   44   N N   . THR A 1 7   ? 4.766   6.572   12.292  1.00 16.46  ? 7   THR A N   1 
ATOM   45   C CA  . THR A 1 7   ? 3.325   6.414   12.250  1.00 19.62  ? 7   THR A CA  1 
ATOM   46   C C   . THR A 1 7   ? 2.784   7.524   11.346  1.00 20.66  ? 7   THR A C   1 
ATOM   47   O O   . THR A 1 7   ? 3.140   8.681   11.534  1.00 17.36  ? 7   THR A O   1 
ATOM   48   C CB  . THR A 1 7   ? 2.634   6.539   13.615  1.00 21.24  ? 7   THR A CB  1 
ATOM   49   O OG1 . THR A 1 7   ? 3.042   5.455   14.461  1.00 34.10  ? 7   THR A OG1 1 
ATOM   50   C CG2 . THR A 1 7   ? 1.131   6.415   13.481  1.00 19.04  ? 7   THR A CG2 1 
ATOM   51   N N   . TRP A 1 8   ? 1.970   7.133   10.379  1.00 15.39  ? 8   TRP A N   1 
ATOM   52   C CA  . TRP A 1 8   ? 1.505   8.090   9.380   1.00 16.54  ? 8   TRP A CA  1 
ATOM   53   C C   . TRP A 1 8   ? -0.008  7.951   9.250   1.00 21.64  ? 8   TRP A C   1 
ATOM   54   O O   . TRP A 1 8   ? -0.502  6.851   8.977   1.00 24.56  ? 8   TRP A O   1 
ATOM   55   C CB  . TRP A 1 8   ? 2.163   7.845   8.025   1.00 20.83  ? 8   TRP A CB  1 
ATOM   56   C CG  . TRP A 1 8   ? 3.631   7.579   8.005   1.00 11.93  ? 8   TRP A CG  1 
ATOM   57   C CD1 . TRP A 1 8   ? 4.304   6.440   8.371   1.00 18.47  ? 8   TRP A CD1 1 
ATOM   58   C CD2 . TRP A 1 8   ? 4.620   8.518   7.578   1.00 17.97  ? 8   TRP A CD2 1 
ATOM   59   N NE1 . TRP A 1 8   ? 5.661   6.620   8.193   1.00 19.19  ? 8   TRP A NE1 1 
ATOM   60   C CE2 . TRP A 1 8   ? 5.878   7.889   7.707   1.00 21.98  ? 8   TRP A CE2 1 
ATOM   61   C CE3 . TRP A 1 8   ? 4.549   9.832   7.097   1.00 14.66  ? 8   TRP A CE3 1 
ATOM   62   C CZ2 . TRP A 1 8   ? 7.071   8.535   7.371   1.00 21.28  ? 8   TRP A CZ2 1 
ATOM   63   C CZ3 . TRP A 1 8   ? 5.733   10.455  6.767   1.00 17.64  ? 8   TRP A CZ3 1 
ATOM   64   C CH2 . TRP A 1 8   ? 6.976   9.821   6.899   1.00 19.22  ? 8   TRP A CH2 1 
ATOM   65   N N   . GLU A 1 9   ? -0.717  9.045   9.461   1.00 18.09  ? 9   GLU A N   1 
ATOM   66   C CA  . GLU A 1 9   ? -2.169  9.016   9.433   1.00 12.70  ? 9   GLU A CA  1 
ATOM   67   C C   . GLU A 1 9   ? -2.668  9.634   8.139   1.00 13.38  ? 9   GLU A C   1 
ATOM   68   O O   . GLU A 1 9   ? -2.185  10.642  7.620   1.00 16.24  ? 9   GLU A O   1 
ATOM   69   C CB  . GLU A 1 9   ? -2.789  9.746   10.631  1.00 20.96  ? 9   GLU A CB  1 
ATOM   70   C CG  . GLU A 1 9   ? -2.005  9.542   11.911  1.00 28.01  ? 9   GLU A CG  1 
ATOM   71   C CD  . GLU A 1 9   ? -2.679  10.074  13.158  1.00 40.16  ? 9   GLU A CD  1 
ATOM   72   O OE1 . GLU A 1 9   ? -2.362  11.229  13.526  1.00 68.51  ? 9   GLU A OE1 1 
ATOM   73   O OE2 . GLU A 1 9   ? -3.500  9.339   13.759  1.00 38.63  ? 9   GLU A OE2 1 
ATOM   74   N N   . MET A 1 10  ? -3.697  8.961   7.620   1.00 16.75  ? 10  MET A N   1 
ATOM   75   C CA  . MET A 1 10  ? -4.115  9.338   6.269   1.00 14.91  ? 10  MET A CA  1 
ATOM   76   C C   . MET A 1 10  ? -4.696  10.746  6.245   1.00 16.26  ? 10  MET A C   1 
ATOM   77   O O   . MET A 1 10  ? -5.484  11.084  7.132   1.00 23.49  ? 10  MET A O   1 
ATOM   78   C CB  . MET A 1 10  ? -5.108  8.293   5.751   1.00 24.33  ? 10  MET A CB  1 
ATOM   79   C CG  . MET A 1 10  ? -6.049  8.750   4.647   1.00 28.20  ? 10  MET A CG  1 
ATOM   80   S SD  . MET A 1 10  ? -7.111  7.358   4.113   1.00 28.44  ? 10  MET A SD  1 
ATOM   81   C CE  . MET A 1 10  ? -5.833  6.437   3.250   1.00 13.00  ? 10  MET A CE  1 
ATOM   82   N N   . LEU A 1 11  ? -4.288  11.528  5.251   1.00 14.42  ? 11  LEU A N   1 
ATOM   83   C CA  . LEU A 1 11  ? -4.796  12.850  4.959   1.00 15.79  ? 11  LEU A CA  1 
ATOM   84   C C   . LEU A 1 11  ? -5.861  12.774  3.869   1.00 21.24  ? 11  LEU A C   1 
ATOM   85   O O   . LEU A 1 11  ? -6.910  13.411  3.916   1.00 24.68  ? 11  LEU A O   1 
ATOM   86   C CB  . LEU A 1 11  ? -3.693  13.779  4.459   1.00 25.87  ? 11  LEU A CB  1 
ATOM   87   C CG  . LEU A 1 11  ? -2.652  14.265  5.461   1.00 34.76  ? 11  LEU A CG  1 
ATOM   88   C CD1 . LEU A 1 11  ? -1.886  15.442  4.872   1.00 37.20  ? 11  LEU A CD1 1 
ATOM   89   C CD2 . LEU A 1 11  ? -3.305  14.641  6.781   1.00 48.17  ? 11  LEU A CD2 1 
ATOM   90   N N   . SER A 1 12  ? -5.542  11.969  2.848   1.00 17.41  ? 12  SER A N   1 
ATOM   91   C CA  . SER A 1 12  ? -6.397  11.943  1.666   1.00 17.53  ? 12  SER A CA  1 
ATOM   92   C C   . SER A 1 12  ? -6.343  10.563  1.007   1.00 19.42  ? 12  SER A C   1 
ATOM   93   O O   . SER A 1 12  ? -5.348  9.866   1.193   1.00 12.48  ? 12  SER A O   1 
ATOM   94   C CB  . SER A 1 12  ? -5.949  13.007  0.672   1.00 24.38  ? 12  SER A CB  1 
ATOM   95   O OG  . SER A 1 12  ? -4.609  12.781  0.221   1.00 23.93  ? 12  SER A OG  1 
ATOM   96   N N   . ASN A 1 13  ? -7.384  10.229  0.261   1.00 15.28  ? 13  ASN A N   1 
ATOM   97   C CA  . ASN A 1 13  ? -7.498  8.951   -0.449  1.00 9.62   ? 13  ASN A CA  1 
ATOM   98   C C   . ASN A 1 13  ? -8.310  9.193   -1.718  1.00 19.10  ? 13  ASN A C   1 
ATOM   99   O O   . ASN A 1 13  ? -9.531  9.375   -1.629  1.00 26.97  ? 13  ASN A O   1 
ATOM   100  C CB  . ASN A 1 13  ? -8.140  7.935   0.479   1.00 18.48  ? 13  ASN A CB  1 
ATOM   101  C CG  . ASN A 1 13  ? -8.136  6.486   0.062   1.00 20.08  ? 13  ASN A CG  1 
ATOM   102  O OD1 . ASN A 1 13  ? -7.465  6.064   -0.883  1.00 19.45  ? 13  ASN A OD1 1 
ATOM   103  N ND2 . ASN A 1 13  ? -8.906  5.647   0.763   1.00 20.50  ? 13  ASN A ND2 1 
ATOM   104  N N   . ASP A 1 14  ? -7.679  9.235   -2.878  1.00 16.59  ? 14  ASP A N   1 
ATOM   105  C CA  . ASP A 1 14  ? -8.354  9.537   -4.131  1.00 16.90  ? 14  ASP A CA  1 
ATOM   106  C C   . ASP A 1 14  ? -8.350  8.326   -5.068  1.00 14.62  ? 14  ASP A C   1 
ATOM   107  O O   . ASP A 1 14  ? -7.356  7.612   -5.187  1.00 16.33  ? 14  ASP A O   1 
ATOM   108  C CB  . ASP A 1 14  ? -7.719  10.756  -4.814  1.00 17.07  ? 14  ASP A CB  1 
ATOM   109  C CG  . ASP A 1 14  ? -7.909  12.013  -3.965  1.00 30.30  ? 14  ASP A CG  1 
ATOM   110  O OD1 . ASP A 1 14  ? -6.946  12.782  -3.772  1.00 30.47  ? 14  ASP A OD1 1 
ATOM   111  O OD2 . ASP A 1 14  ? -9.021  12.274  -3.465  1.00 28.34  ? 14  ASP A OD2 1 
ATOM   112  N N   . ASN A 1 15  ? -9.485  8.076   -5.704  1.00 10.10  ? 15  ASN A N   1 
ATOM   113  C CA  . ASN A 1 15  ? -9.635  7.004   -6.679  1.00 13.23  ? 15  ASN A CA  1 
ATOM   114  C C   . ASN A 1 15  ? -9.461  5.606   -6.092  1.00 11.22  ? 15  ASN A C   1 
ATOM   115  O O   . ASN A 1 15  ? -9.120  4.677   -6.830  1.00 12.73  ? 15  ASN A O   1 
ATOM   116  C CB  . ASN A 1 15  ? -8.631  7.263   -7.820  1.00 14.81  ? 15  ASN A CB  1 
ATOM   117  C CG  . ASN A 1 15  ? -9.104  8.426   -8.665  1.00 23.26  ? 15  ASN A CG  1 
ATOM   118  O OD1 . ASN A 1 15  ? -9.877  8.239   -9.613  1.00 28.08  ? 15  ASN A OD1 1 
ATOM   119  N ND2 . ASN A 1 15  ? -8.656  9.626   -8.332  1.00 12.55  ? 15  ASN A ND2 1 
ATOM   120  N N   . PHE A 1 16  ? -9.712  5.465   -4.793  1.00 12.91  ? 16  PHE A N   1 
ATOM   121  C CA  . PHE A 1 16  ? -9.622  4.171   -4.113  1.00 11.32  ? 16  PHE A CA  1 
ATOM   122  C C   . PHE A 1 16  ? -10.625 3.202   -4.714  1.00 16.27  ? 16  PHE A C   1 
ATOM   123  O O   . PHE A 1 16  ? -10.358 2.035   -5.001  1.00 17.12  ? 16  PHE A O   1 
ATOM   124  C CB  . PHE A 1 16  ? -9.875  4.384   -2.622  1.00 10.82  ? 16  PHE A CB  1 
ATOM   125  C CG  . PHE A 1 16  ? -9.525  3.195   -1.741  1.00 17.32  ? 16  PHE A CG  1 
ATOM   126  C CD1 . PHE A 1 16  ? -8.375  2.462   -1.928  1.00 22.12  ? 16  PHE A CD1 1 
ATOM   127  C CD2 . PHE A 1 16  ? -10.376 2.831   -0.716  1.00 24.74  ? 16  PHE A CD2 1 
ATOM   128  C CE1 . PHE A 1 16  ? -8.078  1.382   -1.104  1.00 26.95  ? 16  PHE A CE1 1 
ATOM   129  C CE2 . PHE A 1 16  ? -10.111 1.755   0.107   1.00 31.50  ? 16  PHE A CE2 1 
ATOM   130  C CZ  . PHE A 1 16  ? -8.951  1.030   -0.096  1.00 33.30  ? 16  PHE A CZ  1 
ATOM   131  N N   . GLU A 1 17  ? -11.853 3.688   -4.943  1.00 14.46  ? 17  GLU A N   1 
ATOM   132  C CA  . GLU A 1 17  ? -12.869 2.811   -5.503  1.00 14.23  ? 17  GLU A CA  1 
ATOM   133  C C   . GLU A 1 17  ? -12.534 2.307   -6.895  1.00 10.75  ? 17  GLU A C   1 
ATOM   134  O O   . GLU A 1 17  ? -12.901 1.176   -7.219  1.00 14.55  ? 17  GLU A O   1 
ATOM   135  C CB  . GLU A 1 17  ? -14.201 3.580   -5.575  1.00 25.27  ? 17  GLU A CB  1 
ATOM   136  C CG  . GLU A 1 17  ? -14.650 4.051   -4.194  1.00 40.65  ? 17  GLU A CG  1 
ATOM   137  C CD  . GLU A 1 17  ? -15.896 4.923   -4.279  1.00 51.96  ? 17  GLU A CD  1 
ATOM   138  O OE1 . GLU A 1 17  ? -16.989 4.319   -4.356  1.00 43.79  ? 17  GLU A OE1 1 
ATOM   139  O OE2 . GLU A 1 17  ? -15.745 6.169   -4.272  1.00 39.91  ? 17  GLU A OE2 1 
ATOM   140  N N   . ASP A 1 18  ? -11.854 3.115   -7.705  1.00 12.04  ? 18  ASP A N   1 
ATOM   141  C CA  . ASP A 1 18  ? -11.449 2.619   -9.025  1.00 15.59  ? 18  ASP A CA  1 
ATOM   142  C C   . ASP A 1 18  ? -10.582 1.365   -8.932  1.00 17.51  ? 18  ASP A C   1 
ATOM   143  O O   . ASP A 1 18  ? -10.772 0.390   -9.652  1.00 17.04  ? 18  ASP A O   1 
ATOM   144  C CB  . ASP A 1 18  ? -10.614 3.654   -9.795  1.00 11.68  ? 18  ASP A CB  1 
ATOM   145  C CG  . ASP A 1 18  ? -11.423 4.814   -10.315 1.00 19.19  ? 18  ASP A CG  1 
ATOM   146  O OD1 . ASP A 1 18  ? -12.652 4.684   -10.437 1.00 24.54  ? 18  ASP A OD1 1 
ATOM   147  O OD2 . ASP A 1 18  ? -10.819 5.864   -10.619 1.00 29.47  ? 18  ASP A OD2 1 
ATOM   148  N N   . VAL A 1 19  ? -9.590  1.404   -8.037  1.00 13.45  ? 19  VAL A N   1 
ATOM   149  C CA  . VAL A 1 19  ? -8.691  0.266   -7.861  1.00 11.46  ? 19  VAL A CA  1 
ATOM   150  C C   . VAL A 1 19  ? -9.437  -0.879  -7.209  1.00 15.34  ? 19  VAL A C   1 
ATOM   151  O O   . VAL A 1 19  ? -9.230  -2.028  -7.574  1.00 12.68  ? 19  VAL A O   1 
ATOM   152  C CB  . VAL A 1 19  ? -7.459  0.661   -7.016  1.00 16.29  ? 19  VAL A CB  1 
ATOM   153  C CG1 . VAL A 1 19  ? -6.589  -0.533  -6.674  1.00 17.08  ? 19  VAL A CG1 1 
ATOM   154  C CG2 . VAL A 1 19  ? -6.654  1.708   -7.775  1.00 12.56  ? 19  VAL A CG2 1 
ATOM   155  N N   . MET A 1 20  ? -10.322 -0.547  -6.246  1.00 12.61  ? 20  MET A N   1 
ATOM   156  C CA  . MET A 1 20  ? -11.020 -1.663  -5.617  1.00 13.84  ? 20  MET A CA  1 
ATOM   157  C C   . MET A 1 20  ? -11.903 -2.378  -6.637  1.00 17.33  ? 20  MET A C   1 
ATOM   158  O O   . MET A 1 20  ? -11.922 -3.611  -6.668  1.00 14.11  ? 20  MET A O   1 
ATOM   159  C CB  . MET A 1 20  ? -11.869 -1.217  -4.428  1.00 11.83  ? 20  MET A CB  1 
ATOM   160  C CG  . MET A 1 20  ? -11.033 -0.892  -3.197  1.00 12.79  ? 20  MET A CG  1 
ATOM   161  S SD  . MET A 1 20  ? -12.083 -0.590  -1.754  1.00 19.49  ? 20  MET A SD  1 
ATOM   162  C CE  . MET A 1 20  ? -12.945 0.886   -2.311  1.00 15.14  ? 20  MET A CE  1 
ATOM   163  N N   . LYS A 1 21  ? -12.612 -1.609  -7.453  1.00 21.00  ? 21  LYS A N   1 
ATOM   164  C CA  . LYS A 1 21  ? -13.397 -2.226  -8.542  1.00 25.79  ? 21  LYS A CA  1 
ATOM   165  C C   . LYS A 1 21  ? -12.500 -3.040  -9.471  1.00 21.42  ? 21  LYS A C   1 
ATOM   166  O O   . LYS A 1 21  ? -12.848 -4.154  -9.862  1.00 17.55  ? 21  LYS A O   1 
ATOM   167  C CB  . LYS A 1 21  ? -14.165 -1.141  -9.299  1.00 19.82  ? 21  LYS A CB  1 
ATOM   168  C CG  . LYS A 1 21  ? -15.114 -1.646  -10.380 1.00 19.59  ? 21  LYS A CG  1 
ATOM   169  C CD  . LYS A 1 21  ? -15.790 -0.494  -11.112 1.00 27.95  ? 21  LYS A CD  1 
ATOM   170  C CE  . LYS A 1 21  ? -16.599 -0.986  -12.305 1.00 43.04  ? 21  LYS A CE  1 
ATOM   171  N NZ  . LYS A 1 21  ? -17.127 0.127   -13.144 1.00 46.24  ? 21  LYS A NZ  1 
ATOM   172  N N   . ALA A 1 22  ? -11.323 -2.541  -9.871  1.00 13.95  ? 22  ALA A N   1 
ATOM   173  C CA  . ALA A 1 22  ? -10.380 -3.322  -10.676 1.00 16.16  ? 22  ALA A CA  1 
ATOM   174  C C   . ALA A 1 22  ? -10.026 -4.640  -9.983  1.00 22.60  ? 22  ALA A C   1 
ATOM   175  O O   . ALA A 1 22  ? -9.752  -5.632  -10.663 1.00 21.33  ? 22  ALA A O   1 
ATOM   176  C CB  . ALA A 1 22  ? -9.117  -2.518  -10.967 1.00 12.94  ? 22  ALA A CB  1 
ATOM   177  N N   . LEU A 1 23  ? -10.032 -4.723  -8.654  1.00 10.64  ? 23  LEU A N   1 
ATOM   178  C CA  . LEU A 1 23  ? -9.719  -5.959  -7.944  1.00 13.58  ? 23  LEU A CA  1 
ATOM   179  C C   . LEU A 1 23  ? -10.925 -6.874  -7.708  1.00 14.35  ? 23  LEU A C   1 
ATOM   180  O O   . LEU A 1 23  ? -10.808 -7.871  -7.004  1.00 18.49  ? 23  LEU A O   1 
ATOM   181  C CB  . LEU A 1 23  ? -9.093  -5.605  -6.578  1.00 17.99  ? 23  LEU A CB  1 
ATOM   182  C CG  . LEU A 1 23  ? -7.731  -4.913  -6.684  1.00 18.28  ? 23  LEU A CG  1 
ATOM   183  C CD1 . LEU A 1 23  ? -7.293  -4.323  -5.349  1.00 18.35  ? 23  LEU A CD1 1 
ATOM   184  C CD2 . LEU A 1 23  ? -6.696  -5.909  -7.185  1.00 15.48  ? 23  LEU A CD2 1 
ATOM   185  N N   . ASP A 1 24  ? -12.059 -6.512  -8.287  1.00 15.81  ? 24  ASP A N   1 
ATOM   186  C CA  . ASP A 1 24  ? -13.319 -7.227  -8.138  1.00 25.08  ? 24  ASP A CA  1 
ATOM   187  C C   . ASP A 1 24  ? -13.848 -7.177  -6.711  1.00 19.76  ? 24  ASP A C   1 
ATOM   188  O O   . ASP A 1 24  ? -14.575 -8.082  -6.273  1.00 24.59  ? 24  ASP A O   1 
ATOM   189  C CB  . ASP A 1 24  ? -13.144 -8.693  -8.568  1.00 30.27  ? 24  ASP A CB  1 
ATOM   190  C CG  . ASP A 1 24  ? -12.436 -8.823  -9.897  1.00 26.96  ? 24  ASP A CG  1 
ATOM   191  O OD1 . ASP A 1 24  ? -12.820 -8.064  -10.820 1.00 34.80  ? 24  ASP A OD1 1 
ATOM   192  O OD2 . ASP A 1 24  ? -11.527 -9.663  -10.034 1.00 31.05  ? 24  ASP A OD2 1 
ATOM   193  N N   . ILE A 1 25  ? -13.511 -6.143  -5.938  1.00 13.92  ? 25  ILE A N   1 
ATOM   194  C CA  . ILE A 1 25  ? -14.122 -6.048  -4.600  1.00 17.33  ? 25  ILE A CA  1 
ATOM   195  C C   . ILE A 1 25  ? -15.571 -5.612  -4.793  1.00 25.17  ? 25  ILE A C   1 
ATOM   196  O O   . ILE A 1 25  ? -15.817 -4.665  -5.558  1.00 18.30  ? 25  ILE A O   1 
ATOM   197  C CB  . ILE A 1 25  ? -13.299 -5.126  -3.705  1.00 17.05  ? 25  ILE A CB  1 
ATOM   198  C CG1 . ILE A 1 25  ? -11.898 -5.716  -3.424  1.00 17.54  ? 25  ILE A CG1 1 
ATOM   199  C CG2 . ILE A 1 25  ? -13.965 -4.794  -2.385  1.00 12.87  ? 25  ILE A CG2 1 
ATOM   200  C CD1 . ILE A 1 25  ? -10.893 -4.684  -3.004  1.00 18.66  ? 25  ILE A CD1 1 
ATOM   201  N N   . ASP A 1 26  ? -16.536 -6.278  -4.148  1.00 16.84  ? 26  ASP A N   1 
ATOM   202  C CA  . ASP A 1 26  ? -17.945 -5.915  -4.350  1.00 21.52  ? 26  ASP A CA  1 
ATOM   203  C C   . ASP A 1 26  ? -18.330 -4.514  -3.910  1.00 17.47  ? 26  ASP A C   1 
ATOM   204  O O   . ASP A 1 26  ? -17.810 -3.912  -2.971  1.00 13.57  ? 26  ASP A O   1 
ATOM   205  C CB  . ASP A 1 26  ? -18.821 -6.928  -3.593  1.00 30.09  ? 26  ASP A CB  1 
ATOM   206  C CG  . ASP A 1 26  ? -18.854 -6.740  -2.084  1.00 23.61  ? 26  ASP A CG  1 
ATOM   207  O OD1 . ASP A 1 26  ? -18.428 -7.680  -1.376  1.00 57.51  ? 26  ASP A OD1 1 
ATOM   208  O OD2 . ASP A 1 26  ? -19.316 -5.699  -1.575  1.00 46.68  ? 26  ASP A OD2 1 
ATOM   209  N N   . PHE A 1 27  ? -19.323 -3.929  -4.588  1.00 18.89  ? 27  PHE A N   1 
ATOM   210  C CA  . PHE A 1 27  ? -19.717 -2.551  -4.371  1.00 17.09  ? 27  PHE A CA  1 
ATOM   211  C C   . PHE A 1 27  ? -20.041 -2.224  -2.916  1.00 17.67  ? 27  PHE A C   1 
ATOM   212  O O   . PHE A 1 27  ? -19.614 -1.172  -2.417  1.00 21.32  ? 27  PHE A O   1 
ATOM   213  C CB  . PHE A 1 27  ? -20.910 -2.209  -5.293  1.00 22.08  ? 27  PHE A CB  1 
ATOM   214  C CG  . PHE A 1 27  ? -21.400 -0.793  -5.049  1.00 22.81  ? 27  PHE A CG  1 
ATOM   215  C CD1 . PHE A 1 27  ? -22.737 -0.565  -4.749  1.00 16.49  ? 27  PHE A CD1 1 
ATOM   216  C CD2 . PHE A 1 27  ? -20.527 0.282   -5.118  1.00 26.25  ? 27  PHE A CD2 1 
ATOM   217  C CE1 . PHE A 1 27  ? -23.176 0.720   -4.508  1.00 19.32  ? 27  PHE A CE1 1 
ATOM   218  C CE2 . PHE A 1 27  ? -20.965 1.571   -4.856  1.00 23.29  ? 27  PHE A CE2 1 
ATOM   219  C CZ  . PHE A 1 27  ? -22.296 1.790   -4.546  1.00 23.51  ? 27  PHE A CZ  1 
ATOM   220  N N   . ALA A 1 28  ? -20.764 -3.099  -2.213  1.00 19.07  ? 28  ALA A N   1 
ATOM   221  C CA  . ALA A 1 28  ? -21.048 -2.901  -0.797  1.00 21.55  ? 28  ALA A CA  1 
ATOM   222  C C   . ALA A 1 28  ? -19.764 -2.697  0.011   1.00 15.64  ? 28  ALA A C   1 
ATOM   223  O O   . ALA A 1 28  ? -19.671 -1.756  0.797   1.00 17.99  ? 28  ALA A O   1 
ATOM   224  C CB  . ALA A 1 28  ? -21.812 -4.080  -0.216  1.00 25.72  ? 28  ALA A CB  1 
ATOM   225  N N   . THR A 1 29  ? -18.783 -3.567  -0.235  1.00 17.58  ? 29  THR A N   1 
ATOM   226  C CA  . THR A 1 29  ? -17.495 -3.456  0.459   1.00 16.81  ? 29  THR A CA  1 
ATOM   227  C C   . THR A 1 29  ? -16.744 -2.182  0.116   1.00 18.37  ? 29  THR A C   1 
ATOM   228  O O   . THR A 1 29  ? -16.243 -1.483  1.012   1.00 22.46  ? 29  THR A O   1 
ATOM   229  C CB  . THR A 1 29  ? -16.613 -4.684  0.149   1.00 20.94  ? 29  THR A CB  1 
ATOM   230  O OG1 . THR A 1 29  ? -17.227 -5.864  0.703   1.00 22.74  ? 29  THR A OG1 1 
ATOM   231  C CG2 . THR A 1 29  ? -15.247 -4.517  0.784   1.00 17.66  ? 29  THR A CG2 1 
ATOM   232  N N   . ARG A 1 30  ? -16.662 -1.822  -1.149  1.00 14.53  ? 30  ARG A N   1 
ATOM   233  C CA  . ARG A 1 30  ? -16.154 -0.534  -1.582  1.00 12.98  ? 30  ARG A CA  1 
ATOM   234  C C   . ARG A 1 30  ? -16.784 0.646   -0.869  1.00 17.22  ? 30  ARG A C   1 
ATOM   235  O O   . ARG A 1 30  ? -16.131 1.610   -0.477  1.00 21.13  ? 30  ARG A O   1 
ATOM   236  C CB  . ARG A 1 30  ? -16.448 -0.339  -3.083  1.00 10.61  ? 30  ARG A CB  1 
ATOM   237  C CG  . ARG A 1 30  ? -15.803 -1.408  -3.944  1.00 17.07  ? 30  ARG A CG  1 
ATOM   238  C CD  . ARG A 1 30  ? -15.503 -0.895  -5.319  1.00 19.55  ? 30  ARG A CD  1 
ATOM   239  N NE  . ARG A 1 30  ? -16.571 -0.591  -6.227  1.00 20.75  ? 30  ARG A NE  1 
ATOM   240  C CZ  . ARG A 1 30  ? -17.285 -1.333  -7.059  1.00 24.92  ? 30  ARG A CZ  1 
ATOM   241  N NH1 . ARG A 1 30  ? -17.149 -2.642  -7.206  1.00 15.76  ? 30  ARG A NH1 1 
ATOM   242  N NH2 . ARG A 1 30  ? -18.205 -0.709  -7.788  1.00 19.40  ? 30  ARG A NH2 1 
ATOM   243  N N   . LYS A 1 31  ? -18.115 0.574   -0.708  1.00 22.52  ? 31  LYS A N   1 
ATOM   244  C CA  . LYS A 1 31  ? -18.794 1.724   -0.098  1.00 22.53  ? 31  LYS A CA  1 
ATOM   245  C C   . LYS A 1 31  ? -18.405 1.865   1.368   1.00 29.73  ? 31  LYS A C   1 
ATOM   246  O O   . LYS A 1 31  ? -18.344 2.993   1.869   1.00 35.58  ? 31  LYS A O   1 
ATOM   247  C CB  . LYS A 1 31  ? -20.311 1.600   -0.249  1.00 30.64  ? 31  LYS A CB  1 
ATOM   248  C CG  . LYS A 1 31  ? -20.969 2.864   -0.782  1.00 47.72  ? 31  LYS A CG  1 
ATOM   249  C CD  . LYS A 1 31  ? -22.424 2.978   -0.388  1.00 47.46  ? 31  LYS A CD  1 
ATOM   250  C CE  . LYS A 1 31  ? -22.635 3.804   0.879   1.00 46.42  ? 31  LYS A CE  1 
ATOM   251  N NZ  . LYS A 1 31  ? -23.755 4.765   0.715   1.00 57.62  ? 31  LYS A NZ  1 
ATOM   252  N N   . ILE A 1 32  ? -18.137 0.738   2.013   1.00 24.29  ? 32  ILE A N   1 
ATOM   253  C CA  . ILE A 1 32  ? -17.670 0.746   3.396   1.00 32.27  ? 32  ILE A CA  1 
ATOM   254  C C   . ILE A 1 32  ? -16.267 1.330   3.538   1.00 40.76  ? 32  ILE A C   1 
ATOM   255  O O   . ILE A 1 32  ? -15.959 2.192   4.362   1.00 35.06  ? 32  ILE A O   1 
ATOM   256  C CB  . ILE A 1 32  ? -17.630 -0.691  3.957   1.00 43.59  ? 32  ILE A CB  1 
ATOM   257  C CG1 . ILE A 1 32  ? -18.998 -1.342  4.170   1.00 45.30  ? 32  ILE A CG1 1 
ATOM   258  C CG2 . ILE A 1 32  ? -16.805 -0.717  5.241   1.00 34.90  ? 32  ILE A CG2 1 
ATOM   259  C CD1 . ILE A 1 32  ? -19.751 -0.776  5.358   1.00 61.91  ? 32  ILE A CD1 1 
ATOM   260  N N   . ALA A 1 33  ? -15.391 0.809   2.686   1.00 36.93  ? 33  ALA A N   1 
ATOM   261  C CA  . ALA A 1 33  ? -13.960 1.057   2.749   1.00 23.88  ? 33  ALA A CA  1 
ATOM   262  C C   . ALA A 1 33  ? -13.588 2.439   2.255   1.00 33.37  ? 33  ALA A C   1 
ATOM   263  O O   . ALA A 1 33  ? -12.557 2.997   2.644   1.00 49.03  ? 33  ALA A O   1 
ATOM   264  C CB  . ALA A 1 33  ? -13.255 -0.019  1.938   1.00 19.96  ? 33  ALA A CB  1 
ATOM   265  N N   . VAL A 1 34  ? -14.394 3.068   1.400   1.00 23.07  ? 34  VAL A N   1 
ATOM   266  C CA  . VAL A 1 34  ? -13.939 4.361   0.897   1.00 22.27  ? 34  VAL A CA  1 
ATOM   267  C C   . VAL A 1 34  ? -13.931 5.456   1.946   1.00 24.22  ? 34  VAL A C   1 
ATOM   268  O O   . VAL A 1 34  ? -13.155 6.422   1.885   1.00 31.97  ? 34  VAL A O   1 
ATOM   269  C CB  . VAL A 1 34  ? -14.840 4.798   -0.283  1.00 32.18  ? 34  VAL A CB  1 
ATOM   270  C CG1 . VAL A 1 34  ? -16.250 5.010   0.255   1.00 38.50  ? 34  VAL A CG1 1 
ATOM   271  C CG2 . VAL A 1 34  ? -14.313 6.044   -0.969  1.00 33.08  ? 34  VAL A CG2 1 
ATOM   272  N N   . HIS A 1 35  ? -14.797 5.390   2.952   1.00 25.31  ? 35  HIS A N   1 
ATOM   273  C CA  . HIS A 1 35  ? -14.858 6.499   3.897   1.00 30.08  ? 35  HIS A CA  1 
ATOM   274  C C   . HIS A 1 35  ? -14.087 6.237   5.178   1.00 37.08  ? 35  HIS A C   1 
ATOM   275  O O   . HIS A 1 35  ? -14.332 6.881   6.199   1.00 60.32  ? 35  HIS A O   1 
ATOM   276  C CB  . HIS A 1 35  ? -16.322 6.802   4.267   1.00 50.49  ? 35  HIS A CB  1 
ATOM   277  C CG  . HIS A 1 35  ? -16.971 7.555   3.145   1.00 66.35  ? 35  HIS A CG  1 
ATOM   278  N ND1 . HIS A 1 35  ? -18.267 7.340   2.743   1.00 73.07  ? 35  HIS A ND1 1 
ATOM   279  C CD2 . HIS A 1 35  ? -16.460 8.519   2.342   1.00 71.81  ? 35  HIS A CD2 1 
ATOM   280  C CE1 . HIS A 1 35  ? -18.535 8.149   1.730   1.00 81.46  ? 35  HIS A CE1 1 
ATOM   281  N NE2 . HIS A 1 35  ? -17.459 8.876   1.469   1.00 82.15  ? 35  HIS A NE2 1 
ATOM   282  N N   . LEU A 1 36  ? -13.168 5.284   5.149   1.00 30.78  ? 36  LEU A N   1 
ATOM   283  C CA  . LEU A 1 36  ? -12.477 4.946   6.390   1.00 43.23  ? 36  LEU A CA  1 
ATOM   284  C C   . LEU A 1 36  ? -11.041 5.460   6.399   1.00 29.37  ? 36  LEU A C   1 
ATOM   285  O O   . LEU A 1 36  ? -10.342 5.435   5.400   1.00 24.68  ? 36  LEU A O   1 
ATOM   286  C CB  . LEU A 1 36  ? -12.510 3.425   6.608   1.00 54.47  ? 36  LEU A CB  1 
ATOM   287  C CG  . LEU A 1 36  ? -13.792 2.913   7.287   1.00 64.75  ? 36  LEU A CG  1 
ATOM   288  C CD1 . LEU A 1 36  ? -15.027 3.355   6.496   1.00 94.55  ? 36  LEU A CD1 1 
ATOM   289  C CD2 . LEU A 1 36  ? -13.784 1.400   7.443   1.00 47.58  ? 36  LEU A CD2 1 
ATOM   290  N N   . LYS A 1 37  ? -10.636 5.923   7.571   1.00 27.16  ? 37  LYS A N   1 
ATOM   291  C CA  . LYS A 1 37  ? -9.298  6.422   7.810   1.00 33.72  ? 37  LYS A CA  1 
ATOM   292  C C   . LYS A 1 37  ? -8.363  5.232   7.994   1.00 27.75  ? 37  LYS A C   1 
ATOM   293  O O   . LYS A 1 37  ? -8.780  4.193   8.484   1.00 32.30  ? 37  LYS A O   1 
ATOM   294  C CB  . LYS A 1 37  ? -9.240  7.317   9.041   1.00 44.21  ? 37  LYS A CB  1 
ATOM   295  C CG  . LYS A 1 37  ? -10.282 8.428   9.046   1.00 64.56  ? 37  LYS A CG  1 
ATOM   296  C CD  . LYS A 1 37  ? -10.173 9.284   7.793   1.00 82.60  ? 37  LYS A CD  1 
ATOM   297  C CE  . LYS A 1 37  ? -11.003 10.553  7.929   1.00 94.73  ? 37  LYS A CE  1 
ATOM   298  N NZ  . LYS A 1 37  ? -11.197 10.941  9.362   1.00 109.55 ? 37  LYS A NZ  1 
ATOM   299  N N   . GLN A 1 38  ? -7.123  5.411   7.591   1.00 19.39  ? 38  GLN A N   1 
ATOM   300  C CA  . GLN A 1 38  ? -6.092  4.415   7.815   1.00 23.02  ? 38  GLN A CA  1 
ATOM   301  C C   . GLN A 1 38  ? -4.897  5.129   8.462   1.00 23.28  ? 38  GLN A C   1 
ATOM   302  O O   . GLN A 1 38  ? -4.704  6.322   8.256   1.00 25.52  ? 38  GLN A O   1 
ATOM   303  C CB  . GLN A 1 38  ? -5.593  3.726   6.551   1.00 22.29  ? 38  GLN A CB  1 
ATOM   304  C CG  . GLN A 1 38  ? -6.450  3.941   5.314   1.00 36.11  ? 38  GLN A CG  1 
ATOM   305  C CD  . GLN A 1 38  ? -5.863  3.210   4.117   1.00 50.21  ? 38  GLN A CD  1 
ATOM   306  O OE1 . GLN A 1 38  ? -4.641  3.058   4.038   1.00 43.03  ? 38  GLN A OE1 1 
ATOM   307  N NE2 . GLN A 1 38  ? -6.726  2.764   3.208   1.00 49.66  ? 38  GLN A NE2 1 
ATOM   308  N N   . THR A 1 39  ? -4.172  4.336   9.218   1.00 23.39  ? 39  THR A N   1 
ATOM   309  C CA  . THR A 1 39  ? -2.866  4.682   9.746   1.00 21.22  ? 39  THR A CA  1 
ATOM   310  C C   . THR A 1 39  ? -1.866  3.657   9.237   1.00 24.12  ? 39  THR A C   1 
ATOM   311  O O   . THR A 1 39  ? -2.142  2.455   9.239   1.00 22.04  ? 39  THR A O   1 
ATOM   312  C CB  . THR A 1 39  ? -2.827  4.708   11.284  1.00 29.06  ? 39  THR A CB  1 
ATOM   313  O OG1 . THR A 1 39  ? -3.631  5.800   11.752  1.00 42.30  ? 39  THR A OG1 1 
ATOM   314  C CG2 . THR A 1 39  ? -1.416  4.974   11.770  1.00 35.95  ? 39  THR A CG2 1 
ATOM   315  N N   . LYS A 1 40  ? -0.716  4.163   8.810   1.00 17.77  ? 40  LYS A N   1 
ATOM   316  C CA  . LYS A 1 40  ? 0.341   3.228   8.442   1.00 21.55  ? 40  LYS A CA  1 
ATOM   317  C C   . LYS A 1 40  ? 1.381   3.264   9.559   1.00 22.50  ? 40  LYS A C   1 
ATOM   318  O O   . LYS A 1 40  ? 1.788   4.371   9.928   1.00 24.81  ? 40  LYS A O   1 
ATOM   319  C CB  . LYS A 1 40  ? 0.928   3.618   7.092   1.00 24.33  ? 40  LYS A CB  1 
ATOM   320  C CG  . LYS A 1 40  ? 0.601   2.751   5.903   1.00 36.66  ? 40  LYS A CG  1 
ATOM   321  C CD  . LYS A 1 40  ? -0.724  3.018   5.233   1.00 46.87  ? 40  LYS A CD  1 
ATOM   322  C CE  . LYS A 1 40  ? -0.844  2.347   3.874   1.00 42.25  ? 40  LYS A CE  1 
ATOM   323  N NZ  . LYS A 1 40  ? -1.469  0.993   3.910   1.00 30.64  ? 40  LYS A NZ  1 
ATOM   324  N N   . VAL A 1 41  ? 1.804   2.124   10.089  1.00 15.94  ? 41  VAL A N   1 
ATOM   325  C CA  . VAL A 1 41  ? 2.906   2.111   11.051  1.00 17.32  ? 41  VAL A CA  1 
ATOM   326  C C   . VAL A 1 41  ? 4.080   1.387   10.398  1.00 18.45  ? 41  VAL A C   1 
ATOM   327  O O   . VAL A 1 41  ? 3.880   0.265   9.931   1.00 24.25  ? 41  VAL A O   1 
ATOM   328  C CB  . VAL A 1 41  ? 2.544   1.433   12.380  1.00 25.54  ? 41  VAL A CB  1 
ATOM   329  C CG1 . VAL A 1 41  ? 3.628   1.645   13.428  1.00 37.35  ? 41  VAL A CG1 1 
ATOM   330  C CG2 . VAL A 1 41  ? 1.202   1.956   12.873  1.00 43.45  ? 41  VAL A CG2 1 
ATOM   331  N N   . ILE A 1 42  ? 5.238   2.023   10.334  1.00 13.97  ? 42  ILE A N   1 
ATOM   332  C CA  . ILE A 1 42  ? 6.330   1.472   9.534   1.00 17.69  ? 42  ILE A CA  1 
ATOM   333  C C   . ILE A 1 42  ? 7.607   1.391   10.371  1.00 15.85  ? 42  ILE A C   1 
ATOM   334  O O   . ILE A 1 42  ? 7.988   2.401   10.963  1.00 19.08  ? 42  ILE A O   1 
ATOM   335  C CB  . ILE A 1 42  ? 6.620   2.316   8.279   1.00 18.97  ? 42  ILE A CB  1 
ATOM   336  C CG1 . ILE A 1 42  ? 5.399   2.441   7.361   1.00 14.16  ? 42  ILE A CG1 1 
ATOM   337  C CG2 . ILE A 1 42  ? 7.808   1.772   7.509   1.00 11.57  ? 42  ILE A CG2 1 
ATOM   338  C CD1 . ILE A 1 42  ? 5.684   3.232   6.096   1.00 13.00  ? 42  ILE A CD1 1 
ATOM   339  N N   . VAL A 1 43  ? 8.226   0.236   10.388  1.00 12.70  ? 43  VAL A N   1 
ATOM   340  C CA  . VAL A 1 43  ? 9.562   0.074   10.944  1.00 15.00  ? 43  VAL A CA  1 
ATOM   341  C C   . VAL A 1 43  ? 10.530  -0.315  9.831   1.00 22.21  ? 43  VAL A C   1 
ATOM   342  O O   . VAL A 1 43  ? 10.356  -1.367  9.202   1.00 26.46  ? 43  VAL A O   1 
ATOM   343  C CB  . VAL A 1 43  ? 9.561   -0.996  12.046  1.00 23.49  ? 43  VAL A CB  1 
ATOM   344  C CG1 . VAL A 1 43  ? 10.949  -1.159  12.642  1.00 17.34  ? 43  VAL A CG1 1 
ATOM   345  C CG2 . VAL A 1 43  ? 8.523   -0.619  13.099  1.00 22.48  ? 43  VAL A CG2 1 
ATOM   346  N N   . GLN A 1 44  ? 11.518  0.535   9.586   1.00 15.89  ? 44  GLN A N   1 
ATOM   347  C CA  . GLN A 1 44  ? 12.489  0.316   8.515   1.00 17.78  ? 44  GLN A CA  1 
ATOM   348  C C   . GLN A 1 44  ? 13.893  0.210   9.103   1.00 25.20  ? 44  GLN A C   1 
ATOM   349  O O   . GLN A 1 44  ? 14.356  1.151   9.772   1.00 20.09  ? 44  GLN A O   1 
ATOM   350  C CB  . GLN A 1 44  ? 12.475  1.454   7.480   1.00 15.52  ? 44  GLN A CB  1 
ATOM   351  C CG  . GLN A 1 44  ? 13.637  1.403   6.490   1.00 17.00  ? 44  GLN A CG  1 
ATOM   352  C CD  . GLN A 1 44  ? 13.729  2.582   5.542   1.00 16.95  ? 44  GLN A CD  1 
ATOM   353  O OE1 . GLN A 1 44  ? 12.997  3.574   5.650   1.00 27.10  ? 44  GLN A OE1 1 
ATOM   354  N NE2 . GLN A 1 44  ? 14.635  2.547   4.573   1.00 16.36  ? 44  GLN A NE2 1 
ATOM   355  N N   . ASN A 1 45  ? 14.523  -0.915  8.820   1.00 18.21  ? 45  ASN A N   1 
ATOM   356  C CA  . ASN A 1 45  ? 15.940  -1.092  9.115   1.00 22.78  ? 45  ASN A CA  1 
ATOM   357  C C   . ASN A 1 45  ? 16.690  -1.346  7.814   1.00 28.72  ? 45  ASN A C   1 
ATOM   358  O O   . ASN A 1 45  ? 16.685  -2.503  7.382   1.00 23.73  ? 45  ASN A O   1 
ATOM   359  C CB  . ASN A 1 45  ? 16.142  -2.263  10.083  1.00 22.06  ? 45  ASN A CB  1 
ATOM   360  C CG  . ASN A 1 45  ? 15.525  -1.993  11.441  1.00 29.95  ? 45  ASN A CG  1 
ATOM   361  O OD1 . ASN A 1 45  ? 16.085  -1.242  12.239  1.00 34.88  ? 45  ASN A OD1 1 
ATOM   362  N ND2 . ASN A 1 45  ? 14.375  -2.603  11.716  1.00 37.66  ? 45  ASN A ND2 1 
ATOM   363  N N   . GLY A 1 46  ? 17.296  -0.337  7.195   1.00 22.21  ? 46  GLY A N   1 
ATOM   364  C CA  . GLY A 1 46  ? 17.942  -0.515  5.905   1.00 21.79  ? 46  GLY A CA  1 
ATOM   365  C C   . GLY A 1 46  ? 16.961  -1.011  4.856   1.00 20.21  ? 46  GLY A C   1 
ATOM   366  O O   . GLY A 1 46  ? 15.979  -0.328  4.541   1.00 21.38  ? 46  GLY A O   1 
ATOM   367  N N   . ASP A 1 47  ? 17.173  -2.196  4.279   1.00 20.73  ? 47  ASP A N   1 
ATOM   368  C CA  . ASP A 1 47  ? 16.248  -2.677  3.246   1.00 17.39  ? 47  ASP A CA  1 
ATOM   369  C C   . ASP A 1 47  ? 15.158  -3.566  3.833   1.00 14.58  ? 47  ASP A C   1 
ATOM   370  O O   . ASP A 1 47  ? 14.424  -4.223  3.098   1.00 18.25  ? 47  ASP A O   1 
ATOM   371  C CB  . ASP A 1 47  ? 16.989  -3.459  2.168   1.00 21.63  ? 47  ASP A CB  1 
ATOM   372  C CG  . ASP A 1 47  ? 17.714  -2.581  1.171   1.00 30.38  ? 47  ASP A CG  1 
ATOM   373  O OD1 . ASP A 1 47  ? 17.579  -1.338  1.247   1.00 28.28  ? 47  ASP A OD1 1 
ATOM   374  O OD2 . ASP A 1 47  ? 18.431  -3.146  0.309   1.00 38.95  ? 47  ASP A OD2 1 
ATOM   375  N N   . LYS A 1 48  ? 15.057  -3.605  5.157   1.00 16.72  ? 48  LYS A N   1 
ATOM   376  C CA  . LYS A 1 48  ? 14.090  -4.436  5.850   1.00 21.67  ? 48  LYS A CA  1 
ATOM   377  C C   . LYS A 1 48  ? 12.900  -3.613  6.340   1.00 18.97  ? 48  LYS A C   1 
ATOM   378  O O   . LYS A 1 48  ? 13.058  -2.678  7.129   1.00 22.18  ? 48  LYS A O   1 
ATOM   379  C CB  . LYS A 1 48  ? 14.745  -5.138  7.058   1.00 19.89  ? 48  LYS A CB  1 
ATOM   380  C CG  . LYS A 1 48  ? 13.705  -5.885  7.874   1.00 25.08  ? 48  LYS A CG  1 
ATOM   381  C CD  . LYS A 1 48  ? 14.270  -6.368  9.203   1.00 38.09  ? 48  LYS A CD  1 
ATOM   382  C CE  . LYS A 1 48  ? 14.985  -7.697  9.057   1.00 43.16  ? 48  LYS A CE  1 
ATOM   383  N NZ  . LYS A 1 48  ? 15.017  -8.465  10.337  1.00 60.05  ? 48  LYS A NZ  1 
ATOM   384  N N   . PHE A 1 49  ? 11.704  -3.957  5.875   1.00 16.55  ? 49  PHE A N   1 
ATOM   385  C CA  . PHE A 1 49  ? 10.507  -3.209  6.202   1.00 15.97  ? 49  PHE A CA  1 
ATOM   386  C C   . PHE A 1 49  ? 9.451   -4.063  6.883   1.00 14.02  ? 49  PHE A C   1 
ATOM   387  O O   . PHE A 1 49  ? 9.106   -5.112  6.358   1.00 16.43  ? 49  PHE A O   1 
ATOM   388  C CB  . PHE A 1 49  ? 9.861   -2.632  4.927   1.00 15.83  ? 49  PHE A CB  1 
ATOM   389  C CG  . PHE A 1 49  ? 10.620  -1.466  4.313   1.00 12.88  ? 49  PHE A CG  1 
ATOM   390  C CD1 . PHE A 1 49  ? 10.175  -0.170  4.494   1.00 14.44  ? 49  PHE A CD1 1 
ATOM   391  C CD2 . PHE A 1 49  ? 11.761  -1.700  3.554   1.00 16.13  ? 49  PHE A CD2 1 
ATOM   392  C CE1 . PHE A 1 49  ? 10.843  0.913   3.941   1.00 14.37  ? 49  PHE A CE1 1 
ATOM   393  C CE2 . PHE A 1 49  ? 12.448  -0.615  3.018   1.00 18.30  ? 49  PHE A CE2 1 
ATOM   394  C CZ  . PHE A 1 49  ? 11.992  0.682   3.211   1.00 13.06  ? 49  PHE A CZ  1 
ATOM   395  N N   . GLU A 1 50  ? 8.925   -3.573  7.994   1.00 17.08  ? 50  GLU A N   1 
ATOM   396  C CA  . GLU A 1 50  ? 7.775   -4.121  8.687   1.00 20.49  ? 50  GLU A CA  1 
ATOM   397  C C   . GLU A 1 50  ? 6.648   -3.091  8.743   1.00 23.78  ? 50  GLU A C   1 
ATOM   398  O O   . GLU A 1 50  ? 6.772   -2.097  9.455   1.00 19.68  ? 50  GLU A O   1 
ATOM   399  C CB  . GLU A 1 50  ? 8.132   -4.536  10.110  1.00 21.75  ? 50  GLU A CB  1 
ATOM   400  C CG  . GLU A 1 50  ? 9.165   -5.664  10.169  1.00 28.84  ? 50  GLU A CG  1 
ATOM   401  C CD  . GLU A 1 50  ? 9.876   -5.649  11.515  1.00 41.84  ? 50  GLU A CD  1 
ATOM   402  O OE1 . GLU A 1 50  ? 9.175   -5.700  12.546  1.00 69.11  ? 50  GLU A OE1 1 
ATOM   403  O OE2 . GLU A 1 50  ? 11.116  -5.576  11.541  1.00 51.44  ? 50  GLU A OE2 1 
ATOM   404  N N   . THR A 1 51  ? 5.592   -3.337  7.975   1.00 20.19  ? 51  THR A N   1 
ATOM   405  C CA  . THR A 1 51  ? 4.575   -2.293  7.873   1.00 24.14  ? 51  THR A CA  1 
ATOM   406  C C   . THR A 1 51  ? 3.244   -2.852  8.387   1.00 26.39  ? 51  THR A C   1 
ATOM   407  O O   . THR A 1 51  ? 2.937   -4.001  8.106   1.00 27.03  ? 51  THR A O   1 
ATOM   408  C CB  . THR A 1 51  ? 4.344   -1.752  6.461   1.00 21.78  ? 51  THR A CB  1 
ATOM   409  O OG1 . THR A 1 51  ? 3.735   -2.794  5.665   1.00 37.25  ? 51  THR A OG1 1 
ATOM   410  C CG2 . THR A 1 51  ? 5.615   -1.364  5.724   1.00 23.02  ? 51  THR A CG2 1 
ATOM   411  N N   . LYS A 1 52  ? 2.559   -1.987  9.099   1.00 25.49  ? 52  LYS A N   1 
ATOM   412  C CA  . LYS A 1 52  ? 1.251   -2.219  9.677   1.00 26.90  ? 52  LYS A CA  1 
ATOM   413  C C   . LYS A 1 52  ? 0.279   -1.165  9.164   1.00 26.70  ? 52  LYS A C   1 
ATOM   414  O O   . LYS A 1 52  ? 0.522   0.037   9.310   1.00 27.45  ? 52  LYS A O   1 
ATOM   415  C CB  . LYS A 1 52  ? 1.333   -2.124  11.189  1.00 23.90  ? 52  LYS A CB  1 
ATOM   416  C CG  . LYS A 1 52  ? 0.605   -3.132  12.049  1.00 27.19  ? 52  LYS A CG  1 
ATOM   417  C CD  . LYS A 1 52  ? 1.366   -3.310  13.364  1.00 26.93  ? 52  LYS A CD  1 
ATOM   418  C CE  . LYS A 1 52  ? 2.804   -3.714  13.076  1.00 32.82  ? 52  LYS A CE  1 
ATOM   419  N NZ  . LYS A 1 52  ? 3.428   -4.471  14.199  1.00 58.96  ? 52  LYS A NZ  1 
ATOM   420  N N   . THR A 1 53  ? -0.814  -1.610  8.573   1.00 21.85  ? 53  THR A N   1 
ATOM   421  C CA  . THR A 1 53  ? -1.906  -0.699  8.277   1.00 26.22  ? 53  THR A CA  1 
ATOM   422  C C   . THR A 1 53  ? -3.001  -0.907  9.322   1.00 35.78  ? 53  THR A C   1 
ATOM   423  O O   . THR A 1 53  ? -3.370  -2.052  9.602   1.00 49.39  ? 53  THR A O   1 
ATOM   424  C CB  . THR A 1 53  ? -2.455  -0.928  6.868   1.00 23.60  ? 53  THR A CB  1 
ATOM   425  O OG1 . THR A 1 53  ? -1.414  -0.679  5.906   1.00 26.69  ? 53  THR A OG1 1 
ATOM   426  C CG2 . THR A 1 53  ? -3.582  0.052   6.575   1.00 26.30  ? 53  THR A CG2 1 
ATOM   427  N N   . LEU A 1 54  ? -3.518  0.159   9.910   1.00 32.86  ? 54  LEU A N   1 
ATOM   428  C CA  . LEU A 1 54  ? -4.585  0.060   10.897  1.00 29.87  ? 54  LEU A CA  1 
ATOM   429  C C   . LEU A 1 54  ? -5.797  0.878   10.456  1.00 29.69  ? 54  LEU A C   1 
ATOM   430  O O   . LEU A 1 54  ? -5.661  2.078   10.204  1.00 26.99  ? 54  LEU A O   1 
ATOM   431  C CB  . LEU A 1 54  ? -4.160  0.551   12.274  1.00 30.75  ? 54  LEU A CB  1 
ATOM   432  C CG  . LEU A 1 54  ? -2.754  0.289   12.793  1.00 36.74  ? 54  LEU A CG  1 
ATOM   433  C CD1 . LEU A 1 54  ? -2.426  1.248   13.935  1.00 34.87  ? 54  LEU A CD1 1 
ATOM   434  C CD2 . LEU A 1 54  ? -2.587  -1.154  13.255  1.00 32.12  ? 54  LEU A CD2 1 
ATOM   435  N N   . SER A 1 55  ? -6.968  0.258   10.379  1.00 27.16  ? 55  SER A N   1 
ATOM   436  C CA  . SER A 1 55  ? -8.208  0.985   10.145  1.00 28.34  ? 55  SER A CA  1 
ATOM   437  C C   . SER A 1 55  ? -9.368  0.230   10.786  1.00 23.63  ? 55  SER A C   1 
ATOM   438  O O   . SER A 1 55  ? -9.193  -0.892  11.228  1.00 23.54  ? 55  SER A O   1 
ATOM   439  C CB  . SER A 1 55  ? -8.533  1.196   8.668   1.00 32.45  ? 55  SER A CB  1 
ATOM   440  O OG  . SER A 1 55  ? -8.875  -0.041  8.053   1.00 62.69  ? 55  SER A OG  1 
ATOM   441  N N   . THR A 1 56  ? -10.515 0.877   10.801  1.00 26.12  ? 56  THR A N   1 
ATOM   442  C CA  . THR A 1 56  ? -11.773 0.223   11.124  1.00 34.23  ? 56  THR A CA  1 
ATOM   443  C C   . THR A 1 56  ? -12.163 -0.685  9.966   1.00 41.74  ? 56  THR A C   1 
ATOM   444  O O   . THR A 1 56  ? -12.948 -1.624  10.114  1.00 53.11  ? 56  THR A O   1 
ATOM   445  C CB  . THR A 1 56  ? -12.847 1.288   11.378  1.00 33.95  ? 56  THR A CB  1 
ATOM   446  O OG1 . THR A 1 56  ? -12.624 2.352   10.441  1.00 41.42  ? 56  THR A OG1 1 
ATOM   447  C CG2 . THR A 1 56  ? -12.724 1.874   12.769  1.00 32.14  ? 56  THR A CG2 1 
ATOM   448  N N   . PHE A 1 57  ? -11.587 -0.418  8.780   1.00 44.27  ? 57  PHE A N   1 
ATOM   449  C CA  . PHE A 1 57  ? -11.861 -1.326  7.660   1.00 34.67  ? 57  PHE A CA  1 
ATOM   450  C C   . PHE A 1 57  ? -11.079 -2.619  7.872   1.00 26.96  ? 57  PHE A C   1 
ATOM   451  O O   . PHE A 1 57  ? -11.567 -3.584  8.454   1.00 37.86  ? 57  PHE A O   1 
ATOM   452  C CB  . PHE A 1 57  ? -11.535 -0.719  6.297   1.00 40.31  ? 57  PHE A CB  1 
ATOM   453  C CG  . PHE A 1 57  ? -11.782 -1.680  5.137   1.00 41.82  ? 57  PHE A CG  1 
ATOM   454  C CD1 . PHE A 1 57  ? -10.891 -1.742  4.079   1.00 39.77  ? 57  PHE A CD1 1 
ATOM   455  C CD2 . PHE A 1 57  ? -12.893 -2.507  5.122   1.00 42.09  ? 57  PHE A CD2 1 
ATOM   456  C CE1 . PHE A 1 57  ? -11.075 -2.610  3.022   1.00 38.34  ? 57  PHE A CE1 1 
ATOM   457  C CE2 . PHE A 1 57  ? -13.088 -3.387  4.072   1.00 46.71  ? 57  PHE A CE2 1 
ATOM   458  C CZ  . PHE A 1 57  ? -12.182 -3.440  3.028   1.00 43.16  ? 57  PHE A CZ  1 
ATOM   459  N N   . ARG A 1 58  ? -9.835  -2.644  7.400   1.00 31.73  ? 58  ARG A N   1 
ATOM   460  C CA  . ARG A 1 58  ? -9.046  -3.859  7.588   1.00 32.48  ? 58  ARG A CA  1 
ATOM   461  C C   . ARG A 1 58  ? -7.708  -3.555  8.233   1.00 30.51  ? 58  ARG A C   1 
ATOM   462  O O   . ARG A 1 58  ? -7.058  -2.553  7.935   1.00 40.07  ? 58  ARG A O   1 
ATOM   463  C CB  . ARG A 1 58  ? -8.833  -4.551  6.238   1.00 44.29  ? 58  ARG A CB  1 
ATOM   464  C CG  . ARG A 1 58  ? -10.145 -4.753  5.485   1.00 43.47  ? 58  ARG A CG  1 
ATOM   465  C CD  . ARG A 1 58  ? -10.569 -6.209  5.571   1.00 37.15  ? 58  ARG A CD  1 
ATOM   466  N NE  . ARG A 1 58  ? -11.739 -6.468  4.757   1.00 41.28  ? 58  ARG A NE  1 
ATOM   467  C CZ  . ARG A 1 58  ? -11.691 -6.669  3.440   1.00 57.11  ? 58  ARG A CZ  1 
ATOM   468  N NH1 . ARG A 1 58  ? -10.534 -6.641  2.786   1.00 58.70  ? 58  ARG A NH1 1 
ATOM   469  N NH2 . ARG A 1 58  ? -12.828 -6.894  2.801   1.00 58.68  ? 58  ARG A NH2 1 
ATOM   470  N N   . ASN A 1 59  ? -7.270  -4.427  9.132   1.00 24.35  ? 59  ASN A N   1 
ATOM   471  C CA  . ASN A 1 59  ? -5.896  -4.306  9.614   1.00 29.68  ? 59  ASN A CA  1 
ATOM   472  C C   . ASN A 1 59  ? -5.040  -5.297  8.832   1.00 37.54  ? 59  ASN A C   1 
ATOM   473  O O   . ASN A 1 59  ? -5.486  -6.433  8.632   1.00 32.35  ? 59  ASN A O   1 
ATOM   474  C CB  . ASN A 1 59  ? -5.748  -4.591  11.102  1.00 24.65  ? 59  ASN A CB  1 
ATOM   475  C CG  . ASN A 1 59  ? -6.507  -3.636  11.992  1.00 24.11  ? 59  ASN A CG  1 
ATOM   476  O OD1 . ASN A 1 59  ? -6.516  -2.422  11.802  1.00 22.03  ? 59  ASN A OD1 1 
ATOM   477  N ND2 . ASN A 1 59  ? -7.179  -4.196  12.996  1.00 51.73  ? 59  ASN A ND2 1 
ATOM   478  N N   . TYR A 1 60  ? -3.838  -4.894  8.420   1.00 24.32  ? 60  TYR A N   1 
ATOM   479  C CA  . TYR A 1 60  ? -2.993  -5.921  7.802   1.00 27.93  ? 60  TYR A CA  1 
ATOM   480  C C   . TYR A 1 60  ? -1.529  -5.502  7.903   1.00 26.05  ? 60  TYR A C   1 
ATOM   481  O O   . TYR A 1 60  ? -1.232  -4.324  8.124   1.00 26.61  ? 60  TYR A O   1 
ATOM   482  C CB  . TYR A 1 60  ? -3.403  -6.188  6.352   1.00 26.04  ? 60  TYR A CB  1 
ATOM   483  C CG  . TYR A 1 60  ? -3.221  -4.997  5.454   1.00 21.37  ? 60  TYR A CG  1 
ATOM   484  C CD1 . TYR A 1 60  ? -2.048  -4.792  4.744   1.00 29.86  ? 60  TYR A CD1 1 
ATOM   485  C CD2 . TYR A 1 60  ? -4.252  -4.067  5.320   1.00 20.82  ? 60  TYR A CD2 1 
ATOM   486  C CE1 . TYR A 1 60  ? -1.886  -3.695  3.921   1.00 38.21  ? 60  TYR A CE1 1 
ATOM   487  C CE2 . TYR A 1 60  ? -4.089  -2.966  4.499   1.00 23.72  ? 60  TYR A CE2 1 
ATOM   488  C CZ  . TYR A 1 60  ? -2.915  -2.785  3.804   1.00 37.87  ? 60  TYR A CZ  1 
ATOM   489  O OH  . TYR A 1 60  ? -2.737  -1.695  2.980   1.00 52.37  ? 60  TYR A OH  1 
ATOM   490  N N   . GLU A 1 61  ? -0.661  -6.479  7.709   1.00 23.99  ? 61  GLU A N   1 
ATOM   491  C CA  . GLU A 1 61  ? 0.773   -6.290  7.706   1.00 27.42  ? 61  GLU A CA  1 
ATOM   492  C C   . GLU A 1 61  ? 1.307   -6.616  6.306   1.00 23.08  ? 61  GLU A C   1 
ATOM   493  O O   . GLU A 1 61  ? 0.720   -7.454  5.632   1.00 22.12  ? 61  GLU A O   1 
ATOM   494  C CB  . GLU A 1 61  ? 1.513   -7.197  8.687   1.00 41.69  ? 61  GLU A CB  1 
ATOM   495  C CG  . GLU A 1 61  ? 1.193   -7.061  10.158  1.00 52.87  ? 61  GLU A CG  1 
ATOM   496  C CD  . GLU A 1 61  ? 2.176   -7.780  11.065  1.00 65.20  ? 61  GLU A CD  1 
ATOM   497  O OE1 . GLU A 1 61  ? 3.402   -7.525  10.960  1.00 76.15  ? 61  GLU A OE1 1 
ATOM   498  O OE2 . GLU A 1 61  ? 1.729   -8.594  11.913  1.00 92.02  ? 61  GLU A OE2 1 
ATOM   499  N N   . VAL A 1 62  ? 2.399   -5.962  5.977   1.00 26.00  ? 62  VAL A N   1 
ATOM   500  C CA  . VAL A 1 62  ? 3.270   -6.251  4.863   1.00 25.24  ? 62  VAL A CA  1 
ATOM   501  C C   . VAL A 1 62  ? 4.716   -6.159  5.351   1.00 23.31  ? 62  VAL A C   1 
ATOM   502  O O   . VAL A 1 62  ? 5.174   -5.081  5.712   1.00 18.83  ? 62  VAL A O   1 
ATOM   503  C CB  . VAL A 1 62  ? 3.118   -5.265  3.694   1.00 28.36  ? 62  VAL A CB  1 
ATOM   504  C CG1 . VAL A 1 62  ? 3.719   -5.871  2.434   1.00 28.76  ? 62  VAL A CG1 1 
ATOM   505  C CG2 . VAL A 1 62  ? 1.656   -4.897  3.502   1.00 38.90  ? 62  VAL A CG2 1 
ATOM   506  N N   . ASN A 1 63  ? 5.411   -7.281  5.370   1.00 15.03  ? 63  ASN A N   1 
ATOM   507  C CA  . ASN A 1 63  ? 6.810   -7.295  5.792   1.00 13.67  ? 63  ASN A CA  1 
ATOM   508  C C   . ASN A 1 63  ? 7.609   -7.797  4.595   1.00 19.97  ? 63  ASN A C   1 
ATOM   509  O O   . ASN A 1 63  ? 7.255   -8.817  3.994   1.00 18.20  ? 63  ASN A O   1 
ATOM   510  C CB  . ASN A 1 63  ? 7.053   -8.195  6.997   1.00 17.15  ? 63  ASN A CB  1 
ATOM   511  C CG  . ASN A 1 63  ? 6.113   -7.854  8.137   1.00 26.62  ? 63  ASN A CG  1 
ATOM   512  O OD1 . ASN A 1 63  ? 6.079   -6.706  8.579   1.00 33.62  ? 63  ASN A OD1 1 
ATOM   513  N ND2 . ASN A 1 63  ? 5.339   -8.829  8.598   1.00 23.02  ? 63  ASN A ND2 1 
ATOM   514  N N   . PHE A 1 64  ? 8.654   -7.062  4.250   1.00 14.80  ? 64  PHE A N   1 
ATOM   515  C CA  . PHE A 1 64  ? 9.474   -7.488  3.127   1.00 13.91  ? 64  PHE A CA  1 
ATOM   516  C C   . PHE A 1 64  ? 10.912  -7.022  3.321   1.00 16.70  ? 64  PHE A C   1 
ATOM   517  O O   . PHE A 1 64  ? 11.186  -6.174  4.164   1.00 18.68  ? 64  PHE A O   1 
ATOM   518  C CB  . PHE A 1 64  ? 8.913   -6.905  1.820   1.00 14.18  ? 64  PHE A CB  1 
ATOM   519  C CG  . PHE A 1 64  ? 8.854   -5.377  1.804   1.00 17.84  ? 64  PHE A CG  1 
ATOM   520  C CD1 . PHE A 1 64  ? 9.903   -4.612  1.327   1.00 15.08  ? 64  PHE A CD1 1 
ATOM   521  C CD2 . PHE A 1 64  ? 7.716   -4.724  2.260   1.00 21.51  ? 64  PHE A CD2 1 
ATOM   522  C CE1 . PHE A 1 64  ? 9.839   -3.234  1.300   1.00 18.77  ? 64  PHE A CE1 1 
ATOM   523  C CE2 . PHE A 1 64  ? 7.640   -3.339  2.263   1.00 18.12  ? 64  PHE A CE2 1 
ATOM   524  C CZ  . PHE A 1 64  ? 8.705   -2.601  1.788   1.00 17.22  ? 64  PHE A CZ  1 
ATOM   525  N N   . VAL A 1 65  ? 11.779  -7.555  2.483   1.00 17.30  ? 65  VAL A N   1 
ATOM   526  C CA  . VAL A 1 65  ? 13.149  -7.063  2.356   1.00 17.55  ? 65  VAL A CA  1 
ATOM   527  C C   . VAL A 1 65  ? 13.299  -6.608  0.905   1.00 14.05  ? 65  VAL A C   1 
ATOM   528  O O   . VAL A 1 65  ? 12.811  -7.347  0.037   1.00 17.20  ? 65  VAL A O   1 
ATOM   529  C CB  . VAL A 1 65  ? 14.186  -8.131  2.715   1.00 13.88  ? 65  VAL A CB  1 
ATOM   530  C CG1 . VAL A 1 65  ? 15.591  -7.670  2.360   1.00 19.61  ? 65  VAL A CG1 1 
ATOM   531  C CG2 . VAL A 1 65  ? 14.100  -8.448  4.208   1.00 17.42  ? 65  VAL A CG2 1 
ATOM   532  N N   . ILE A 1 66  ? 13.923  -5.459  0.681   1.00 12.36  ? 66  ILE A N   1 
ATOM   533  C CA  . ILE A 1 66  ? 14.118  -5.015  -0.703  1.00 14.93  ? 66  ILE A CA  1 
ATOM   534  C C   . ILE A 1 66  ? 14.772  -6.122  -1.533  1.00 20.83  ? 66  ILE A C   1 
ATOM   535  O O   . ILE A 1 66  ? 15.740  -6.742  -1.075  1.00 19.90  ? 66  ILE A O   1 
ATOM   536  C CB  . ILE A 1 66  ? 14.985  -3.741  -0.736  1.00 17.83  ? 66  ILE A CB  1 
ATOM   537  C CG1 . ILE A 1 66  ? 14.299  -2.491  -0.184  1.00 17.97  ? 66  ILE A CG1 1 
ATOM   538  C CG2 . ILE A 1 66  ? 15.530  -3.478  -2.134  1.00 16.48  ? 66  ILE A CG2 1 
ATOM   539  C CD1 . ILE A 1 66  ? 13.089  -1.990  -0.920  1.00 17.08  ? 66  ILE A CD1 1 
ATOM   540  N N   . GLY A 1 67  ? 14.247  -6.364  -2.728  1.00 14.14  ? 67  GLY A N   1 
ATOM   541  C CA  . GLY A 1 67  ? 14.785  -7.278  -3.719  1.00 19.03  ? 67  GLY A CA  1 
ATOM   542  C C   . GLY A 1 67  ? 14.577  -8.756  -3.448  1.00 20.25  ? 67  GLY A C   1 
ATOM   543  O O   . GLY A 1 67  ? 15.038  -9.586  -4.234  1.00 23.34  ? 67  GLY A O   1 
ATOM   544  N N   . GLU A 1 68  ? 13.889  -9.113  -2.376  1.00 16.95  ? 68  GLU A N   1 
ATOM   545  C CA  . GLU A 1 68  ? 13.555  -10.477 -1.978  1.00 19.91  ? 68  GLU A CA  1 
ATOM   546  C C   . GLU A 1 68  ? 12.093  -10.787 -2.287  1.00 19.62  ? 68  GLU A C   1 
ATOM   547  O O   . GLU A 1 68  ? 11.207  -10.298 -1.588  1.00 18.65  ? 68  GLU A O   1 
ATOM   548  C CB  . GLU A 1 68  ? 13.809  -10.642 -0.484  1.00 20.54  ? 68  GLU A CB  1 
ATOM   549  C CG  . GLU A 1 68  ? 13.488  -11.987 0.136   1.00 44.52  ? 68  GLU A CG  1 
ATOM   550  C CD  . GLU A 1 68  ? 13.605  -12.044 1.651   1.00 47.38  ? 68  GLU A CD  1 
ATOM   551  O OE1 . GLU A 1 68  ? 12.564  -11.962 2.346   1.00 21.84  ? 68  GLU A OE1 1 
ATOM   552  O OE2 . GLU A 1 68  ? 14.720  -12.180 2.205   1.00 38.76  ? 68  GLU A OE2 1 
ATOM   553  N N   . GLU A 1 69  ? 11.820  -11.584 -3.314  1.00 16.06  ? 69  GLU A N   1 
ATOM   554  C CA  . GLU A 1 69  ? 10.431  -11.856 -3.691  1.00 20.86  ? 69  GLU A CA  1 
ATOM   555  C C   . GLU A 1 69  ? 9.773   -12.772 -2.672  1.00 25.75  ? 69  GLU A C   1 
ATOM   556  O O   . GLU A 1 69  ? 10.393  -13.725 -2.183  1.00 19.06  ? 69  GLU A O   1 
ATOM   557  C CB  . GLU A 1 69  ? 10.402  -12.433 -5.115  1.00 22.16  ? 69  GLU A CB  1 
ATOM   558  C CG  . GLU A 1 69  ? 9.013   -12.521 -5.728  1.00 22.95  ? 69  GLU A CG  1 
ATOM   559  C CD  . GLU A 1 69  ? 8.925   -13.420 -6.945  1.00 38.11  ? 69  GLU A CD  1 
ATOM   560  O OE1 . GLU A 1 69  ? 9.466   -14.551 -6.939  1.00 48.40  ? 69  GLU A OE1 1 
ATOM   561  O OE2 . GLU A 1 69  ? 8.284   -12.985 -7.930  1.00 50.92  ? 69  GLU A OE2 1 
ATOM   562  N N   . PHE A 1 70  ? 8.510   -12.503 -2.330  1.00 14.56  ? 70  PHE A N   1 
ATOM   563  C CA  . PHE A 1 70  ? 7.842   -13.299 -1.292  1.00 17.52  ? 70  PHE A CA  1 
ATOM   564  C C   . PHE A 1 70  ? 6.405   -13.598 -1.691  1.00 22.84  ? 70  PHE A C   1 
ATOM   565  O O   . PHE A 1 70  ? 5.755   -12.878 -2.455  1.00 21.06  ? 70  PHE A O   1 
ATOM   566  C CB  . PHE A 1 70  ? 7.842   -12.592 0.053   1.00 18.57  ? 70  PHE A CB  1 
ATOM   567  C CG  . PHE A 1 70  ? 7.190   -11.224 0.121   1.00 22.54  ? 70  PHE A CG  1 
ATOM   568  C CD1 . PHE A 1 70  ? 7.804   -10.116 -0.450  1.00 16.75  ? 70  PHE A CD1 1 
ATOM   569  C CD2 . PHE A 1 70  ? 5.981   -11.018 0.764   1.00 26.54  ? 70  PHE A CD2 1 
ATOM   570  C CE1 . PHE A 1 70  ? 7.256   -8.853  -0.392  1.00 15.50  ? 70  PHE A CE1 1 
ATOM   571  C CE2 . PHE A 1 70  ? 5.409   -9.757  0.826   1.00 17.73  ? 70  PHE A CE2 1 
ATOM   572  C CZ  . PHE A 1 70  ? 6.045   -8.673  0.256   1.00 16.34  ? 70  PHE A CZ  1 
ATOM   573  N N   . ASP A 1 71  ? 5.848   -14.685 -1.169  1.00 18.58  ? 71  ASP A N   1 
ATOM   574  C CA  . ASP A 1 71  ? 4.439   -14.910 -1.518  1.00 19.19  ? 71  ASP A CA  1 
ATOM   575  C C   . ASP A 1 71  ? 3.589   -14.074 -0.577  1.00 22.10  ? 71  ASP A C   1 
ATOM   576  O O   . ASP A 1 71  ? 3.827   -14.051 0.638   1.00 29.11  ? 71  ASP A O   1 
ATOM   577  C CB  . ASP A 1 71  ? 4.083   -16.386 -1.402  1.00 37.34  ? 71  ASP A CB  1 
ATOM   578  C CG  . ASP A 1 71  ? 4.773   -17.296 -2.394  1.00 45.81  ? 71  ASP A CG  1 
ATOM   579  O OD1 . ASP A 1 71  ? 5.142   -18.427 -1.995  1.00 68.21  ? 71  ASP A OD1 1 
ATOM   580  O OD2 . ASP A 1 71  ? 4.940   -16.908 -3.569  1.00 42.91  ? 71  ASP A OD2 1 
ATOM   581  N N   . GLU A 1 72  ? 2.605   -13.365 -1.100  1.00 21.69  ? 72  GLU A N   1 
ATOM   582  C CA  . GLU A 1 72  ? 1.813   -12.472 -0.265  1.00 22.10  ? 72  GLU A CA  1 
ATOM   583  C C   . GLU A 1 72  ? 0.338   -12.816 -0.431  1.00 18.46  ? 72  GLU A C   1 
ATOM   584  O O   . GLU A 1 72  ? -0.026  -13.109 -1.564  1.00 19.70  ? 72  GLU A O   1 
ATOM   585  C CB  . GLU A 1 72  ? 2.062   -11.008 -0.669  1.00 22.81  ? 72  GLU A CB  1 
ATOM   586  C CG  . GLU A 1 72  ? 1.047   -10.045 -0.086  1.00 22.50  ? 72  GLU A CG  1 
ATOM   587  C CD  . GLU A 1 72  ? 1.297   -8.586  -0.366  1.00 28.99  ? 72  GLU A CD  1 
ATOM   588  O OE1 . GLU A 1 72  ? 1.920   -8.232  -1.388  1.00 24.30  ? 72  GLU A OE1 1 
ATOM   589  O OE2 . GLU A 1 72  ? 0.854   -7.739  0.440   1.00 40.19  ? 72  GLU A OE2 1 
ATOM   590  N N   . GLN A 1 73  ? -0.422  -12.771 0.638   1.00 19.29  ? 73  GLN A N   1 
ATOM   591  C CA  . GLN A 1 73  ? -1.868  -12.952 0.621   1.00 24.75  ? 73  GLN A CA  1 
ATOM   592  C C   . GLN A 1 73  ? -2.502  -11.600 0.932   1.00 25.27  ? 73  GLN A C   1 
ATOM   593  O O   . GLN A 1 73  ? -2.361  -11.073 2.031   1.00 29.77  ? 73  GLN A O   1 
ATOM   594  C CB  . GLN A 1 73  ? -2.310  -14.021 1.614   1.00 23.88  ? 73  GLN A CB  1 
ATOM   595  C CG  . GLN A 1 73  ? -3.778  -14.399 1.491   1.00 30.80  ? 73  GLN A CG  1 
ATOM   596  C CD  . GLN A 1 73  ? -3.985  -15.276 0.271   1.00 35.31  ? 73  GLN A CD  1 
ATOM   597  O OE1 . GLN A 1 73  ? -5.118  -15.431 -0.182  1.00 33.85  ? 73  GLN A OE1 1 
ATOM   598  N NE2 . GLN A 1 73  ? -2.881  -15.822 -0.234  1.00 22.04  ? 73  GLN A NE2 1 
ATOM   599  N N   . THR A 1 74  ? -3.183  -10.997 -0.034  1.00 16.18  ? 74  THR A N   1 
ATOM   600  C CA  . THR A 1 74  ? -3.623  -9.615  0.112   1.00 27.98  ? 74  THR A CA  1 
ATOM   601  C C   . THR A 1 74  ? -4.889  -9.444  0.945   1.00 44.28  ? 74  THR A C   1 
ATOM   602  O O   . THR A 1 74  ? -5.872  -8.901  0.417   1.00 34.16  ? 74  THR A O   1 
ATOM   603  C CB  . THR A 1 74  ? -3.869  -8.996  -1.284  1.00 22.89  ? 74  THR A CB  1 
ATOM   604  O OG1 . THR A 1 74  ? -4.819  -9.807  -1.976  1.00 21.91  ? 74  THR A OG1 1 
ATOM   605  C CG2 . THR A 1 74  ? -2.594  -9.005  -2.106  1.00 25.36  ? 74  THR A CG2 1 
ATOM   606  N N   . LYS A 1 75  ? -4.877  -9.865  2.205   1.00 48.81  ? 75  LYS A N   1 
ATOM   607  C CA  . LYS A 1 75  ? -6.044  -9.820  3.088   1.00 44.83  ? 75  LYS A CA  1 
ATOM   608  C C   . LYS A 1 75  ? -6.655  -8.430  3.203   1.00 47.69  ? 75  LYS A C   1 
ATOM   609  O O   . LYS A 1 75  ? -7.872  -8.290  3.373   1.00 68.06  ? 75  LYS A O   1 
ATOM   610  C CB  . LYS A 1 75  ? -5.684  -10.329 4.485   1.00 44.39  ? 75  LYS A CB  1 
ATOM   611  C CG  . LYS A 1 75  ? -5.887  -11.829 4.660   1.00 53.82  ? 75  LYS A CG  1 
ATOM   612  C CD  . LYS A 1 75  ? -7.307  -12.266 4.338   1.00 50.93  ? 75  LYS A CD  1 
ATOM   613  C CE  . LYS A 1 75  ? -7.702  -13.524 5.095   1.00 56.38  ? 75  LYS A CE  1 
ATOM   614  N NZ  . LYS A 1 75  ? -8.624  -13.222 6.225   1.00 61.94  ? 75  LYS A NZ  1 
ATOM   615  N N   . GLY A 1 76  ? -5.864  -7.358  3.116   1.00 40.24  ? 76  GLY A N   1 
ATOM   616  C CA  . GLY A 1 76  ? -6.483  -6.048  3.293   1.00 41.53  ? 76  GLY A CA  1 
ATOM   617  C C   . GLY A 1 76  ? -7.422  -5.691  2.162   1.00 40.46  ? 76  GLY A C   1 
ATOM   618  O O   . GLY A 1 76  ? -8.187  -4.732  2.249   1.00 31.19  ? 76  GLY A O   1 
ATOM   619  N N   . LEU A 1 77  ? -7.391  -6.436  1.057   1.00 29.06  ? 77  LEU A N   1 
ATOM   620  C CA  . LEU A 1 77  ? -8.180  -6.036  -0.100  1.00 25.51  ? 77  LEU A CA  1 
ATOM   621  C C   . LEU A 1 77  ? -8.993  -7.211  -0.628  1.00 25.17  ? 77  LEU A C   1 
ATOM   622  O O   . LEU A 1 77  ? -10.096 -7.452  -0.130  1.00 25.66  ? 77  LEU A O   1 
ATOM   623  C CB  . LEU A 1 77  ? -7.251  -5.479  -1.184  1.00 22.59  ? 77  LEU A CB  1 
ATOM   624  C CG  . LEU A 1 77  ? -7.436  -4.024  -1.601  1.00 33.74  ? 77  LEU A CG  1 
ATOM   625  C CD1 . LEU A 1 77  ? -8.144  -3.221  -0.524  1.00 42.96  ? 77  LEU A CD1 1 
ATOM   626  C CD2 . LEU A 1 77  ? -6.094  -3.388  -1.943  1.00 56.53  ? 77  LEU A CD2 1 
ATOM   627  N N   . ASP A 1 78  ? -8.443  -7.903  -1.620  1.00 16.56  ? 78  ASP A N   1 
ATOM   628  C CA  . ASP A 1 78  ? -9.134  -8.942  -2.363  1.00 15.10  ? 78  ASP A CA  1 
ATOM   629  C C   . ASP A 1 78  ? -8.775  -10.346 -1.908  1.00 14.40  ? 78  ASP A C   1 
ATOM   630  O O   . ASP A 1 78  ? -9.395  -11.319 -2.363  1.00 19.89  ? 78  ASP A O   1 
ATOM   631  C CB  . ASP A 1 78  ? -8.849  -8.840  -3.876  1.00 13.44  ? 78  ASP A CB  1 
ATOM   632  C CG  . ASP A 1 78  ? -7.382  -8.683  -4.212  1.00 19.41  ? 78  ASP A CG  1 
ATOM   633  O OD1 . ASP A 1 78  ? -6.640  -8.142  -3.359  1.00 21.16  ? 78  ASP A OD1 1 
ATOM   634  O OD2 . ASP A 1 78  ? -6.980  -9.076  -5.336  1.00 18.52  ? 78  ASP A OD2 1 
ATOM   635  N N   . ASN A 1 79  ? -7.783  -10.523 -1.048  1.00 19.89  ? 79  ASN A N   1 
ATOM   636  C CA  . ASN A 1 79  ? -7.427  -11.871 -0.568  1.00 23.44  ? 79  ASN A CA  1 
ATOM   637  C C   . ASN A 1 79  ? -7.047  -12.776 -1.729  1.00 21.77  ? 79  ASN A C   1 
ATOM   638  O O   . ASN A 1 79  ? -7.479  -13.889 -1.987  1.00 24.80  ? 79  ASN A O   1 
ATOM   639  C CB  . ASN A 1 79  ? -8.557  -12.463 0.270   1.00 30.89  ? 79  ASN A CB  1 
ATOM   640  C CG  . ASN A 1 79  ? -8.157  -13.724 1.013   1.00 35.13  ? 79  ASN A CG  1 
ATOM   641  O OD1 . ASN A 1 79  ? -8.979  -14.627 1.162   1.00 52.94  ? 79  ASN A OD1 1 
ATOM   642  N ND2 . ASN A 1 79  ? -6.921  -13.853 1.487   1.00 29.15  ? 79  ASN A ND2 1 
ATOM   643  N N   . ARG A 1 80  ? -6.133  -12.257 -2.545  1.00 19.29  ? 80  ARG A N   1 
ATOM   644  C CA  . ARG A 1 80  ? -5.547  -13.085 -3.580  1.00 18.08  ? 80  ARG A CA  1 
ATOM   645  C C   . ARG A 1 80  ? -4.111  -13.419 -3.168  1.00 17.01  ? 80  ARG A C   1 
ATOM   646  O O   . ARG A 1 80  ? -3.508  -12.681 -2.393  1.00 24.00  ? 80  ARG A O   1 
ATOM   647  C CB  . ARG A 1 80  ? -5.565  -12.375 -4.930  1.00 14.79  ? 80  ARG A CB  1 
ATOM   648  C CG  . ARG A 1 80  ? -6.966  -12.302 -5.553  1.00 14.30  ? 80  ARG A CG  1 
ATOM   649  C CD  . ARG A 1 80  ? -6.852  -11.744 -6.983  1.00 17.92  ? 80  ARG A CD  1 
ATOM   650  N NE  . ARG A 1 80  ? -8.099  -11.992 -7.717  1.00 17.12  ? 80  ARG A NE  1 
ATOM   651  C CZ  . ARG A 1 80  ? -9.040  -11.046 -7.843  1.00 23.14  ? 80  ARG A CZ  1 
ATOM   652  N NH1 . ARG A 1 80  ? -8.867  -9.848  -7.313  1.00 16.04  ? 80  ARG A NH1 1 
ATOM   653  N NH2 . ARG A 1 80  ? -10.163 -11.325 -8.512  1.00 20.41  ? 80  ARG A NH2 1 
ATOM   654  N N   . THR A 1 81  ? -3.610  -14.512 -3.723  1.00 13.06  ? 81  THR A N   1 
ATOM   655  C CA  . THR A 1 81  ? -2.198  -14.827 -3.615  1.00 14.77  ? 81  THR A CA  1 
ATOM   656  C C   . THR A 1 81  ? -1.425  -14.161 -4.746  1.00 11.80  ? 81  THR A C   1 
ATOM   657  O O   . THR A 1 81  ? -1.757  -14.355 -5.910  1.00 14.19  ? 81  THR A O   1 
ATOM   658  C CB  . THR A 1 81  ? -1.956  -16.350 -3.687  1.00 26.34  ? 81  THR A CB  1 
ATOM   659  O OG1 . THR A 1 81  ? -2.760  -16.989 -2.680  1.00 38.82  ? 81  THR A OG1 1 
ATOM   660  C CG2 . THR A 1 81  ? -0.507  -16.690 -3.380  1.00 36.36  ? 81  THR A CG2 1 
ATOM   661  N N   . VAL A 1 82  ? -0.394  -13.412 -4.388  1.00 14.86  ? 82  VAL A N   1 
ATOM   662  C CA  . VAL A 1 82  ? 0.480   -12.828 -5.391  1.00 15.14  ? 82  VAL A CA  1 
ATOM   663  C C   . VAL A 1 82  ? 1.944   -13.020 -4.982  1.00 22.27  ? 82  VAL A C   1 
ATOM   664  O O   . VAL A 1 82  ? 2.223   -13.251 -3.802  1.00 17.70  ? 82  VAL A O   1 
ATOM   665  C CB  . VAL A 1 82  ? 0.231   -11.316 -5.548  1.00 14.69  ? 82  VAL A CB  1 
ATOM   666  C CG1 . VAL A 1 82  ? -1.190  -11.039 -6.013  1.00 11.82  ? 82  VAL A CG1 1 
ATOM   667  C CG2 . VAL A 1 82  ? 0.512   -10.617 -4.222  1.00 15.60  ? 82  VAL A CG2 1 
ATOM   668  N N   . LYS A 1 83  ? 2.832   -12.884 -5.960  1.00 18.53  ? 83  LYS A N   1 
ATOM   669  C CA  . LYS A 1 83  ? 4.270   -12.913 -5.707  1.00 19.67  ? 83  LYS A CA  1 
ATOM   670  C C   . LYS A 1 83  ? 4.744   -11.465 -5.742  1.00 14.32  ? 83  LYS A C   1 
ATOM   671  O O   . LYS A 1 83  ? 4.673   -10.825 -6.791  1.00 14.84  ? 83  LYS A O   1 
ATOM   672  C CB  . LYS A 1 83  ? 5.002   -13.766 -6.746  1.00 20.25  ? 83  LYS A CB  1 
ATOM   673  C CG  . LYS A 1 83  ? 4.810   -15.261 -6.562  1.00 26.33  ? 83  LYS A CG  1 
ATOM   674  C CD  . LYS A 1 83  ? 4.046   -15.907 -7.702  1.00 48.35  ? 83  LYS A CD  1 
ATOM   675  C CE  . LYS A 1 83  ? 2.939   -16.824 -7.193  1.00 57.82  ? 83  LYS A CE  1 
ATOM   676  N NZ  . LYS A 1 83  ? 3.292   -18.266 -7.287  1.00 66.74  ? 83  LYS A NZ  1 
ATOM   677  N N   . THR A 1 84  ? 5.201   -10.997 -4.602  1.00 11.07  ? 84  THR A N   1 
ATOM   678  C CA  . THR A 1 84  ? 5.527   -9.583  -4.432  1.00 10.62  ? 84  THR A CA  1 
ATOM   679  C C   . THR A 1 84  ? 7.010   -9.315  -4.357  1.00 19.16  ? 84  THR A C   1 
ATOM   680  O O   . THR A 1 84  ? 7.773   -10.055 -3.745  1.00 16.27  ? 84  THR A O   1 
ATOM   681  C CB  . THR A 1 84  ? 4.824   -9.145  -3.135  1.00 15.03  ? 84  THR A CB  1 
ATOM   682  O OG1 . THR A 1 84  ? 3.428   -9.371  -3.371  1.00 16.87  ? 84  THR A OG1 1 
ATOM   683  C CG2 . THR A 1 84  ? 5.056   -7.677  -2.851  1.00 15.80  ? 84  THR A CG2 1 
ATOM   684  N N   . LEU A 1 85  ? 7.434   -8.225  -4.996  1.00 14.52  ? 85  LEU A N   1 
ATOM   685  C CA  . LEU A 1 85  ? 8.843   -7.860  -4.988  1.00 11.51  ? 85  LEU A CA  1 
ATOM   686  C C   . LEU A 1 85  ? 8.935   -6.338  -4.940  1.00 17.87  ? 85  LEU A C   1 
ATOM   687  O O   . LEU A 1 85  ? 8.346   -5.673  -5.797  1.00 14.39  ? 85  LEU A O   1 
ATOM   688  C CB  . LEU A 1 85  ? 9.532   -8.408  -6.232  1.00 15.88  ? 85  LEU A CB  1 
ATOM   689  C CG  . LEU A 1 85  ? 11.000  -8.023  -6.430  1.00 15.11  ? 85  LEU A CG  1 
ATOM   690  C CD1 . LEU A 1 85  ? 11.870  -8.577  -5.325  1.00 15.62  ? 85  LEU A CD1 1 
ATOM   691  C CD2 . LEU A 1 85  ? 11.483  -8.540  -7.781  1.00 25.84  ? 85  LEU A CD2 1 
ATOM   692  N N   . VAL A 1 86  ? 9.634   -5.819  -3.951  1.00 14.00  ? 86  VAL A N   1 
ATOM   693  C CA  . VAL A 1 86  ? 9.772   -4.373  -3.773  1.00 13.14  ? 86  VAL A CA  1 
ATOM   694  C C   . VAL A 1 86  ? 11.210  -3.978  -4.066  1.00 15.22  ? 86  VAL A C   1 
ATOM   695  O O   . VAL A 1 86  ? 12.094  -4.708  -3.601  1.00 15.52  ? 86  VAL A O   1 
ATOM   696  C CB  . VAL A 1 86  ? 9.410   -3.946  -2.342  1.00 10.10  ? 86  VAL A CB  1 
ATOM   697  C CG1 . VAL A 1 86  ? 9.418   -2.423  -2.230  1.00 8.73   ? 86  VAL A CG1 1 
ATOM   698  C CG2 . VAL A 1 86  ? 8.066   -4.557  -1.958  1.00 14.18  ? 86  VAL A CG2 1 
ATOM   699  N N   . LYS A 1 87  ? 11.430  -2.920  -4.824  1.00 12.03  ? 87  LYS A N   1 
ATOM   700  C CA  . LYS A 1 87  ? 12.786  -2.468  -5.138  1.00 10.91  ? 87  LYS A CA  1 
ATOM   701  C C   . LYS A 1 87  ? 12.844  -0.959  -4.956  1.00 14.70  ? 87  LYS A C   1 
ATOM   702  O O   . LYS A 1 87  ? 11.767  -0.367  -4.861  1.00 13.71  ? 87  LYS A O   1 
ATOM   703  C CB  . LYS A 1 87  ? 13.201  -2.872  -6.550  1.00 15.46  ? 87  LYS A CB  1 
ATOM   704  C CG  . LYS A 1 87  ? 13.021  -4.378  -6.784  1.00 27.48  ? 87  LYS A CG  1 
ATOM   705  C CD  . LYS A 1 87  ? 14.154  -4.974  -7.591  1.00 36.44  ? 87  LYS A CD  1 
ATOM   706  C CE  . LYS A 1 87  ? 13.798  -5.153  -9.050  1.00 42.20  ? 87  LYS A CE  1 
ATOM   707  N NZ  . LYS A 1 87  ? 15.013  -5.498  -9.851  1.00 61.91  ? 87  LYS A NZ  1 
ATOM   708  N N   . TRP A 1 88  ? 14.056  -0.420  -4.913  1.00 11.07  ? 88  TRP A N   1 
ATOM   709  C CA  . TRP A 1 88  ? 14.207  1.029   -4.881  1.00 16.97  ? 88  TRP A CA  1 
ATOM   710  C C   . TRP A 1 88  ? 14.128  1.653   -6.275  1.00 14.45  ? 88  TRP A C   1 
ATOM   711  O O   . TRP A 1 88  ? 14.589  1.054   -7.239  1.00 17.39  ? 88  TRP A O   1 
ATOM   712  C CB  . TRP A 1 88  ? 15.547  1.435   -4.264  1.00 16.41  ? 88  TRP A CB  1 
ATOM   713  C CG  . TRP A 1 88  ? 15.685  1.128   -2.800  1.00 13.50  ? 88  TRP A CG  1 
ATOM   714  C CD1 . TRP A 1 88  ? 16.478  0.200   -2.200  1.00 17.22  ? 88  TRP A CD1 1 
ATOM   715  C CD2 . TRP A 1 88  ? 14.981  1.792   -1.744  1.00 13.99  ? 88  TRP A CD2 1 
ATOM   716  N NE1 . TRP A 1 88  ? 16.316  0.235   -0.825  1.00 19.83  ? 88  TRP A NE1 1 
ATOM   717  C CE2 . TRP A 1 88  ? 15.403  1.209   -0.523  1.00 13.37  ? 88  TRP A CE2 1 
ATOM   718  C CE3 . TRP A 1 88  ? 14.038  2.839   -1.738  1.00 13.28  ? 88  TRP A CE3 1 
ATOM   719  C CZ2 . TRP A 1 88  ? 14.898  1.637   0.708   1.00 19.47  ? 88  TRP A CZ2 1 
ATOM   720  C CZ3 . TRP A 1 88  ? 13.548  3.249   -0.504  1.00 21.61  ? 88  TRP A CZ3 1 
ATOM   721  C CH2 . TRP A 1 88  ? 13.980  2.653   0.695   1.00 20.89  ? 88  TRP A CH2 1 
ATOM   722  N N   . ASP A 1 89  ? 13.555  2.846   -6.383  1.00 10.26  ? 89  ASP A N   1 
ATOM   723  C CA  . ASP A 1 89  ? 13.646  3.724   -7.540  1.00 10.58  ? 89  ASP A CA  1 
ATOM   724  C C   . ASP A 1 89  ? 14.108  5.044   -6.934  1.00 18.35  ? 89  ASP A C   1 
ATOM   725  O O   . ASP A 1 89  ? 13.282  5.859   -6.542  1.00 15.53  ? 89  ASP A O   1 
ATOM   726  C CB  . ASP A 1 89  ? 12.339  3.850   -8.285  1.00 15.36  ? 89  ASP A CB  1 
ATOM   727  C CG  . ASP A 1 89  ? 12.283  4.948   -9.324  1.00 29.27  ? 89  ASP A CG  1 
ATOM   728  O OD1 . ASP A 1 89  ? 13.338  5.545   -9.635  1.00 25.87  ? 89  ASP A OD1 1 
ATOM   729  O OD2 . ASP A 1 89  ? 11.162  5.193   -9.847  1.00 23.53  ? 89  ASP A OD2 1 
ATOM   730  N N   . GLY A 1 90  ? 15.427  5.160   -6.817  1.00 22.93  ? 90  GLY A N   1 
ATOM   731  C CA  . GLY A 1 90  ? 16.012  6.232   -6.017  1.00 18.49  ? 90  GLY A CA  1 
ATOM   732  C C   . GLY A 1 90  ? 15.498  6.103   -4.583  1.00 12.56  ? 90  GLY A C   1 
ATOM   733  O O   . GLY A 1 90  ? 15.774  5.084   -3.969  1.00 15.19  ? 90  GLY A O   1 
ATOM   734  N N   . ASP A 1 91  ? 14.764  7.084   -4.068  1.00 14.85  ? 91  ASP A N   1 
ATOM   735  C CA  . ASP A 1 91  ? 14.324  7.052   -2.679  1.00 17.54  ? 91  ASP A CA  1 
ATOM   736  C C   . ASP A 1 91  ? 12.874  6.602   -2.554  1.00 11.22  ? 91  ASP A C   1 
ATOM   737  O O   . ASP A 1 91  ? 12.285  6.701   -1.481  1.00 14.07  ? 91  ASP A O   1 
ATOM   738  C CB  . ASP A 1 91  ? 14.406  8.433   -2.029  1.00 27.30  ? 91  ASP A CB  1 
ATOM   739  C CG  . ASP A 1 91  ? 15.824  8.960   -1.918  1.00 25.42  ? 91  ASP A CG  1 
ATOM   740  O OD1 . ASP A 1 91  ? 16.734  8.117   -1.936  1.00 46.07  ? 91  ASP A OD1 1 
ATOM   741  O OD2 . ASP A 1 91  ? 15.984  10.193  -1.826  1.00 28.54  ? 91  ASP A OD2 1 
ATOM   742  N N   . LYS A 1 92  ? 12.324  6.130   -3.659  1.00 12.81  ? 92  LYS A N   1 
ATOM   743  C CA  . LYS A 1 92  ? 10.950  5.650   -3.690  1.00 10.75  ? 92  LYS A CA  1 
ATOM   744  C C   . LYS A 1 92  ? 10.885  4.125   -3.658  1.00 11.22  ? 92  LYS A C   1 
ATOM   745  O O   . LYS A 1 92  ? 11.785  3.491   -4.218  1.00 14.87  ? 92  LYS A O   1 
ATOM   746  C CB  . LYS A 1 92  ? 10.241  6.123   -4.958  1.00 12.60  ? 92  LYS A CB  1 
ATOM   747  C CG  . LYS A 1 92  ? 10.598  7.544   -5.374  1.00 21.84  ? 92  LYS A CG  1 
ATOM   748  C CD  . LYS A 1 92  ? 9.464   8.119   -6.223  1.00 35.00  ? 92  LYS A CD  1 
ATOM   749  C CE  . LYS A 1 92  ? 9.827   9.472   -6.826  1.00 42.02  ? 92  LYS A CE  1 
ATOM   750  N NZ  . LYS A 1 92  ? 8.955   9.782   -8.002  1.00 43.33  ? 92  LYS A NZ  1 
ATOM   751  N N   . LEU A 1 93  ? 9.864   3.551   -3.049  1.00 9.44   ? 93  LEU A N   1 
ATOM   752  C CA  . LEU A 1 93  ? 9.665   2.091   -3.039  1.00 13.02  ? 93  LEU A CA  1 
ATOM   753  C C   . LEU A 1 93  ? 8.781   1.697   -4.227  1.00 15.07  ? 93  LEU A C   1 
ATOM   754  O O   . LEU A 1 93  ? 7.729   2.321   -4.354  1.00 11.97  ? 93  LEU A O   1 
ATOM   755  C CB  . LEU A 1 93  ? 8.959   1.657   -1.787  1.00 14.20  ? 93  LEU A CB  1 
ATOM   756  C CG  . LEU A 1 93  ? 9.574   1.127   -0.508  1.00 30.38  ? 93  LEU A CG  1 
ATOM   757  C CD1 . LEU A 1 93  ? 11.096  1.045   -0.532  1.00 19.05  ? 93  LEU A CD1 1 
ATOM   758  C CD2 . LEU A 1 93  ? 9.090   1.946   0.694   1.00 17.64  ? 93  LEU A CD2 1 
ATOM   759  N N   . VAL A 1 94  ? 9.149   0.739   -5.050  1.00 12.26  ? 94  VAL A N   1 
ATOM   760  C CA  . VAL A 1 94  ? 8.308   0.327   -6.177  1.00 10.78  ? 94  VAL A CA  1 
ATOM   761  C C   . VAL A 1 94  ? 8.040   -1.169  -6.046  1.00 10.83  ? 94  VAL A C   1 
ATOM   762  O O   . VAL A 1 94  ? 8.940   -1.998  -5.962  1.00 9.94   ? 94  VAL A O   1 
ATOM   763  C CB  . VAL A 1 94  ? 8.919   0.627   -7.557  1.00 17.33  ? 94  VAL A CB  1 
ATOM   764  C CG1 . VAL A 1 94  ? 7.953   0.164   -8.636  1.00 13.72  ? 94  VAL A CG1 1 
ATOM   765  C CG2 . VAL A 1 94  ? 9.232   2.111   -7.690  1.00 18.62  ? 94  VAL A CG2 1 
ATOM   766  N N   . CYS A 1 95  ? 6.760   -1.501  -5.948  1.00 9.39   ? 95  CYS A N   1 
ATOM   767  C CA  . CYS A 1 95  ? 6.359   -2.875  -5.697  1.00 8.66   ? 95  CYS A CA  1 
ATOM   768  C C   . CYS A 1 95  ? 5.585   -3.434  -6.884  1.00 14.01  ? 95  CYS A C   1 
ATOM   769  O O   . CYS A 1 95  ? 4.647   -2.757  -7.336  1.00 13.60  ? 95  CYS A O   1 
ATOM   770  C CB  . CYS A 1 95  ? 5.467   -2.929  -4.467  1.00 13.75  ? 95  CYS A CB  1 
ATOM   771  S SG  . CYS A 1 95  ? 4.749   -4.558  -4.088  1.00 17.58  ? 95  CYS A SG  1 
ATOM   772  N N   . VAL A 1 96  ? 5.976   -4.621  -7.336  1.00 12.08  ? 96  VAL A N   1 
ATOM   773  C CA  . VAL A 1 96  ? 5.234   -5.371  -8.351  1.00 9.03   ? 96  VAL A CA  1 
ATOM   774  C C   . VAL A 1 96  ? 4.584   -6.585  -7.692  1.00 14.30  ? 96  VAL A C   1 
ATOM   775  O O   . VAL A 1 96  ? 5.267   -7.368  -7.007  1.00 12.69  ? 96  VAL A O   1 
ATOM   776  C CB  . VAL A 1 96  ? 6.124   -5.873  -9.491  1.00 18.96  ? 96  VAL A CB  1 
ATOM   777  C CG1 . VAL A 1 96  ? 5.323   -6.717  -10.475 1.00 19.63  ? 96  VAL A CG1 1 
ATOM   778  C CG2 . VAL A 1 96  ? 6.751   -4.702  -10.237 1.00 30.73  ? 96  VAL A CG2 1 
ATOM   779  N N   . GLN A 1 97  ? 3.282   -6.745  -7.867  1.00 11.41  ? 97  GLN A N   1 
ATOM   780  C CA  . GLN A 1 97  ? 2.598   -7.929  -7.364  1.00 10.97  ? 97  GLN A CA  1 
ATOM   781  C C   . GLN A 1 97  ? 2.149   -8.835  -8.509  1.00 14.30  ? 97  GLN A C   1 
ATOM   782  O O   . GLN A 1 97  ? 1.182   -8.519  -9.198  1.00 12.62  ? 97  GLN A O   1 
ATOM   783  C CB  . GLN A 1 97  ? 1.409   -7.494  -6.506  1.00 13.87  ? 97  GLN A CB  1 
ATOM   784  C CG  . GLN A 1 97  ? 1.844   -6.789  -5.206  1.00 13.58  ? 97  GLN A CG  1 
ATOM   785  C CD  . GLN A 1 97  ? 0.644   -6.165  -4.522  1.00 12.08  ? 97  GLN A CD  1 
ATOM   786  O OE1 . GLN A 1 97  ? -0.115  -5.422  -5.133  1.00 20.75  ? 97  GLN A OE1 1 
ATOM   787  N NE2 . GLN A 1 97  ? 0.470   -6.490  -3.260  1.00 18.08  ? 97  GLN A NE2 1 
ATOM   788  N N   . LYS A 1 98  ? 2.840   -9.946  -8.718  1.00 12.60  ? 98  LYS A N   1 
ATOM   789  C CA  . LYS A 1 98  ? 2.611   -10.838 -9.852  1.00 10.78  ? 98  LYS A CA  1 
ATOM   790  C C   . LYS A 1 98  ? 1.555   -11.860 -9.486  1.00 16.01  ? 98  LYS A C   1 
ATOM   791  O O   . LYS A 1 98  ? 1.709   -12.538 -8.469  1.00 17.58  ? 98  LYS A O   1 
ATOM   792  C CB  . LYS A 1 98  ? 3.927   -11.504 -10.240 1.00 19.11  ? 98  LYS A CB  1 
ATOM   793  C CG  . LYS A 1 98  ? 4.860   -10.631 -11.063 1.00 40.89  ? 98  LYS A CG  1 
ATOM   794  C CD  . LYS A 1 98  ? 6.321   -10.900 -10.724 1.00 59.40  ? 98  LYS A CD  1 
ATOM   795  C CE  . LYS A 1 98  ? 7.232   -9.767  -11.169 1.00 65.94  ? 98  LYS A CE  1 
ATOM   796  N NZ  . LYS A 1 98  ? 8.123   -9.265  -10.080 1.00 33.01  ? 98  LYS A NZ  1 
ATOM   797  N N   . GLY A 1 99  ? 0.507   -11.937 -10.302 1.00 18.97  ? 99  GLY A N   1 
ATOM   798  C CA  . GLY A 1 99  ? -0.649  -12.769 -10.028 1.00 18.61  ? 99  GLY A CA  1 
ATOM   799  C C   . GLY A 1 99  ? -1.729  -12.637 -11.089 1.00 17.93  ? 99  GLY A C   1 
ATOM   800  O O   . GLY A 1 99  ? -1.409  -12.294 -12.228 1.00 17.31  ? 99  GLY A O   1 
ATOM   801  N N   . GLU A 1 100 ? -2.971  -12.926 -10.736 1.00 15.24  ? 100 GLU A N   1 
ATOM   802  C CA  . GLU A 1 100 ? -4.104  -12.945 -11.639 1.00 19.84  ? 100 GLU A CA  1 
ATOM   803  C C   . GLU A 1 100 ? -4.323  -11.589 -12.300 1.00 21.02  ? 100 GLU A C   1 
ATOM   804  O O   . GLU A 1 100 ? -4.589  -11.503 -13.491 1.00 18.73  ? 100 GLU A O   1 
ATOM   805  C CB  . GLU A 1 100 ? -5.395  -13.338 -10.888 1.00 18.21  ? 100 GLU A CB  1 
ATOM   806  C CG  . GLU A 1 100 ? -6.612  -12.759 -11.594 1.00 23.36  ? 100 GLU A CG  1 
ATOM   807  C CD  . GLU A 1 100 ? -7.937  -13.209 -11.037 1.00 30.47  ? 100 GLU A CD  1 
ATOM   808  O OE1 . GLU A 1 100 ? -8.839  -12.364 -10.866 1.00 56.13  ? 100 GLU A OE1 1 
ATOM   809  O OE2 . GLU A 1 100 ? -8.102  -14.420 -10.772 1.00 47.83  ? 100 GLU A OE2 1 
ATOM   810  N N   . LYS A 1 101 ? -4.216  -10.498 -11.540 1.00 11.58  ? 101 LYS A N   1 
ATOM   811  C CA  . LYS A 1 101 ? -4.482  -9.181  -12.084 1.00 9.82   ? 101 LYS A CA  1 
ATOM   812  C C   . LYS A 1 101 ? -3.251  -8.591  -12.762 1.00 15.11  ? 101 LYS A C   1 
ATOM   813  O O   . LYS A 1 101 ? -2.137  -8.682  -12.212 1.00 17.90  ? 101 LYS A O   1 
ATOM   814  C CB  . LYS A 1 101 ? -4.937  -8.233  -10.961 1.00 13.73  ? 101 LYS A CB  1 
ATOM   815  C CG  . LYS A 1 101 ? -6.208  -8.680  -10.235 1.00 17.59  ? 101 LYS A CG  1 
ATOM   816  C CD  . LYS A 1 101 ? -7.334  -8.773  -11.251 1.00 20.76  ? 101 LYS A CD  1 
ATOM   817  C CE  . LYS A 1 101 ? -8.714  -8.630  -10.644 1.00 34.91  ? 101 LYS A CE  1 
ATOM   818  N NZ  . LYS A 1 101 ? -9.781  -8.917  -11.653 1.00 29.64  ? 101 LYS A NZ  1 
ATOM   819  N N   . GLU A 1 102 ? -3.430  -8.001  -13.935 1.00 12.40  ? 102 GLU A N   1 
ATOM   820  C CA  . GLU A 1 102 ? -2.335  -7.403  -14.679 1.00 13.57  ? 102 GLU A CA  1 
ATOM   821  C C   . GLU A 1 102 ? -1.915  -6.038  -14.151 1.00 13.43  ? 102 GLU A C   1 
ATOM   822  O O   . GLU A 1 102 ? -2.773  -5.317  -13.653 1.00 12.15  ? 102 GLU A O   1 
ATOM   823  C CB  . GLU A 1 102 ? -2.736  -7.256  -16.171 1.00 16.95  ? 102 GLU A CB  1 
ATOM   824  C CG  . GLU A 1 102 ? -2.861  -8.655  -16.778 1.00 25.62  ? 102 GLU A CG  1 
ATOM   825  C CD  . GLU A 1 102 ? -3.351  -8.675  -18.204 1.00 34.36  ? 102 GLU A CD  1 
ATOM   826  O OE1 . GLU A 1 102 ? -3.290  -9.758  -18.832 1.00 45.57  ? 102 GLU A OE1 1 
ATOM   827  O OE2 . GLU A 1 102 ? -3.797  -7.614  -18.674 1.00 37.64  ? 102 GLU A OE2 1 
ATOM   828  N N   . ASN A 1 103 ? -0.629  -5.725  -14.264 1.00 11.78  ? 103 ASN A N   1 
ATOM   829  C CA  . ASN A 1 103 ? -0.149  -4.384  -13.907 1.00 15.05  ? 103 ASN A CA  1 
ATOM   830  C C   . ASN A 1 103 ? -0.585  -3.995  -12.494 1.00 12.88  ? 103 ASN A C   1 
ATOM   831  O O   . ASN A 1 103 ? -1.095  -2.909  -12.248 1.00 11.91  ? 103 ASN A O   1 
ATOM   832  C CB  . ASN A 1 103 ? -0.653  -3.348  -14.930 1.00 12.13  ? 103 ASN A CB  1 
ATOM   833  C CG  . ASN A 1 103 ? 0.094   -2.032  -14.835 1.00 14.88  ? 103 ASN A CG  1 
ATOM   834  O OD1 . ASN A 1 103 ? -0.453  -0.917  -14.914 1.00 20.94  ? 103 ASN A OD1 1 
ATOM   835  N ND2 . ASN A 1 103 ? 1.396   -2.115  -14.656 1.00 9.71   ? 103 ASN A ND2 1 
ATOM   836  N N   . ARG A 1 104 ? -0.377  -4.905  -11.540 1.00 10.40  ? 104 ARG A N   1 
ATOM   837  C CA  . ARG A 1 104 ? -0.689  -4.655  -10.153 1.00 9.23   ? 104 ARG A CA  1 
ATOM   838  C C   . ARG A 1 104 ? 0.562   -4.382  -9.331  1.00 13.97  ? 104 ARG A C   1 
ATOM   839  O O   . ARG A 1 104 ? 1.600   -5.052  -9.453  1.00 12.71  ? 104 ARG A O   1 
ATOM   840  C CB  . ARG A 1 104 ? -1.414  -5.887  -9.592  1.00 10.43  ? 104 ARG A CB  1 
ATOM   841  C CG  . ARG A 1 104 ? -1.753  -5.760  -8.113  1.00 15.18  ? 104 ARG A CG  1 
ATOM   842  C CD  . ARG A 1 104 ? -2.290  -7.083  -7.552  1.00 15.68  ? 104 ARG A CD  1 
ATOM   843  N NE  . ARG A 1 104 ? -2.853  -6.829  -6.229  1.00 13.36  ? 104 ARG A NE  1 
ATOM   844  C CZ  . ARG A 1 104 ? -3.867  -7.470  -5.670  1.00 10.64  ? 104 ARG A CZ  1 
ATOM   845  N NH1 . ARG A 1 104 ? -4.492  -8.470  -6.284  1.00 12.05  ? 104 ARG A NH1 1 
ATOM   846  N NH2 . ARG A 1 104 ? -4.233  -7.076  -4.457  1.00 12.66  ? 104 ARG A NH2 1 
ATOM   847  N N   . GLY A 1 105 ? 0.463   -3.369  -8.458  1.00 11.36  ? 105 GLY A N   1 
ATOM   848  C CA  . GLY A 1 105 ? 1.573   -3.102  -7.543  1.00 12.20  ? 105 GLY A CA  1 
ATOM   849  C C   . GLY A 1 105 ? 1.311   -1.814  -6.779  1.00 15.96  ? 105 GLY A C   1 
ATOM   850  O O   . GLY A 1 105 ? 0.164   -1.355  -6.669  1.00 13.21  ? 105 GLY A O   1 
ATOM   851  N N   . TRP A 1 106 ? 2.384   -1.196  -6.296  1.00 7.37   ? 106 TRP A N   1 
ATOM   852  C CA  . TRP A 1 106 ? 2.227   0.085   -5.604  1.00 6.84   ? 106 TRP A CA  1 
ATOM   853  C C   . TRP A 1 106 ? 3.581   0.794   -5.604  1.00 9.48   ? 106 TRP A C   1 
ATOM   854  O O   . TRP A 1 106 ? 4.618   0.194   -5.916  1.00 11.46  ? 106 TRP A O   1 
ATOM   855  C CB  . TRP A 1 106 ? 1.671   -0.054  -4.189  1.00 7.65   ? 106 TRP A CB  1 
ATOM   856  C CG  . TRP A 1 106 ? 2.324   -1.032  -3.275  1.00 11.32  ? 106 TRP A CG  1 
ATOM   857  C CD1 . TRP A 1 106 ? 1.878   -2.289  -2.975  1.00 16.04  ? 106 TRP A CD1 1 
ATOM   858  C CD2 . TRP A 1 106 ? 3.542   -0.860  -2.530  1.00 11.71  ? 106 TRP A CD2 1 
ATOM   859  N NE1 . TRP A 1 106 ? 2.745   -2.909  -2.088  1.00 17.02  ? 106 TRP A NE1 1 
ATOM   860  C CE2 . TRP A 1 106 ? 3.767   -2.052  -1.804  1.00 14.97  ? 106 TRP A CE2 1 
ATOM   861  C CE3 . TRP A 1 106 ? 4.452   0.204   -2.425  1.00 12.10  ? 106 TRP A CE3 1 
ATOM   862  C CZ2 . TRP A 1 106 ? 4.881   -2.206  -0.975  1.00 17.63  ? 106 TRP A CZ2 1 
ATOM   863  C CZ3 . TRP A 1 106 ? 5.555   0.042   -1.596  1.00 15.18  ? 106 TRP A CZ3 1 
ATOM   864  C CH2 . TRP A 1 106 ? 5.760   -1.152  -0.886  1.00 18.56  ? 106 TRP A CH2 1 
ATOM   865  N N   . LYS A 1 107 ? 3.537   2.079   -5.290  1.00 7.53   ? 107 LYS A N   1 
ATOM   866  C CA  . LYS A 1 107 ? 4.759   2.888   -5.225  1.00 11.50  ? 107 LYS A CA  1 
ATOM   867  C C   . LYS A 1 107 ? 4.623   3.801   -4.004  1.00 14.36  ? 107 LYS A C   1 
ATOM   868  O O   . LYS A 1 107 ? 3.524   4.338   -3.815  1.00 12.19  ? 107 LYS A O   1 
ATOM   869  C CB  . LYS A 1 107 ? 4.935   3.704   -6.494  1.00 15.81  ? 107 LYS A CB  1 
ATOM   870  C CG  . LYS A 1 107 ? 6.318   4.341   -6.652  1.00 26.51  ? 107 LYS A CG  1 
ATOM   871  C CD  . LYS A 1 107 ? 6.455   4.811   -8.104  1.00 36.87  ? 107 LYS A CD  1 
ATOM   872  C CE  . LYS A 1 107 ? 7.872   5.259   -8.418  1.00 37.70  ? 107 LYS A CE  1 
ATOM   873  N NZ  . LYS A 1 107 ? 8.013   5.642   -9.850  1.00 44.92  ? 107 LYS A NZ  1 
ATOM   874  N N   . GLN A 1 108 ? 5.678   3.938   -3.225  1.00 8.50   ? 108 GLN A N   1 
ATOM   875  C CA  . GLN A 1 108 ? 5.570   4.735   -2.004  1.00 6.85   ? 108 GLN A CA  1 
ATOM   876  C C   . GLN A 1 108 ? 6.759   5.655   -1.849  1.00 12.51  ? 108 GLN A C   1 
ATOM   877  O O   . GLN A 1 108 ? 7.888   5.267   -2.158  1.00 11.44  ? 108 GLN A O   1 
ATOM   878  C CB  . GLN A 1 108 ? 5.460   3.768   -0.815  1.00 11.87  ? 108 GLN A CB  1 
ATOM   879  C CG  . GLN A 1 108 ? 5.179   4.483   0.496   1.00 18.02  ? 108 GLN A CG  1 
ATOM   880  C CD  . GLN A 1 108 ? 4.938   3.430   1.572   1.00 24.40  ? 108 GLN A CD  1 
ATOM   881  O OE1 . GLN A 1 108 ? 5.794   3.173   2.410   1.00 35.24  ? 108 GLN A OE1 1 
ATOM   882  N NE2 . GLN A 1 108 ? 3.771   2.830   1.496   1.00 18.99  ? 108 GLN A NE2 1 
ATOM   883  N N   . TRP A 1 109 ? 6.533   6.888   -1.387  1.00 11.41  ? 109 TRP A N   1 
ATOM   884  C CA  . TRP A 1 109 ? 7.672   7.807   -1.261  1.00 12.07  ? 109 TRP A CA  1 
ATOM   885  C C   . TRP A 1 109 ? 7.336   8.898   -0.243  1.00 15.29  ? 109 TRP A C   1 
ATOM   886  O O   . TRP A 1 109 ? 6.183   9.072   0.123   1.00 14.32  ? 109 TRP A O   1 
ATOM   887  C CB  . TRP A 1 109 ? 8.064   8.471   -2.566  1.00 11.22  ? 109 TRP A CB  1 
ATOM   888  C CG  . TRP A 1 109 ? 7.108   9.460   -3.153  1.00 14.05  ? 109 TRP A CG  1 
ATOM   889  C CD1 . TRP A 1 109 ? 7.161   10.827  -3.085  1.00 11.19  ? 109 TRP A CD1 1 
ATOM   890  C CD2 . TRP A 1 109 ? 5.934   9.135   -3.917  1.00 13.51  ? 109 TRP A CD2 1 
ATOM   891  N NE1 . TRP A 1 109 ? 6.097   11.377  -3.758  1.00 13.92  ? 109 TRP A NE1 1 
ATOM   892  C CE2 . TRP A 1 109 ? 5.326   10.356  -4.278  1.00 16.67  ? 109 TRP A CE2 1 
ATOM   893  C CE3 . TRP A 1 109 ? 5.348   7.933   -4.324  1.00 12.77  ? 109 TRP A CE3 1 
ATOM   894  C CZ2 . TRP A 1 109 ? 4.153   10.379  -5.034  1.00 18.39  ? 109 TRP A CZ2 1 
ATOM   895  C CZ3 . TRP A 1 109 ? 4.175   7.959   -5.077  1.00 15.45  ? 109 TRP A CZ3 1 
ATOM   896  C CH2 . TRP A 1 109 ? 3.594   9.189   -5.420  1.00 18.59  ? 109 TRP A CH2 1 
ATOM   897  N N   . ILE A 1 110 ? 8.372   9.615   0.159   1.00 12.92  ? 110 ILE A N   1 
ATOM   898  C CA  . ILE A 1 110 ? 8.181   10.689  1.129   1.00 10.42  ? 110 ILE A CA  1 
ATOM   899  C C   . ILE A 1 110 ? 8.514   12.018  0.474   1.00 18.15  ? 110 ILE A C   1 
ATOM   900  O O   . ILE A 1 110 ? 9.509   12.091  -0.239  1.00 18.07  ? 110 ILE A O   1 
ATOM   901  C CB  . ILE A 1 110 ? 9.075   10.421  2.341   1.00 12.44  ? 110 ILE A CB  1 
ATOM   902  C CG1 . ILE A 1 110 ? 8.670   9.147   3.098   1.00 18.53  ? 110 ILE A CG1 1 
ATOM   903  C CG2 . ILE A 1 110 ? 9.128   11.605  3.302   1.00 14.21  ? 110 ILE A CG2 1 
ATOM   904  C CD1 . ILE A 1 110 ? 9.860   8.456   3.750   1.00 32.03  ? 110 ILE A CD1 1 
ATOM   905  N N   . GLU A 1 111 ? 7.688   13.013  0.726   1.00 18.79  ? 111 GLU A N   1 
ATOM   906  C CA  . GLU A 1 111 ? 7.896   14.411  0.400   1.00 22.41  ? 111 GLU A CA  1 
ATOM   907  C C   . GLU A 1 111 ? 7.782   15.219  1.697   1.00 17.20  ? 111 GLU A C   1 
ATOM   908  O O   . GLU A 1 111 ? 6.661   15.362  2.199   1.00 18.70  ? 111 GLU A O   1 
ATOM   909  C CB  . GLU A 1 111 ? 6.870   14.934  -0.600  1.00 33.56  ? 111 GLU A CB  1 
ATOM   910  C CG  . GLU A 1 111 ? 7.068   14.591  -2.059  1.00 40.32  ? 111 GLU A CG  1 
ATOM   911  C CD  . GLU A 1 111 ? 5.843   14.887  -2.908  1.00 48.59  ? 111 GLU A CD  1 
ATOM   912  O OE1 . GLU A 1 111 ? 5.130   15.873  -2.602  1.00 31.46  ? 111 GLU A OE1 1 
ATOM   913  O OE2 . GLU A 1 111 ? 5.586   14.132  -3.882  1.00 31.49  ? 111 GLU A OE2 1 
ATOM   914  N N   . GLY A 1 112 ? 8.887   15.731  2.243   1.00 22.06  ? 112 GLY A N   1 
ATOM   915  C CA  . GLY A 1 112 ? 8.784   16.490  3.496   1.00 20.61  ? 112 GLY A CA  1 
ATOM   916  C C   . GLY A 1 112 ? 8.241   15.606  4.591   1.00 16.74  ? 112 GLY A C   1 
ATOM   917  O O   . GLY A 1 112 ? 8.794   14.548  4.918   1.00 20.29  ? 112 GLY A O   1 
ATOM   918  N N   . ASP A 1 113 ? 7.124   15.960  5.231   1.00 17.81  ? 113 ASP A N   1 
ATOM   919  C CA  . ASP A 1 113 ? 6.648   15.025  6.258   1.00 18.66  ? 113 ASP A CA  1 
ATOM   920  C C   . ASP A 1 113 ? 5.380   14.320  5.791   1.00 16.05  ? 113 ASP A C   1 
ATOM   921  O O   . ASP A 1 113 ? 4.606   13.804  6.592   1.00 16.52  ? 113 ASP A O   1 
ATOM   922  C CB  . ASP A 1 113 ? 6.420   15.748  7.578   1.00 28.17  ? 113 ASP A CB  1 
ATOM   923  C CG  . ASP A 1 113 ? 5.239   16.696  7.494   1.00 34.28  ? 113 ASP A CG  1 
ATOM   924  O OD1 . ASP A 1 113 ? 4.927   17.115  6.360   1.00 38.72  ? 113 ASP A OD1 1 
ATOM   925  O OD2 . ASP A 1 113 ? 4.662   17.000  8.553   1.00 44.52  ? 113 ASP A OD2 1 
ATOM   926  N N   . LEU A 1 114 ? 5.190   14.262  4.473   1.00 16.41  ? 114 LEU A N   1 
ATOM   927  C CA  . LEU A 1 114 ? 4.063   13.479  3.960   1.00 9.63   ? 114 LEU A CA  1 
ATOM   928  C C   . LEU A 1 114 ? 4.563   12.211  3.268   1.00 13.13  ? 114 LEU A C   1 
ATOM   929  O O   . LEU A 1 114 ? 5.548   12.222  2.536   1.00 15.51  ? 114 LEU A O   1 
ATOM   930  C CB  . LEU A 1 114 ? 3.206   14.290  2.978   1.00 12.48  ? 114 LEU A CB  1 
ATOM   931  C CG  . LEU A 1 114 ? 2.736   15.645  3.546   1.00 16.50  ? 114 LEU A CG  1 
ATOM   932  C CD1 . LEU A 1 114 ? 1.952   16.438  2.506   1.00 16.22  ? 114 LEU A CD1 1 
ATOM   933  C CD2 . LEU A 1 114 ? 1.930   15.423  4.804   1.00 15.16  ? 114 LEU A CD2 1 
ATOM   934  N N   . LEU A 1 115 ? 3.845   11.128  3.507   1.00 9.36   ? 115 LEU A N   1 
ATOM   935  C CA  . LEU A 1 115 ? 4.078   9.860   2.820   1.00 11.64  ? 115 LEU A CA  1 
ATOM   936  C C   . LEU A 1 115 ? 3.069   9.746   1.683   1.00 16.02  ? 115 LEU A C   1 
ATOM   937  O O   . LEU A 1 115 ? 1.872   9.949   1.923   1.00 11.52  ? 115 LEU A O   1 
ATOM   938  C CB  . LEU A 1 115 ? 3.934   8.714   3.827   1.00 10.26  ? 115 LEU A CB  1 
ATOM   939  C CG  . LEU A 1 115 ? 3.943   7.302   3.244   1.00 16.63  ? 115 LEU A CG  1 
ATOM   940  C CD1 . LEU A 1 115 ? 5.364   6.820   3.027   1.00 19.42  ? 115 LEU A CD1 1 
ATOM   941  C CD2 . LEU A 1 115 ? 3.232   6.324   4.170   1.00 46.54  ? 115 LEU A CD2 1 
ATOM   942  N N   . HIS A 1 116 ? 3.501   9.444   0.475   1.00 13.30  ? 116 HIS A N   1 
ATOM   943  C CA  . HIS A 1 116 ? 2.601   9.212   -0.654  1.00 13.62  ? 116 HIS A CA  1 
ATOM   944  C C   . HIS A 1 116 ? 2.592   7.732   -1.042  1.00 14.41  ? 116 HIS A C   1 
ATOM   945  O O   . HIS A 1 116 ? 3.667   7.166   -1.163  1.00 9.66   ? 116 HIS A O   1 
ATOM   946  C CB  . HIS A 1 116 ? 2.997   10.012  -1.889  1.00 10.31  ? 116 HIS A CB  1 
ATOM   947  C CG  . HIS A 1 116 ? 2.844   11.493  -1.683  1.00 14.85  ? 116 HIS A CG  1 
ATOM   948  N ND1 . HIS A 1 116 ? 1.793   12.232  -2.163  1.00 18.40  ? 116 HIS A ND1 1 
ATOM   949  C CD2 . HIS A 1 116 ? 3.637   12.371  -1.020  1.00 20.77  ? 116 HIS A CD2 1 
ATOM   950  C CE1 . HIS A 1 116 ? 1.938   13.498  -1.813  1.00 21.92  ? 116 HIS A CE1 1 
ATOM   951  N NE2 . HIS A 1 116 ? 3.057   13.612  -1.112  1.00 16.46  ? 116 HIS A NE2 1 
ATOM   952  N N   . LEU A 1 117 ? 1.384   7.202   -1.230  1.00 11.48  ? 117 LEU A N   1 
ATOM   953  C CA  . LEU A 1 117 ? 1.191   5.844   -1.690  1.00 10.22  ? 117 LEU A CA  1 
ATOM   954  C C   . LEU A 1 117 ? 0.312   5.830   -2.928  1.00 11.75  ? 117 LEU A C   1 
ATOM   955  O O   . LEU A 1 117 ? -0.818  6.317   -2.957  1.00 17.62  ? 117 LEU A O   1 
ATOM   956  C CB  . LEU A 1 117 ? 0.551   4.989   -0.585  1.00 15.60  ? 117 LEU A CB  1 
ATOM   957  C CG  . LEU A 1 117 ? 0.217   3.538   -0.923  1.00 15.62  ? 117 LEU A CG  1 
ATOM   958  C CD1 . LEU A 1 117 ? 1.465   2.730   -1.241  1.00 14.43  ? 117 LEU A CD1 1 
ATOM   959  C CD2 . LEU A 1 117 ? -0.538  2.874   0.228   1.00 25.38  ? 117 LEU A CD2 1 
ATOM   960  N N   . GLU A 1 118 ? 0.831   5.255   -4.002  1.00 11.94  ? 118 GLU A N   1 
ATOM   961  C CA  . GLU A 1 118 ? -0.008  5.086   -5.184  1.00 15.60  ? 118 GLU A CA  1 
ATOM   962  C C   . GLU A 1 118 ? -0.247  3.591   -5.338  1.00 17.06  ? 118 GLU A C   1 
ATOM   963  O O   . GLU A 1 118 ? 0.719   2.830   -5.363  1.00 15.22  ? 118 GLU A O   1 
ATOM   964  C CB  . GLU A 1 118 ? 0.673   5.714   -6.390  1.00 15.26  ? 118 GLU A CB  1 
ATOM   965  C CG  . GLU A 1 118 ? 0.600   7.233   -6.349  1.00 32.54  ? 118 GLU A CG  1 
ATOM   966  C CD  . GLU A 1 118 ? 0.581   7.880   -7.721  1.00 49.52  ? 118 GLU A CD  1 
ATOM   967  O OE1 . GLU A 1 118 ? 1.311   7.396   -8.618  1.00 34.84  ? 118 GLU A OE1 1 
ATOM   968  O OE2 . GLU A 1 118 ? -0.172  8.873   -7.878  1.00 56.37  ? 118 GLU A OE2 1 
ATOM   969  N N   . ILE A 1 119 ? -1.482  3.151   -5.403  1.00 12.25  ? 119 ILE A N   1 
ATOM   970  C CA  . ILE A 1 119 ? -1.785  1.731   -5.572  1.00 13.64  ? 119 ILE A CA  1 
ATOM   971  C C   . ILE A 1 119 ? -2.342  1.572   -6.986  1.00 12.99  ? 119 ILE A C   1 
ATOM   972  O O   . ILE A 1 119 ? -3.216  2.384   -7.333  1.00 13.05  ? 119 ILE A O   1 
ATOM   973  C CB  . ILE A 1 119 ? -2.810  1.229   -4.550  1.00 20.73  ? 119 ILE A CB  1 
ATOM   974  C CG1 . ILE A 1 119 ? -2.426  1.482   -3.084  1.00 19.19  ? 119 ILE A CG1 1 
ATOM   975  C CG2 . ILE A 1 119 ? -3.094  -0.248  -4.802  1.00 12.75  ? 119 ILE A CG2 1 
ATOM   976  C CD1 . ILE A 1 119 ? -3.636  1.323   -2.172  1.00 25.09  ? 119 ILE A CD1 1 
ATOM   977  N N   . HIS A 1 120 ? -1.840  0.621   -7.755  1.00 10.85  ? 120 HIS A N   1 
ATOM   978  C CA  . HIS A 1 120 ? -2.340  0.491   -9.128  1.00 11.68  ? 120 HIS A CA  1 
ATOM   979  C C   . HIS A 1 120 ? -2.711  -0.965  -9.439  1.00 11.62  ? 120 HIS A C   1 
ATOM   980  O O   . HIS A 1 120 ? -2.176  -1.940  -8.921  1.00 8.69   ? 120 HIS A O   1 
ATOM   981  C CB  . HIS A 1 120 ? -1.325  1.053   -10.115 1.00 15.70  ? 120 HIS A CB  1 
ATOM   982  C CG  . HIS A 1 120 ? -0.041  0.305   -10.254 1.00 21.64  ? 120 HIS A CG  1 
ATOM   983  N ND1 . HIS A 1 120 ? 1.103   0.660   -9.561  1.00 27.52  ? 120 HIS A ND1 1 
ATOM   984  C CD2 . HIS A 1 120 ? 0.302   -0.771  -11.005 1.00 13.88  ? 120 HIS A CD2 1 
ATOM   985  C CE1 . HIS A 1 120 ? 2.078   -0.169  -9.885  1.00 16.09  ? 120 HIS A CE1 1 
ATOM   986  N NE2 . HIS A 1 120 ? 1.626   -1.064  -10.763 1.00 18.77  ? 120 HIS A NE2 1 
ATOM   987  N N   . CYS A 1 121 ? -3.688  -1.037  -10.342 1.00 9.53   ? 121 CYS A N   1 
ATOM   988  C CA  . CYS A 1 121 ? -4.167  -2.293  -10.901 1.00 11.35  ? 121 CYS A CA  1 
ATOM   989  C C   . CYS A 1 121 ? -4.767  -2.052  -12.291 1.00 15.90  ? 121 CYS A C   1 
ATOM   990  O O   . CYS A 1 121 ? -5.569  -1.144  -12.459 1.00 12.53  ? 121 CYS A O   1 
ATOM   991  C CB  . CYS A 1 121 ? -5.195  -2.930  -9.965  1.00 13.60  ? 121 CYS A CB  1 
ATOM   992  S SG  . CYS A 1 121 ? -5.692  -4.580  -10.548 1.00 22.16  ? 121 CYS A SG  1 
ATOM   993  N N   . GLN A 1 122 ? -4.361  -2.851  -13.273 1.00 11.30  ? 122 GLN A N   1 
ATOM   994  C CA  . GLN A 1 122 ? -4.846  -2.625  -14.644 1.00 14.72  ? 122 GLN A CA  1 
ATOM   995  C C   . GLN A 1 122 ? -4.580  -1.204  -15.070 1.00 11.46  ? 122 GLN A C   1 
ATOM   996  O O   . GLN A 1 122 ? -3.439  -0.714  -14.976 1.00 16.12  ? 122 GLN A O   1 
ATOM   997  C CB  . GLN A 1 122 ? -6.326  -3.052  -14.675 1.00 15.98  ? 122 GLN A CB  1 
ATOM   998  C CG  . GLN A 1 122 ? -6.397  -4.553  -14.369 1.00 15.89  ? 122 GLN A CG  1 
ATOM   999  C CD  . GLN A 1 122 ? -7.799  -5.121  -14.368 1.00 24.02  ? 122 GLN A CD  1 
ATOM   1000 O OE1 . GLN A 1 122 ? -7.973  -6.339  -14.298 1.00 33.22  ? 122 GLN A OE1 1 
ATOM   1001 N NE2 . GLN A 1 122 ? -8.828  -4.296  -14.452 1.00 23.57  ? 122 GLN A NE2 1 
ATOM   1002 N N   . ASP A 1 123 ? -5.584  -0.456  -15.521 1.00 13.99  ? 123 ASP A N   1 
ATOM   1003 C CA  . ASP A 1 123 ? -5.354  0.944   -15.847 1.00 14.36  ? 123 ASP A CA  1 
ATOM   1004 C C   . ASP A 1 123 ? -5.777  1.898   -14.751 1.00 19.01  ? 123 ASP A C   1 
ATOM   1005 O O   . ASP A 1 123 ? -5.900  3.115   -14.974 1.00 17.53  ? 123 ASP A O   1 
ATOM   1006 C CB  . ASP A 1 123 ? -6.117  1.267   -17.138 1.00 21.33  ? 123 ASP A CB  1 
ATOM   1007 C CG  . ASP A 1 123 ? -7.618  1.117   -16.918 1.00 32.72  ? 123 ASP A CG  1 
ATOM   1008 O OD1 . ASP A 1 123 ? -8.018  0.221   -16.143 1.00 25.56  ? 123 ASP A OD1 1 
ATOM   1009 O OD2 . ASP A 1 123 ? -8.383  1.912   -17.514 1.00 40.73  ? 123 ASP A OD2 1 
ATOM   1010 N N   . LYS A 1 124 ? -6.011  1.391   -13.539 1.00 15.21  ? 124 LYS A N   1 
ATOM   1011 C CA  . LYS A 1 124 ? -6.498  2.283   -12.492 1.00 11.66  ? 124 LYS A CA  1 
ATOM   1012 C C   . LYS A 1 124 ? -5.424  2.604   -11.475 1.00 16.43  ? 124 LYS A C   1 
ATOM   1013 O O   . LYS A 1 124 ? -4.588  1.757   -11.169 1.00 13.04  ? 124 LYS A O   1 
ATOM   1014 C CB  . LYS A 1 124 ? -7.678  1.637   -11.740 1.00 13.37  ? 124 LYS A CB  1 
ATOM   1015 C CG  . LYS A 1 124 ? -8.825  1.275   -12.689 1.00 16.19  ? 124 LYS A CG  1 
ATOM   1016 C CD  . LYS A 1 124 ? -9.118  2.526   -13.546 1.00 13.78  ? 124 LYS A CD  1 
ATOM   1017 C CE  . LYS A 1 124 ? -10.301 2.192   -14.449 1.00 22.35  ? 124 LYS A CE  1 
ATOM   1018 N NZ  . LYS A 1 124 ? -10.936 3.400   -15.024 1.00 29.54  ? 124 LYS A NZ  1 
ATOM   1019 N N   . VAL A 1 125 ? -5.472  3.831   -10.930 1.00 14.14  ? 125 VAL A N   1 
ATOM   1020 C CA  . VAL A 1 125 ? -4.502  4.206   -9.909  1.00 12.17  ? 125 VAL A CA  1 
ATOM   1021 C C   . VAL A 1 125 ? -5.161  4.963   -8.754  1.00 15.52  ? 125 VAL A C   1 
ATOM   1022 O O   . VAL A 1 125 ? -5.983  5.855   -8.996  1.00 14.21  ? 125 VAL A O   1 
ATOM   1023 C CB  . VAL A 1 125 ? -3.399  5.105   -10.510 1.00 24.86  ? 125 VAL A CB  1 
ATOM   1024 C CG1 . VAL A 1 125 ? -2.352  5.411   -9.449  1.00 22.92  ? 125 VAL A CG1 1 
ATOM   1025 C CG2 . VAL A 1 125 ? -2.746  4.488   -11.749 1.00 24.64  ? 125 VAL A CG2 1 
ATOM   1026 N N   . CYS A 1 126 ? -4.787  4.617   -7.518  1.00 12.84  ? 126 CYS A N   1 
ATOM   1027 C CA  . CYS A 1 126 ? -5.274  5.310   -6.329  1.00 13.38  ? 126 CYS A CA  1 
ATOM   1028 C C   . CYS A 1 126 ? -4.127  6.124   -5.732  1.00 14.45  ? 126 CYS A C   1 
ATOM   1029 O O   . CYS A 1 126 ? -3.019  5.601   -5.747  1.00 14.29  ? 126 CYS A O   1 
ATOM   1030 C CB  . CYS A 1 126 ? -5.818  4.302   -5.331  1.00 11.73  ? 126 CYS A CB  1 
ATOM   1031 S SG  . CYS A 1 126 ? -6.151  4.885   -3.657  1.00 19.03  ? 126 CYS A SG  1 
ATOM   1032 N N   . HIS A 1 127 ? -4.384  7.318   -5.235  1.00 13.49  ? 127 HIS A N   1 
ATOM   1033 C CA  . HIS A 1 127 ? -3.322  8.133   -4.611  1.00 15.46  ? 127 HIS A CA  1 
ATOM   1034 C C   . HIS A 1 127 ? -3.735  8.470   -3.179  1.00 17.25  ? 127 HIS A C   1 
ATOM   1035 O O   . HIS A 1 127 ? -4.763  9.128   -2.959  1.00 15.19  ? 127 HIS A O   1 
ATOM   1036 C CB  . HIS A 1 127 ? -3.072  9.381   -5.436  1.00 15.16  ? 127 HIS A CB  1 
ATOM   1037 C CG  . HIS A 1 127 ? -1.917  10.257  -5.112  1.00 31.17  ? 127 HIS A CG  1 
ATOM   1038 N ND1 . HIS A 1 127 ? -0.968  9.965   -4.160  1.00 38.46  ? 127 HIS A ND1 1 
ATOM   1039 C CD2 . HIS A 1 127 ? -1.544  11.452  -5.641  1.00 36.89  ? 127 HIS A CD2 1 
ATOM   1040 C CE1 . HIS A 1 127 ? -0.070  10.932  -4.107  1.00 27.02  ? 127 HIS A CE1 1 
ATOM   1041 N NE2 . HIS A 1 127 ? -0.399  11.852  -4.998  1.00 35.51  ? 127 HIS A NE2 1 
ATOM   1042 N N   . GLN A 1 128 ? -2.938  8.003   -2.233  1.00 13.36  ? 128 GLN A N   1 
ATOM   1043 C CA  . GLN A 1 128 ? -3.131  8.231   -0.805  1.00 9.52   ? 128 GLN A CA  1 
ATOM   1044 C C   . GLN A 1 128 ? -1.986  9.095   -0.260  1.00 15.63  ? 128 GLN A C   1 
ATOM   1045 O O   . GLN A 1 128 ? -0.841  8.970   -0.700  1.00 13.85  ? 128 GLN A O   1 
ATOM   1046 C CB  . GLN A 1 128 ? -3.204  6.908   -0.051  1.00 13.00  ? 128 GLN A CB  1 
ATOM   1047 C CG  . GLN A 1 128 ? -4.444  6.101   -0.468  1.00 14.96  ? 128 GLN A CG  1 
ATOM   1048 C CD  . GLN A 1 128 ? -4.464  4.726   0.184   1.00 27.33  ? 128 GLN A CD  1 
ATOM   1049 O OE1 . GLN A 1 128 ? -3.475  4.274   0.771   1.00 21.35  ? 128 GLN A OE1 1 
ATOM   1050 N NE2 . GLN A 1 128 ? -5.604  4.039   0.092   1.00 27.67  ? 128 GLN A NE2 1 
ATOM   1051 N N   . VAL A 1 129 ? -2.307  9.971   0.678   1.00 13.57  ? 129 VAL A N   1 
ATOM   1052 C CA  . VAL A 1 129 ? -1.333  10.829  1.341   1.00 10.56  ? 129 VAL A CA  1 
ATOM   1053 C C   . VAL A 1 129 ? -1.536  10.688  2.855   1.00 18.92  ? 129 VAL A C   1 
ATOM   1054 O O   . VAL A 1 129 ? -2.674  10.695  3.338   1.00 17.49  ? 129 VAL A O   1 
ATOM   1055 C CB  . VAL A 1 129 ? -1.473  12.296  0.937   1.00 10.99  ? 129 VAL A CB  1 
ATOM   1056 C CG1 . VAL A 1 129 ? -0.345  13.116  1.575   1.00 12.31  ? 129 VAL A CG1 1 
ATOM   1057 C CG2 . VAL A 1 129 ? -1.440  12.512  -0.575  1.00 10.11  ? 129 VAL A CG2 1 
ATOM   1058 N N   . PHE A 1 130 ? -0.436  10.568  3.587   1.00 13.30  ? 130 PHE A N   1 
ATOM   1059 C CA  . PHE A 1 130 ? -0.408  10.371  5.018   1.00 10.06  ? 130 PHE A CA  1 
ATOM   1060 C C   . PHE A 1 130 ? 0.532   11.394  5.662   1.00 11.13  ? 130 PHE A C   1 
ATOM   1061 O O   . PHE A 1 130 ? 1.565   11.744  5.077   1.00 12.41  ? 130 PHE A O   1 
ATOM   1062 C CB  . PHE A 1 130 ? 0.099   8.990   5.348   1.00 9.76   ? 130 PHE A CB  1 
ATOM   1063 C CG  . PHE A 1 130 ? -0.654  7.829   4.739   1.00 17.80  ? 130 PHE A CG  1 
ATOM   1064 C CD1 . PHE A 1 130 ? -0.398  7.475   3.428   1.00 18.11  ? 130 PHE A CD1 1 
ATOM   1065 C CD2 . PHE A 1 130 ? -1.562  7.119   5.508   1.00 14.50  ? 130 PHE A CD2 1 
ATOM   1066 C CE1 . PHE A 1 130 ? -1.043  6.399   2.853   1.00 15.18  ? 130 PHE A CE1 1 
ATOM   1067 C CE2 . PHE A 1 130 ? -2.231  6.057   4.920   1.00 19.08  ? 130 PHE A CE2 1 
ATOM   1068 C CZ  . PHE A 1 130 ? -1.965  5.707   3.614   1.00 20.03  ? 130 PHE A CZ  1 
ATOM   1069 N N   . LYS A 1 131 ? 0.143   11.850  6.850   1.00 16.27  ? 131 LYS A N   1 
ATOM   1070 C CA  . LYS A 1 131 ? 0.978   12.845  7.528   1.00 13.59  ? 131 LYS A CA  1 
ATOM   1071 C C   . LYS A 1 131 ? 1.690   12.191  8.712   1.00 17.28  ? 131 LYS A C   1 
ATOM   1072 O O   . LYS A 1 131 ? 1.057   11.511  9.516   1.00 18.20  ? 131 LYS A O   1 
ATOM   1073 C CB  . LYS A 1 131 ? 0.175   14.018  8.068   1.00 25.22  ? 131 LYS A CB  1 
ATOM   1074 C CG  . LYS A 1 131 ? 1.050   14.993  8.847   1.00 24.73  ? 131 LYS A CG  1 
ATOM   1075 C CD  . LYS A 1 131 ? 0.293   16.291  9.094   1.00 32.22  ? 131 LYS A CD  1 
ATOM   1076 C CE  . LYS A 1 131 ? 1.278   17.432  9.327   1.00 37.51  ? 131 LYS A CE  1 
ATOM   1077 N NZ  . LYS A 1 131 ? 1.167   17.940  10.722  1.00 41.76  ? 131 LYS A NZ  1 
ATOM   1078 N N   . LYS A 1 132 ? 2.988   12.414  8.784   1.00 19.81  ? 132 LYS A N   1 
ATOM   1079 C CA  . LYS A 1 132 ? 3.777   11.809  9.850   1.00 20.74  ? 132 LYS A CA  1 
ATOM   1080 C C   . LYS A 1 132 ? 3.272   12.255  11.209  1.00 21.95  ? 132 LYS A C   1 
ATOM   1081 O O   . LYS A 1 132 ? 3.022   13.426  11.481  1.00 25.69  ? 132 LYS A O   1 
ATOM   1082 C CB  . LYS A 1 132 ? 5.252   12.181  9.691   1.00 19.48  ? 132 LYS A CB  1 
ATOM   1083 C CG  . LYS A 1 132 ? 6.178   11.301  10.526  1.00 25.14  ? 132 LYS A CG  1 
ATOM   1084 C CD  . LYS A 1 132 ? 7.614   11.616  10.131  1.00 27.30  ? 132 LYS A CD  1 
ATOM   1085 C CE  . LYS A 1 132 ? 8.552   10.526  10.641  1.00 29.87  ? 132 LYS A CE  1 
ATOM   1086 N NZ  . LYS A 1 132 ? 8.279   10.237  12.080  1.00 31.59  ? 132 LYS A NZ  1 
ATOM   1087 N N   . LYS A 1 133 ? 3.124   11.304  12.114  1.00 20.88  ? 133 LYS A N   1 
ATOM   1088 C CA  . LYS A 1 133 ? 2.687   11.684  13.460  1.00 31.70  ? 133 LYS A CA  1 
ATOM   1089 C C   . LYS A 1 133 ? 3.883   11.900  14.380  1.00 33.44  ? 133 LYS A C   1 
ATOM   1090 O O   . LYS A 1 133 ? 4.638   10.960  14.620  1.00 38.74  ? 133 LYS A O   1 
ATOM   1091 C CB  . LYS A 1 133 ? 1.773   10.585  14.004  1.00 44.46  ? 133 LYS A CB  1 
ATOM   1092 C CG  . LYS A 1 133 ? 1.435   10.684  15.482  1.00 60.78  ? 133 LYS A CG  1 
ATOM   1093 C CD  . LYS A 1 133 ? 2.203   9.665   16.307  1.00 76.77  ? 133 LYS A CD  1 
ATOM   1094 C CE  . LYS A 1 133 ? 1.277   8.864   17.217  1.00 84.76  ? 133 LYS A CE  1 
ATOM   1095 N NZ  . LYS A 1 133 ? 2.021   8.128   18.274  1.00 89.31  ? 133 LYS A NZ  1 
ATOM   1096 N N   . ASN A 1 134 ? 4.077   13.099  14.914  1.00 40.44  ? 134 ASN A N   1 
ATOM   1097 C CA  . ASN A 1 134 ? 5.109   13.319  15.936  1.00 59.64  ? 134 ASN A CA  1 
ATOM   1098 C C   . ASN A 1 134 ? 5.125   14.794  16.352  1.00 68.62  ? 134 ASN A C   1 
ATOM   1099 O O   . ASN A 1 134 ? 4.236   15.232  17.089  1.00 83.08  ? 134 ASN A O   1 
ATOM   1100 C CB  . ASN A 1 134 ? 6.491   12.859  15.500  1.00 67.65  ? 134 ASN A CB  1 
ATOM   1101 C CG  . ASN A 1 134 ? 7.347   13.807  14.691  1.00 69.24  ? 134 ASN A CG  1 
ATOM   1102 O OD1 . ASN A 1 134 ? 7.572   13.594  13.493  1.00 54.92  ? 134 ASN A OD1 1 
ATOM   1103 N ND2 . ASN A 1 134 ? 7.857   14.868  15.313  1.00 68.94  ? 134 ASN A ND2 1 
HETATM 1104 O O   . HOH B 2 .   ? -1.412  -9.644  -9.765  1.00 13.68  ? 135 HOH A O   1 
HETATM 1105 O O   . HOH B 2 .   ? 8.835   -11.027 3.031   1.00 17.44  ? 136 HOH A O   1 
HETATM 1106 O O   . HOH B 2 .   ? 1.395   -7.213  -11.798 1.00 20.61  ? 137 HOH A O   1 
HETATM 1107 O O   . HOH B 2 .   ? 10.947  -10.155 1.357   1.00 14.65  ? 138 HOH A O   1 
HETATM 1108 O O   . HOH B 2 .   ? -3.581  -10.472 -8.434  1.00 14.03  ? 139 HOH A O   1 
HETATM 1109 O O   . HOH B 2 .   ? 0.479   -9.631  -12.439 1.00 18.05  ? 140 HOH A O   1 
HETATM 1110 O O   . HOH B 2 .   ? 12.292  -3.506  10.182  1.00 25.62  ? 141 HOH A O   1 
HETATM 1111 O O   . HOH B 2 .   ? 10.557  -7.610  -1.701  1.00 16.16  ? 142 HOH A O   1 
HETATM 1112 O O   . HOH B 2 .   ? -2.795  1.515   -13.333 1.00 24.06  ? 143 HOH A O   1 
HETATM 1113 O O   . HOH B 2 .   ? 11.078  9.019   -0.573  1.00 17.05  ? 144 HOH A O   1 
HETATM 1114 O O   . HOH B 2 .   ? -11.200 7.423   -2.661  1.00 21.26  ? 145 HOH A O   1 
HETATM 1115 O O   . HOH B 2 .   ? 13.172  7.385   -11.748 1.00 19.17  ? 146 HOH A O   1 
HETATM 1116 O O   . HOH B 2 .   ? 15.771  5.416   -10.916 1.00 34.70  ? 147 HOH A O   1 
HETATM 1117 O O   . HOH B 2 .   ? 4.725   -11.539 8.368   1.00 30.34  ? 148 HOH A O   1 
HETATM 1118 O O   . HOH B 2 .   ? -3.199  -5.214  -19.046 1.00 17.74  ? 149 HOH A O   1 
HETATM 1119 O O   . HOH B 2 .   ? -16.952 -8.446  -7.823  1.00 39.18  ? 150 HOH A O   1 
HETATM 1120 O O   . HOH B 2 .   ? -4.742  11.733  -2.217  1.00 20.14  ? 151 HOH A O   1 
HETATM 1121 O O   . HOH B 2 .   ? 4.748   -0.919  -9.549  1.00 30.91  ? 152 HOH A O   1 
HETATM 1122 O O   . HOH B 2 .   ? 3.386   17.395  -4.013  1.00 22.43  ? 153 HOH A O   1 
HETATM 1123 O O   . HOH B 2 .   ? -5.205  -16.190 -5.285  1.00 20.74  ? 154 HOH A O   1 
HETATM 1124 O O   . HOH B 2 .   ? 3.851   -10.108 4.546   1.00 35.53  ? 155 HOH A O   1 
HETATM 1125 O O   . HOH B 2 .   ? 7.245   2.868   13.751  1.00 23.90  ? 156 HOH A O   1 
HETATM 1126 O O   . HOH B 2 .   ? 16.779  -4.892  -5.065  1.00 29.27  ? 157 HOH A O   1 
HETATM 1127 O O   . HOH B 2 .   ? -6.125  10.186  -7.575  1.00 25.45  ? 158 HOH A O   1 
HETATM 1128 O O   . HOH B 2 .   ? 9.164   12.878  7.145   1.00 32.53  ? 159 HOH A O   1 
HETATM 1129 O O   . HOH B 2 .   ? 2.363   -5.391  -0.802  1.00 30.31  ? 160 HOH A O   1 
HETATM 1130 O O   . HOH B 2 .   ? 16.162  -11.537 4.264   1.00 39.87  ? 161 HOH A O   1 
HETATM 1131 O O   . HOH B 2 .   ? 16.355  -2.088  -5.153  1.00 17.32  ? 162 HOH A O   1 
HETATM 1132 O O   . HOH B 2 .   ? 12.981  -7.723  12.826  1.00 57.17  ? 163 HOH A O   1 
HETATM 1133 O O   . HOH B 2 .   ? -5.199  -4.206  -17.780 1.00 28.71  ? 164 HOH A O   1 
HETATM 1134 O O   . HOH B 2 .   ? 11.690  13.891  4.261   1.00 32.90  ? 165 HOH A O   1 
HETATM 1135 O O   . HOH B 2 .   ? -1.351  -3.188  -4.853  1.00 28.69  ? 166 HOH A O   1 
HETATM 1136 O O   . HOH B 2 .   ? -12.491 7.143   10.173  1.00 42.77  ? 167 HOH A O   1 
HETATM 1137 O O   . HOH B 2 .   ? -15.732 -5.266  -10.265 1.00 37.13  ? 168 HOH A O   1 
HETATM 1138 O O   . HOH B 2 .   ? -20.113 -0.235  -10.353 1.00 49.13  ? 169 HOH A O   1 
HETATM 1139 O O   . HOH B 2 .   ? -8.129  -14.847 -8.278  1.00 28.13  ? 170 HOH A O   1 
HETATM 1140 O O   . HOH B 2 .   ? -9.778  -1.583  -15.059 1.00 31.46  ? 171 HOH A O   1 
HETATM 1141 O O   . HOH B 2 .   ? 0.651   -2.363  5.505   1.00 31.54  ? 172 HOH A O   1 
HETATM 1142 O O   . HOH B 2 .   ? 3.851   -11.771 11.032  1.00 39.10  ? 173 HOH A O   1 
HETATM 1143 O O   . HOH B 2 .   ? 10.166  3.038   13.551  1.00 35.42  ? 174 HOH A O   1 
HETATM 1144 O O   . HOH B 2 .   ? -10.382 6.615   2.814   1.00 39.63  ? 175 HOH A O   1 
HETATM 1145 O O   . HOH B 2 .   ? 3.455   -12.368 3.393   1.00 28.36  ? 176 HOH A O   1 
HETATM 1146 O O   . HOH B 2 .   ? -13.940 2.944   -11.578 1.00 41.80  ? 177 HOH A O   1 
HETATM 1147 O O   . HOH B 2 .   ? 5.322   -2.066  11.569  1.00 31.88  ? 178 HOH A O   1 
HETATM 1148 O O   . HOH B 2 .   ? -6.863  -0.843  14.374  1.00 34.38  ? 179 HOH A O   1 
HETATM 1149 O O   . HOH B 2 .   ? -15.860 -8.577  -2.625  1.00 29.66  ? 180 HOH A O   1 
HETATM 1150 O O   . HOH B 2 .   ? -12.489 -11.570 -0.773  1.00 54.97  ? 181 HOH A O   1 
HETATM 1151 O O   . HOH B 2 .   ? 13.425  -12.841 -4.836  1.00 31.92  ? 182 HOH A O   1 
HETATM 1152 O O   . HOH B 2 .   ? -12.354 -8.154  0.701   1.00 40.03  ? 183 HOH A O   1 
HETATM 1153 O O   . HOH B 2 .   ? 5.793   8.892   13.583  1.00 27.37  ? 184 HOH A O   1 
HETATM 1154 O O   . HOH B 2 .   ? 6.019   4.825   14.933  1.00 28.37  ? 185 HOH A O   1 
HETATM 1155 O O   . HOH B 2 .   ? -5.187  12.583  -7.935  1.00 26.97  ? 186 HOH A O   1 
HETATM 1156 O O   . HOH B 2 .   ? -7.988  5.418   -11.369 1.00 32.56  ? 187 HOH A O   1 
HETATM 1157 O O   . HOH B 2 .   ? -17.539 2.170   -5.981  1.00 28.42  ? 188 HOH A O   1 
HETATM 1158 O O   . HOH B 2 .   ? -3.363  2.143   2.061   1.00 21.64  ? 189 HOH A O   1 
HETATM 1159 O O   . HOH B 2 .   ? 19.499  -6.709  1.855   1.00 50.49  ? 190 HOH A O   1 
HETATM 1160 O O   . HOH B 2 .   ? 4.588   -5.391  10.364  1.00 35.39  ? 191 HOH A O   1 
HETATM 1161 O O   . HOH B 2 .   ? 6.700   -9.920  -8.132  1.00 27.72  ? 192 HOH A O   1 
HETATM 1162 O O   . HOH B 2 .   ? -6.014  -17.151 -2.596  1.00 61.85  ? 193 HOH A O   1 
HETATM 1163 O O   . HOH B 2 .   ? 12.848  10.645  0.514   1.00 45.47  ? 194 HOH A O   1 
HETATM 1164 O O   . HOH B 2 .   ? 1.456   -15.034 -8.747  1.00 38.98  ? 195 HOH A O   1 
HETATM 1165 O O   . HOH B 2 .   ? -6.173  -8.036  -14.971 1.00 22.47  ? 196 HOH A O   1 
HETATM 1166 O O   . HOH B 2 .   ? 3.594   16.376  -0.613  1.00 21.57  ? 197 HOH A O   1 
HETATM 1167 O O   . HOH B 2 .   ? 3.629   19.005  5.434   1.00 34.03  ? 198 HOH A O   1 
HETATM 1168 O O   . HOH B 2 .   ? 4.930   15.668  11.037  1.00 29.42  ? 199 HOH A O   1 
HETATM 1169 O O   . HOH B 2 .   ? -3.561  -13.337 -7.896  1.00 16.13  ? 200 HOH A O   1 
HETATM 1170 O O   . HOH B 2 .   ? -5.322  -15.190 -7.890  1.00 21.19  ? 201 HOH A O   1 
HETATM 1171 O O   . HOH B 2 .   ? -10.692 3.567   10.136  1.00 46.40  ? 202 HOH A O   1 
HETATM 1172 O O   . HOH B 2 .   ? -12.568 -1.598  -13.653 1.00 24.98  ? 203 HOH A O   1 
HETATM 1173 O O   . HOH B 2 .   ? 18.138  -5.920  0.178   1.00 26.43  ? 204 HOH A O   1 
HETATM 1174 O O   . HOH B 2 .   ? 3.417   -3.718  -14.587 1.00 36.18  ? 205 HOH A O   1 
HETATM 1175 O O   . HOH B 2 .   ? -5.494  8.552   -9.228  1.00 34.08  ? 206 HOH A O   1 
HETATM 1176 O O   . HOH B 2 .   ? -10.527 -12.590 -4.574  1.00 51.11  ? 207 HOH A O   1 
HETATM 1177 O O   . HOH B 2 .   ? -2.128  -15.961 -11.388 1.00 49.43  ? 208 HOH A O   1 
HETATM 1178 O O   . HOH B 2 .   ? -3.894  15.153  0.759   1.00 33.69  ? 209 HOH A O   1 
HETATM 1179 O O   . HOH B 2 .   ? -4.707  9.284   -11.490 1.00 53.99  ? 210 HOH A O   1 
HETATM 1180 O O   . HOH B 2 .   ? -2.517  9.226   -10.058 1.00 47.65  ? 211 HOH A O   1 
HETATM 1181 O O   . HOH B 2 .   ? -12.299 0.293   -11.839 1.00 19.47  ? 212 HOH A O   1 
HETATM 1182 O O   . HOH B 2 .   ? -13.415 7.224   -11.203 1.00 24.06  ? 213 HOH A O   1 
HETATM 1183 O O   . HOH B 2 .   ? -19.161 5.719   -2.911  1.00 53.71  ? 214 HOH A O   1 
HETATM 1184 O O   . HOH B 2 .   ? 9.854   -4.834  -7.997  1.00 28.45  ? 215 HOH A O   1 
HETATM 1185 O O   . HOH B 2 .   ? 13.594  8.978   -5.272  1.00 40.65  ? 216 HOH A O   1 
HETATM 1186 O O   . HOH B 2 .   ? -5.114  13.687  -5.456  1.00 28.15  ? 217 HOH A O   1 
HETATM 1187 O O   . HOH B 2 .   ? 6.358   0.933   15.382  1.00 30.08  ? 218 HOH A O   1 
HETATM 1188 O O   . HOH B 2 .   ? 0.642   -12.461 3.151   1.00 37.93  ? 219 HOH A O   1 
HETATM 1189 O O   . HOH B 2 .   ? -6.461  -6.361  -17.521 1.00 28.32  ? 220 HOH A O   1 
HETATM 1190 O O   . HOH B 2 .   ? -0.145  -4.090  0.164   1.00 45.29  ? 221 HOH A O   1 
HETATM 1191 O O   . HOH B 2 .   ? 18.954  -1.357  -4.431  1.00 39.05  ? 222 HOH A O   1 
HETATM 1192 O O   . HOH B 2 .   ? -16.323 9.211   -5.306  1.00 51.43  ? 223 HOH A O   1 
HETATM 1193 O O   . HOH B 2 .   ? -9.888  3.504   3.732   1.00 46.34  ? 224 HOH A O   1 
HETATM 1194 O O   . HOH B 2 .   ? 3.032   -3.525  -11.600 1.00 32.40  ? 225 HOH A O   1 
HETATM 1195 O O   . HOH B 2 .   ? -0.641  3.320   -13.181 1.00 35.94  ? 226 HOH A O   1 
HETATM 1196 O O   . HOH B 2 .   ? -12.194 -9.572  -5.350  1.00 36.66  ? 227 HOH A O   1 
HETATM 1197 O O   . HOH B 2 .   ? -4.147  -15.974 -12.732 1.00 50.57  ? 228 HOH A O   1 
HETATM 1198 O O   . HOH B 2 .   ? -0.483  12.918  11.629  1.00 29.20  ? 229 HOH A O   1 
HETATM 1199 O O   . HOH B 2 .   ? -3.126  -4.739  -3.876  1.00 46.21  ? 230 HOH A O   1 
HETATM 1200 O O   . HOH B 2 .   ? 1.755   11.216  -8.371  1.00 42.38  ? 231 HOH A O   1 
HETATM 1201 O O   . HOH B 2 .   ? -6.427  -17.008 -11.740 1.00 37.85  ? 232 HOH A O   1 
HETATM 1202 O O   . HOH B 2 .   ? -10.353 10.206  12.426  1.00 42.43  ? 233 HOH A O   1 
HETATM 1203 O O   . HOH B 2 .   ? -6.070  -9.419  7.046   1.00 55.45  ? 234 HOH A O   1 
HETATM 1204 O O   . HOH B 2 .   ? -8.622  15.398  3.904   1.00 66.14  ? 235 HOH A O   1 
HETATM 1205 O O   . HOH B 2 .   ? 18.384  -4.677  8.192   1.00 33.96  ? 236 HOH A O   1 
HETATM 1206 O O   . HOH B 2 .   ? 10.184  -2.835  -9.065  1.00 31.85  ? 237 HOH A O   1 
HETATM 1207 O O   . HOH B 2 .   ? -6.543  -13.597 8.393   1.00 47.31  ? 238 HOH A O   1 
HETATM 1208 O O   . HOH B 2 .   ? -19.951 6.019   -0.579  1.00 41.57  ? 239 HOH A O   1 
HETATM 1209 O O   . HOH B 2 .   ? -2.520  -5.552  -1.811  1.00 47.34  ? 240 HOH A O   1 
HETATM 1210 O O   . HOH B 2 .   ? 3.543   7.355   -9.171  1.00 47.23  ? 241 HOH A O   1 
HETATM 1211 O O   . HOH B 2 .   ? -1.702  -12.804 4.773   1.00 50.55  ? 242 HOH A O   1 
HETATM 1212 O O   . HOH B 2 .   ? 4.193   13.985  -6.306  1.00 42.20  ? 243 HOH A O   1 
HETATM 1213 O O   . HOH B 2 .   ? 10.715  8.526   9.051   1.00 44.13  ? 244 HOH A O   1 
HETATM 1214 O O   . HOH B 2 .   ? -17.189 -10.560 -3.795  1.00 62.73  ? 245 HOH A O   1 
HETATM 1215 O O   . HOH B 2 .   ? -7.410  16.818  0.976   1.00 41.36  ? 246 HOH A O   1 
HETATM 1216 O O   . HOH B 2 .   ? 13.913  6.931   11.439  1.00 50.54  ? 247 HOH A O   1 
HETATM 1217 O O   . HOH B 2 .   ? -6.630  -16.671 3.278   1.00 40.13  ? 248 HOH A O   1 
HETATM 1218 O O   . HOH B 2 .   ? 21.321  -3.445  0.950   1.00 37.16  ? 249 HOH A O   1 
HETATM 1219 O O   . HOH B 2 .   ? -8.188  -8.538  8.294   1.00 62.55  ? 250 HOH A O   1 
HETATM 1220 O O   . HOH B 2 .   ? -14.189 8.093   -14.166 1.00 58.01  ? 251 HOH A O   1 
HETATM 1221 O O   . HOH B 2 .   ? -5.426  -11.366 -17.726 1.00 46.32  ? 252 HOH A O   1 
HETATM 1222 O O   . HOH B 2 .   ? 2.150   13.222  -5.598  1.00 53.75  ? 253 HOH A O   1 
HETATM 1223 O O   . HOH B 2 .   ? 5.443   -1.071  14.747  1.00 46.63  ? 254 HOH A O   1 
HETATM 1224 O O   . HOH B 2 .   ? -1.458  -9.261  7.269   1.00 33.74  ? 255 HOH A O   1 
HETATM 1225 O O   . HOH B 2 .   ? -14.624 5.295   -8.776  1.00 50.27  ? 256 HOH A O   1 
HETATM 1226 O O   . HOH B 2 .   ? -2.578  -10.209 4.747   1.00 69.73  ? 257 HOH A O   1 
HETATM 1227 O O   . HOH B 2 .   ? 11.383  10.469  -2.571  1.00 47.12  ? 258 HOH A O   1 
HETATM 1228 O O   . HOH B 2 .   ? -2.150  -13.449 -14.789 1.00 56.73  ? 259 HOH A O   1 
HETATM 1229 O O   . HOH B 2 .   ? -2.368  4.535   -14.522 1.00 72.74  ? 260 HOH A O   1 
# 
